data_4FP9
#
_entry.id   4FP9
#
_cell.length_a   78.760
_cell.length_b   82.270
_cell.length_c   507.570
_cell.angle_alpha   90.000
_cell.angle_beta   90.000
_cell.angle_gamma   90.000
#
_symmetry.space_group_name_H-M   'P 21 21 21'
#
loop_
_entity.id
_entity.type
_entity.pdbx_description
1 polymer 'methyltransferase NSUN4'
2 polymer 'mTERF domain-containing protein 2'
3 non-polymer S-ADENOSYLMETHIONINE
4 non-polymer 'SULFATE ION'
#
loop_
_entity_poly.entity_id
_entity_poly.type
_entity_poly.pdbx_seq_one_letter_code
_entity_poly.pdbx_strand_id
1 'polypeptide(L)'
;MRYKKKWAATEPKFPAVRLALQNFDMTYSVQFGDLWPSIRVSLLSEQKYGALVNNFAAWDHVSAKLEQLSAKDFVNEAIS
HWELQSEGGQSAAPSPASWACSPNLRCFTFDRGDISRFPPARPGSLGVMEYYLMDAASLLPVLALGLQPGDIVLDLCAAP
GGKTLALLQTGCCRNLAANDLSPSRIARLQKILHSYVPEEIRDGNQVRVTSWDGRKWGELEGDTYDRVLVDVPCTTDRHS
LHEEENNIFKRSRKKERQILPVLQVQLLAAGLLATKPGGHVVYSTCSLSHLQNEYVVQGAIELLANQYSIQVQVEDLTHF
RRVFMDTFCFFSSCQVGELVIPNLMANFGPMYFCKMRRLT
;
A,C,D,F
2 'polypeptide(L)'
;SNGGVIEELSCVRSNNYVQEPECRRNLVQCLLEKQGTPVVQGSLELERVMSSLLDMGFSNAHINELLSVRRGASLQQLLD
IISEFILLGLNPEPVCVVLKKSPQLLKLPIMQMRKRSSYLQKLGLGEGKLKRVLYCCPEIFTMRQQDINDTVRLLKEKCL
FTVQQVTKILHSCPSVLREDLGQLEYKFQYAYFRMGIKHPDIVKSEYLQYSLTKIKQRHIYLERLGRYQTPDKKGQTQIP
NPLLKDILRVSEAEFLARTACTSVEEFQVFKKLLAREEEESESSTSDDKRASLDEDEDDDDEEDNDEDDNDEDDDDEDDD
EAEDNDEDEDDDEEE
;
B,E,G,H
#
loop_
_chem_comp.id
_chem_comp.type
_chem_comp.name
_chem_comp.formula
SAM non-polymer S-ADENOSYLMETHIONINE 'C15 H22 N6 O5 S'
SO4 non-polymer 'SULFATE ION' 'O4 S -2'
#
# COMPACT_ATOMS: atom_id res chain seq x y z
N PRO A 15 -20.85 -43.66 -9.03
CA PRO A 15 -20.65 -43.98 -10.45
C PRO A 15 -19.51 -43.13 -11.02
N ALA A 16 -19.63 -41.80 -11.02
CA ALA A 16 -18.54 -40.91 -11.49
C ALA A 16 -17.31 -41.10 -10.59
N VAL A 17 -17.56 -41.35 -9.30
CA VAL A 17 -16.54 -41.63 -8.30
C VAL A 17 -15.86 -42.97 -8.65
N ARG A 18 -16.65 -43.95 -9.11
CA ARG A 18 -16.12 -45.24 -9.52
C ARG A 18 -15.43 -45.13 -10.88
N LEU A 19 -15.93 -44.29 -11.80
CA LEU A 19 -15.29 -44.08 -13.10
C LEU A 19 -13.94 -43.39 -12.92
N ALA A 20 -13.85 -42.44 -11.98
CA ALA A 20 -12.59 -41.76 -11.65
C ALA A 20 -11.56 -42.78 -11.16
N LEU A 21 -11.96 -43.64 -10.19
CA LEU A 21 -11.08 -44.67 -9.63
C LEU A 21 -10.72 -45.70 -10.69
N GLN A 22 -11.65 -46.04 -11.56
CA GLN A 22 -11.45 -46.98 -12.65
C GLN A 22 -10.38 -46.43 -13.60
N ASN A 23 -10.52 -45.15 -13.94
CA ASN A 23 -9.59 -44.45 -14.82
C ASN A 23 -8.18 -44.32 -14.17
N PHE A 24 -8.14 -44.06 -12.85
CA PHE A 24 -6.88 -43.97 -12.11
C PHE A 24 -6.22 -45.32 -11.96
N ASP A 25 -6.98 -46.40 -11.81
CA ASP A 25 -6.39 -47.74 -11.76
C ASP A 25 -5.67 -48.06 -13.07
N MET A 26 -6.29 -47.71 -14.21
CA MET A 26 -5.70 -47.97 -15.53
C MET A 26 -4.43 -47.16 -15.74
N THR A 27 -4.50 -45.86 -15.47
CA THR A 27 -3.39 -44.93 -15.72
C THR A 27 -2.30 -44.98 -14.67
N TYR A 28 -2.65 -44.77 -13.41
CA TYR A 28 -1.67 -44.63 -12.33
C TYR A 28 -1.04 -45.95 -11.94
N SER A 29 -1.63 -47.12 -12.28
CA SER A 29 -0.93 -48.38 -12.01
C SER A 29 0.27 -48.52 -12.95
N VAL A 30 0.16 -47.96 -14.15
CA VAL A 30 1.21 -47.97 -15.16
C VAL A 30 2.28 -46.95 -14.81
N GLN A 31 1.87 -45.74 -14.39
CA GLN A 31 2.82 -44.67 -14.09
C GLN A 31 3.67 -44.97 -12.87
N PHE A 32 3.03 -45.31 -11.76
CA PHE A 32 3.73 -45.50 -10.48
C PHE A 32 4.13 -46.95 -10.24
N GLY A 33 3.48 -47.90 -10.91
CA GLY A 33 3.84 -49.31 -10.79
C GLY A 33 3.50 -49.90 -9.43
N ASP A 34 4.53 -50.38 -8.71
CA ASP A 34 4.36 -50.96 -7.38
C ASP A 34 4.16 -49.88 -6.32
N LEU A 35 4.26 -48.58 -6.67
CA LEU A 35 4.01 -47.47 -5.76
C LEU A 35 2.53 -47.08 -5.76
N TRP A 36 1.77 -47.45 -6.80
CA TRP A 36 0.36 -47.10 -6.94
C TRP A 36 -0.52 -47.54 -5.75
N PRO A 37 -0.38 -48.75 -5.17
CA PRO A 37 -1.25 -49.14 -4.05
C PRO A 37 -1.16 -48.18 -2.87
N SER A 38 0.06 -47.83 -2.44
CA SER A 38 0.29 -46.91 -1.33
C SER A 38 -0.36 -45.54 -1.57
N ILE A 39 -0.43 -45.11 -2.84
CA ILE A 39 -1.09 -43.88 -3.25
C ILE A 39 -2.61 -44.08 -3.25
N ARG A 40 -3.08 -45.21 -3.84
CA ARG A 40 -4.49 -45.55 -3.95
C ARG A 40 -5.16 -45.56 -2.58
N VAL A 41 -4.54 -46.23 -1.60
CA VAL A 41 -5.11 -46.30 -0.23
C VAL A 41 -5.18 -44.91 0.39
N SER A 42 -4.18 -44.06 0.10
CA SER A 42 -4.11 -42.72 0.64
C SER A 42 -5.18 -41.83 0.03
N LEU A 43 -5.43 -41.95 -1.28
CA LEU A 43 -6.50 -41.18 -1.93
C LEU A 43 -7.88 -41.57 -1.42
N LEU A 44 -8.06 -42.83 -1.01
CA LEU A 44 -9.33 -43.37 -0.49
C LEU A 44 -9.44 -43.31 1.06
N SER A 45 -8.57 -42.52 1.73
CA SER A 45 -8.56 -42.35 3.18
C SER A 45 -8.54 -40.86 3.51
N GLU A 46 -8.67 -40.51 4.81
CA GLU A 46 -8.71 -39.10 5.21
C GLU A 46 -7.37 -38.40 4.97
N GLN A 47 -7.47 -37.22 4.38
CA GLN A 47 -6.30 -36.41 4.05
C GLN A 47 -5.81 -35.61 5.21
N LYS A 48 -4.53 -35.28 5.16
CA LYS A 48 -3.83 -34.52 6.17
C LYS A 48 -3.87 -33.05 5.80
N TYR A 49 -4.08 -32.21 6.80
CA TYR A 49 -4.18 -30.77 6.63
C TYR A 49 -3.07 -30.07 7.38
N GLY A 50 -2.76 -28.88 6.92
CA GLY A 50 -1.81 -27.96 7.52
C GLY A 50 -2.55 -26.70 7.89
N ALA A 51 -2.15 -26.03 8.99
CA ALA A 51 -2.80 -24.79 9.41
C ALA A 51 -1.96 -23.60 8.99
N LEU A 52 -2.30 -22.97 7.87
CA LEU A 52 -1.59 -21.79 7.38
C LEU A 52 -1.93 -20.62 8.31
N VAL A 53 -0.95 -20.12 9.05
CA VAL A 53 -1.17 -19.04 10.01
C VAL A 53 -1.45 -17.74 9.27
N ASN A 54 -2.44 -16.99 9.78
CA ASN A 54 -2.79 -15.68 9.23
C ASN A 54 -1.91 -14.64 9.88
N ASN A 55 -1.07 -14.00 9.10
CA ASN A 55 -0.13 -12.98 9.57
C ASN A 55 -0.83 -11.66 9.92
N PHE A 56 -2.06 -11.45 9.44
CA PHE A 56 -2.86 -10.27 9.80
C PHE A 56 -3.48 -10.44 11.19
N ALA A 57 -3.59 -11.70 11.67
CA ALA A 57 -4.24 -12.07 12.93
C ALA A 57 -3.25 -12.33 14.09
N ALA A 58 -2.12 -11.58 14.17
CA ALA A 58 -1.10 -11.76 15.24
C ALA A 58 -0.58 -13.22 15.29
N TRP A 59 0.16 -13.60 14.24
CA TRP A 59 0.74 -14.93 14.03
C TRP A 59 1.55 -15.52 15.21
N ASP A 60 2.22 -14.69 16.04
CA ASP A 60 3.03 -15.20 17.16
C ASP A 60 2.18 -15.99 18.17
N HIS A 61 0.98 -15.48 18.53
CA HIS A 61 0.07 -16.14 19.48
C HIS A 61 -0.55 -17.38 18.86
N VAL A 62 -0.91 -17.30 17.57
CA VAL A 62 -1.49 -18.43 16.84
C VAL A 62 -0.42 -19.53 16.74
N SER A 63 0.82 -19.17 16.37
CA SER A 63 1.93 -20.13 16.29
C SER A 63 2.10 -20.83 17.65
N ALA A 64 2.18 -20.05 18.74
CA ALA A 64 2.29 -20.60 20.09
C ALA A 64 1.13 -21.54 20.43
N LYS A 65 -0.11 -21.16 20.05
CA LYS A 65 -1.30 -21.97 20.33
C LYS A 65 -1.29 -23.27 19.55
N LEU A 66 -0.84 -23.22 18.30
CA LEU A 66 -0.75 -24.43 17.47
C LEU A 66 0.37 -25.35 17.96
N GLU A 67 1.45 -24.81 18.56
CA GLU A 67 2.54 -25.66 19.11
C GLU A 67 2.05 -26.50 20.30
N GLN A 68 1.02 -26.01 21.05
CA GLN A 68 0.46 -26.74 22.21
C GLN A 68 -0.17 -28.06 21.80
N LEU A 69 -0.65 -28.15 20.55
CA LEU A 69 -1.23 -29.36 20.00
C LEU A 69 -0.18 -30.41 19.57
N SER A 70 1.13 -30.07 19.60
CA SER A 70 2.26 -30.89 19.17
C SER A 70 2.48 -30.73 17.65
N ALA A 71 1.89 -29.68 17.05
CA ALA A 71 2.08 -29.39 15.63
C ALA A 71 3.33 -28.55 15.48
N LYS A 72 3.93 -28.57 14.30
CA LYS A 72 5.17 -27.85 14.03
C LYS A 72 5.12 -27.19 12.65
N ASP A 73 5.69 -25.98 12.52
CA ASP A 73 5.75 -25.27 11.25
C ASP A 73 6.75 -25.97 10.31
N PHE A 74 6.22 -26.70 9.29
CA PHE A 74 7.06 -27.40 8.31
C PHE A 74 7.84 -26.43 7.42
N VAL A 75 7.30 -25.24 7.17
CA VAL A 75 7.99 -24.28 6.32
C VAL A 75 9.27 -23.80 7.05
N ASN A 76 9.20 -23.52 8.37
CA ASN A 76 10.36 -23.10 9.13
C ASN A 76 11.37 -24.21 9.20
N GLU A 77 10.92 -25.45 9.45
CA GLU A 77 11.80 -26.61 9.51
C GLU A 77 12.58 -26.71 8.21
N ALA A 78 11.89 -26.54 7.08
CA ALA A 78 12.49 -26.58 5.75
C ALA A 78 13.55 -25.48 5.58
N ILE A 79 13.18 -24.23 5.84
CA ILE A 79 14.09 -23.09 5.69
C ILE A 79 15.38 -23.24 6.53
N SER A 80 15.28 -23.81 7.75
CA SER A 80 16.44 -24.04 8.62
C SER A 80 17.54 -24.86 7.92
N HIS A 81 17.13 -25.84 7.10
CA HIS A 81 18.04 -26.72 6.37
C HIS A 81 18.27 -26.22 4.93
N TRP A 82 17.98 -24.94 4.63
CA TRP A 82 18.21 -24.41 3.27
C TRP A 82 19.71 -24.31 2.99
N GLU A 83 20.50 -23.94 4.01
CA GLU A 83 21.96 -23.82 3.93
C GLU A 83 22.61 -25.19 3.66
N LEU A 84 22.17 -26.24 4.39
CA LEU A 84 22.68 -27.61 4.23
C LEU A 84 22.38 -28.17 2.84
N GLN A 85 23.44 -28.64 2.15
CA GLN A 85 23.38 -29.22 0.81
C GLN A 85 22.69 -28.29 -0.20
N PRO A 94 23.93 -21.23 -2.01
CA PRO A 94 23.80 -20.39 -3.21
C PRO A 94 23.23 -19.00 -2.88
N SER A 95 22.03 -18.98 -2.30
CA SER A 95 21.33 -17.74 -1.91
C SER A 95 20.46 -17.98 -0.67
N PRO A 96 20.17 -16.94 0.14
CA PRO A 96 19.30 -17.15 1.31
C PRO A 96 17.95 -17.74 0.94
N ALA A 97 17.30 -18.41 1.88
CA ALA A 97 16.01 -19.04 1.63
C ALA A 97 15.01 -18.03 1.11
N SER A 98 15.05 -16.79 1.66
CA SER A 98 14.17 -15.69 1.23
C SER A 98 14.35 -15.30 -0.24
N TRP A 99 15.55 -15.51 -0.80
CA TRP A 99 15.81 -15.17 -2.21
C TRP A 99 15.23 -16.20 -3.17
N ALA A 100 15.14 -17.46 -2.71
CA ALA A 100 14.66 -18.60 -3.49
C ALA A 100 13.22 -18.98 -3.23
N CYS A 101 12.79 -18.85 -1.99
CA CYS A 101 11.55 -19.37 -1.49
C CYS A 101 10.71 -18.27 -0.84
N SER A 102 9.41 -18.15 -1.24
CA SER A 102 8.49 -17.09 -0.76
C SER A 102 8.46 -17.06 0.78
N PRO A 103 8.65 -15.88 1.39
CA PRO A 103 8.80 -15.82 2.85
C PRO A 103 7.53 -15.63 3.66
N ASN A 104 7.71 -15.61 5.00
CA ASN A 104 6.68 -15.32 6.00
C ASN A 104 5.47 -16.26 5.95
N LEU A 105 5.65 -17.47 5.41
CA LEU A 105 4.57 -18.46 5.36
C LEU A 105 4.81 -19.43 6.49
N ARG A 106 3.89 -19.46 7.45
CA ARG A 106 3.97 -20.35 8.61
C ARG A 106 2.83 -21.31 8.50
N CYS A 107 3.14 -22.59 8.30
CA CYS A 107 2.11 -23.61 8.17
C CYS A 107 2.42 -24.79 9.05
N PHE A 108 1.54 -25.02 10.04
CA PHE A 108 1.69 -26.08 11.03
C PHE A 108 1.05 -27.38 10.59
N THR A 109 1.76 -28.49 10.79
CA THR A 109 1.25 -29.84 10.53
C THR A 109 1.61 -30.70 11.72
N PHE A 110 0.90 -31.82 11.90
CA PHE A 110 1.25 -32.76 12.95
C PHE A 110 2.39 -33.66 12.44
N ASP A 111 3.08 -34.37 13.35
CA ASP A 111 4.23 -35.22 12.99
C ASP A 111 3.89 -36.30 11.97
N ARG A 112 4.91 -36.88 11.36
CA ARG A 112 4.75 -37.96 10.38
C ARG A 112 4.11 -39.17 11.07
N GLY A 113 2.97 -39.61 10.57
CA GLY A 113 2.23 -40.72 11.15
C GLY A 113 1.09 -40.28 12.07
N ASP A 114 1.12 -39.03 12.54
CA ASP A 114 0.06 -38.48 13.40
C ASP A 114 -1.14 -38.14 12.53
N ILE A 115 -2.35 -38.51 12.96
CA ILE A 115 -3.58 -38.24 12.21
C ILE A 115 -4.49 -37.22 12.93
N SER A 116 -3.96 -36.51 13.94
CA SER A 116 -4.74 -35.50 14.65
C SER A 116 -5.28 -34.43 13.70
N ARG A 117 -6.46 -33.91 14.03
CA ARG A 117 -7.11 -32.85 13.26
C ARG A 117 -7.06 -31.55 14.00
N PHE A 118 -6.82 -30.47 13.26
CA PHE A 118 -6.83 -29.14 13.82
C PHE A 118 -8.26 -28.75 14.08
N PRO A 119 -8.52 -28.04 15.19
CA PRO A 119 -9.89 -27.55 15.40
C PRO A 119 -10.20 -26.44 14.39
N PRO A 120 -11.48 -26.09 14.18
CA PRO A 120 -11.77 -25.01 13.24
C PRO A 120 -11.18 -23.69 13.73
N ALA A 121 -10.69 -22.86 12.81
CA ALA A 121 -10.13 -21.57 13.19
C ALA A 121 -11.22 -20.63 13.63
N ARG A 122 -10.88 -19.65 14.45
CA ARG A 122 -11.88 -18.66 14.91
C ARG A 122 -11.36 -17.29 14.62
N PRO A 123 -12.19 -16.25 14.65
CA PRO A 123 -11.66 -14.90 14.43
C PRO A 123 -10.79 -14.46 15.61
N GLY A 124 -9.77 -13.65 15.33
CA GLY A 124 -8.81 -13.19 16.32
C GLY A 124 -8.43 -11.75 16.19
N SER A 125 -7.10 -11.46 16.22
CA SER A 125 -6.49 -10.12 16.30
C SER A 125 -7.18 -8.96 15.59
N LEU A 126 -7.67 -9.10 14.35
CA LEU A 126 -8.40 -7.95 13.74
C LEU A 126 -9.76 -8.42 13.23
N GLY A 127 -10.40 -9.33 13.95
CA GLY A 127 -11.66 -9.90 13.52
C GLY A 127 -11.49 -10.80 12.32
N VAL A 128 -10.23 -11.22 12.06
CA VAL A 128 -9.85 -12.09 10.92
C VAL A 128 -9.54 -13.48 11.45
N MET A 129 -9.81 -14.50 10.64
CA MET A 129 -9.61 -15.89 11.05
C MET A 129 -8.13 -16.17 11.29
N GLU A 130 -7.83 -16.83 12.40
CA GLU A 130 -6.48 -17.08 12.88
C GLU A 130 -5.61 -17.91 11.93
N TYR A 131 -6.17 -18.96 11.33
CA TYR A 131 -5.45 -19.81 10.38
C TYR A 131 -6.40 -20.42 9.38
N TYR A 132 -5.86 -20.92 8.27
CA TYR A 132 -6.62 -21.53 7.18
C TYR A 132 -6.19 -22.96 7.03
N LEU A 133 -7.12 -23.91 7.19
CA LEU A 133 -6.79 -25.31 7.04
C LEU A 133 -6.82 -25.67 5.57
N MET A 134 -5.80 -26.41 5.13
CA MET A 134 -5.62 -26.78 3.73
C MET A 134 -4.67 -27.92 3.57
N ASP A 135 -4.59 -28.48 2.35
CA ASP A 135 -3.59 -29.47 2.01
C ASP A 135 -2.26 -28.78 2.12
N ALA A 136 -1.37 -29.25 2.99
CA ALA A 136 -0.08 -28.60 3.20
C ALA A 136 0.70 -28.48 1.89
N ALA A 137 0.59 -29.48 0.98
CA ALA A 137 1.28 -29.46 -0.32
C ALA A 137 0.86 -28.29 -1.20
N SER A 138 -0.39 -27.79 -1.07
CA SER A 138 -0.86 -26.62 -1.84
C SER A 138 -0.04 -25.36 -1.60
N LEU A 139 0.74 -25.33 -0.54
CA LEU A 139 1.59 -24.19 -0.25
C LEU A 139 2.89 -24.22 -1.05
N LEU A 140 3.32 -25.41 -1.51
CA LEU A 140 4.60 -25.59 -2.21
C LEU A 140 4.69 -24.83 -3.53
N PRO A 141 3.66 -24.79 -4.41
CA PRO A 141 3.76 -23.98 -5.62
C PRO A 141 3.92 -22.50 -5.29
N VAL A 142 3.29 -22.04 -4.22
CA VAL A 142 3.39 -20.65 -3.79
C VAL A 142 4.80 -20.39 -3.26
N LEU A 143 5.32 -21.31 -2.42
CA LEU A 143 6.68 -21.19 -1.90
C LEU A 143 7.70 -21.21 -3.04
N ALA A 144 7.59 -22.20 -3.92
CA ALA A 144 8.48 -22.40 -5.07
C ALA A 144 8.49 -21.21 -6.02
N LEU A 145 7.38 -20.47 -6.14
CA LEU A 145 7.28 -19.30 -7.03
C LEU A 145 8.31 -18.20 -6.65
N GLY A 146 8.74 -18.17 -5.40
CA GLY A 146 9.82 -17.31 -4.93
C GLY A 146 9.57 -15.82 -4.97
N LEU A 147 8.41 -15.39 -4.43
CA LEU A 147 8.06 -13.97 -4.36
C LEU A 147 9.15 -13.16 -3.63
N GLN A 148 9.51 -12.01 -4.21
CA GLN A 148 10.48 -11.09 -3.64
C GLN A 148 9.74 -9.80 -3.29
N PRO A 149 10.26 -8.97 -2.37
CA PRO A 149 9.54 -7.74 -2.02
C PRO A 149 9.28 -6.81 -3.20
N GLY A 150 8.04 -6.35 -3.30
CA GLY A 150 7.61 -5.44 -4.35
C GLY A 150 7.16 -6.05 -5.67
N ASP A 151 6.92 -7.37 -5.71
CA ASP A 151 6.50 -8.03 -6.94
C ASP A 151 5.03 -7.76 -7.33
N ILE A 152 4.79 -7.69 -8.65
CA ILE A 152 3.47 -7.59 -9.27
C ILE A 152 3.11 -9.04 -9.50
N VAL A 153 2.07 -9.56 -8.83
CA VAL A 153 1.74 -10.98 -8.88
C VAL A 153 0.37 -11.24 -9.49
N LEU A 154 0.23 -12.36 -10.21
CA LEU A 154 -1.01 -12.79 -10.83
C LEU A 154 -1.31 -14.25 -10.46
N ASP A 155 -2.52 -14.51 -9.95
CA ASP A 155 -3.02 -15.85 -9.68
C ASP A 155 -4.14 -16.06 -10.72
N LEU A 156 -3.79 -16.62 -11.89
CA LEU A 156 -4.68 -16.73 -13.06
C LEU A 156 -5.94 -17.59 -12.83
N CYS A 157 -5.84 -18.68 -12.03
CA CYS A 157 -6.97 -19.57 -11.73
C CYS A 157 -6.99 -19.68 -10.19
N ALA A 158 -7.47 -18.59 -9.55
CA ALA A 158 -7.35 -18.31 -8.13
C ALA A 158 -8.39 -18.90 -7.18
N ALA A 159 -9.62 -19.14 -7.65
CA ALA A 159 -10.71 -19.59 -6.76
C ALA A 159 -10.57 -21.06 -6.32
N PRO A 160 -10.96 -21.42 -5.07
CA PRO A 160 -11.59 -20.59 -4.03
C PRO A 160 -10.67 -19.66 -3.25
N GLY A 161 -9.36 -19.61 -3.50
CA GLY A 161 -8.46 -18.66 -2.84
C GLY A 161 -7.45 -19.14 -1.84
N GLY A 162 -7.22 -20.44 -1.74
CA GLY A 162 -6.23 -20.95 -0.82
C GLY A 162 -4.83 -20.44 -1.12
N LYS A 163 -4.40 -20.55 -2.38
CA LYS A 163 -3.07 -20.10 -2.80
C LYS A 163 -3.02 -18.57 -2.89
N THR A 164 -4.14 -17.93 -3.24
CA THR A 164 -4.24 -16.45 -3.24
C THR A 164 -3.96 -15.92 -1.86
N LEU A 165 -4.56 -16.56 -0.87
CA LEU A 165 -4.39 -16.19 0.53
C LEU A 165 -2.90 -16.28 0.90
N ALA A 166 -2.26 -17.40 0.56
CA ALA A 166 -0.83 -17.59 0.83
C ALA A 166 0.00 -16.54 0.11
N LEU A 167 -0.31 -16.25 -1.16
CA LEU A 167 0.46 -15.22 -1.87
C LEU A 167 0.40 -13.89 -1.11
N LEU A 168 -0.78 -13.51 -0.57
CA LEU A 168 -0.91 -12.28 0.24
C LEU A 168 -0.09 -12.34 1.53
N GLN A 169 -0.14 -13.48 2.23
CA GLN A 169 0.57 -13.66 3.50
C GLN A 169 2.07 -13.32 3.43
N THR A 170 2.70 -13.42 2.25
CA THR A 170 4.15 -13.16 2.12
C THR A 170 4.53 -11.73 2.44
N GLY A 171 3.61 -10.79 2.20
CA GLY A 171 3.87 -9.37 2.38
C GLY A 171 4.80 -8.81 1.33
N CYS A 172 4.92 -9.52 0.19
CA CYS A 172 5.78 -9.16 -0.94
C CYS A 172 4.98 -8.55 -2.10
N CYS A 173 3.68 -8.84 -2.21
CA CYS A 173 2.86 -8.37 -3.32
C CYS A 173 2.66 -6.87 -3.28
N ARG A 174 3.26 -6.16 -4.25
CA ARG A 174 2.96 -4.76 -4.46
C ARG A 174 1.51 -4.71 -4.90
N ASN A 175 1.20 -5.58 -5.86
CA ASN A 175 -0.12 -5.81 -6.42
C ASN A 175 -0.36 -7.29 -6.58
N LEU A 176 -1.61 -7.75 -6.34
CA LEU A 176 -1.99 -9.14 -6.52
C LEU A 176 -3.28 -9.21 -7.34
N ALA A 177 -3.20 -9.80 -8.55
CA ALA A 177 -4.37 -10.03 -9.39
C ALA A 177 -4.85 -11.43 -9.15
N ALA A 178 -6.11 -11.60 -8.74
CA ALA A 178 -6.71 -12.90 -8.52
C ALA A 178 -7.80 -13.08 -9.53
N ASN A 179 -7.67 -14.08 -10.43
CA ASN A 179 -8.66 -14.29 -11.49
C ASN A 179 -9.22 -15.68 -11.46
N ASP A 180 -10.49 -15.80 -11.88
CA ASP A 180 -11.14 -17.10 -12.05
C ASP A 180 -12.36 -16.92 -12.92
N LEU A 181 -12.52 -17.77 -13.92
CA LEU A 181 -13.63 -17.72 -14.87
C LEU A 181 -15.01 -17.83 -14.18
N SER A 182 -15.13 -18.68 -13.15
CA SER A 182 -16.39 -18.90 -12.46
C SER A 182 -16.72 -17.76 -11.49
N PRO A 183 -17.86 -17.04 -11.66
CA PRO A 183 -18.21 -16.00 -10.70
C PRO A 183 -18.73 -16.57 -9.37
N SER A 184 -19.19 -17.84 -9.37
CA SER A 184 -19.66 -18.51 -8.16
C SER A 184 -18.49 -18.89 -7.26
N ARG A 185 -17.36 -19.30 -7.85
CA ARG A 185 -16.17 -19.66 -7.08
C ARG A 185 -15.48 -18.39 -6.58
N ILE A 186 -15.61 -17.28 -7.34
CA ILE A 186 -15.08 -15.97 -6.94
C ILE A 186 -15.78 -15.49 -5.67
N ALA A 187 -17.09 -15.82 -5.49
CA ALA A 187 -17.80 -15.47 -4.25
C ALA A 187 -17.12 -16.12 -3.04
N ARG A 188 -16.65 -17.39 -3.19
CA ARG A 188 -15.92 -18.10 -2.13
C ARG A 188 -14.57 -17.44 -1.87
N LEU A 189 -13.91 -16.96 -2.93
CA LEU A 189 -12.65 -16.24 -2.83
C LEU A 189 -12.88 -14.94 -2.08
N GLN A 190 -13.95 -14.23 -2.40
CA GLN A 190 -14.28 -13.00 -1.69
C GLN A 190 -14.62 -13.30 -0.24
N LYS A 191 -15.28 -14.44 0.04
CA LYS A 191 -15.60 -14.83 1.40
C LYS A 191 -14.31 -15.04 2.21
N ILE A 192 -13.32 -15.73 1.64
CA ILE A 192 -12.02 -15.95 2.30
C ILE A 192 -11.30 -14.62 2.51
N LEU A 193 -11.25 -13.75 1.49
CA LEU A 193 -10.60 -12.44 1.65
C LEU A 193 -11.27 -11.61 2.74
N HIS A 194 -12.61 -11.63 2.82
CA HIS A 194 -13.31 -10.90 3.88
C HIS A 194 -13.05 -11.55 5.25
N SER A 195 -12.99 -12.89 5.31
CA SER A 195 -12.70 -13.61 6.55
C SER A 195 -11.27 -13.47 7.02
N TYR A 196 -10.29 -13.42 6.09
CA TYR A 196 -8.88 -13.45 6.46
C TYR A 196 -8.14 -12.16 6.33
N VAL A 197 -8.54 -11.28 5.44
CA VAL A 197 -7.78 -10.06 5.16
C VAL A 197 -8.53 -8.82 5.69
N PRO A 198 -7.86 -7.87 6.38
CA PRO A 198 -8.56 -6.65 6.79
C PRO A 198 -9.00 -5.84 5.58
N GLU A 199 -10.09 -5.06 5.75
CA GLU A 199 -10.65 -4.17 4.72
C GLU A 199 -9.63 -3.18 4.13
N GLU A 200 -8.65 -2.73 4.92
CA GLU A 200 -7.59 -1.81 4.50
C GLU A 200 -6.85 -2.30 3.25
N ILE A 201 -6.58 -3.61 3.17
CA ILE A 201 -5.80 -4.20 2.08
C ILE A 201 -6.70 -4.69 0.94
N ARG A 202 -7.77 -5.45 1.28
CA ARG A 202 -8.65 -6.03 0.26
C ARG A 202 -9.51 -5.01 -0.53
N ASP A 203 -9.66 -3.73 -0.09
CA ASP A 203 -10.39 -2.70 -0.86
C ASP A 203 -9.44 -1.77 -1.67
N GLY A 204 -8.14 -1.77 -1.36
CA GLY A 204 -7.17 -0.91 -2.03
C GLY A 204 -6.72 -1.37 -3.39
N ASN A 205 -5.65 -0.74 -3.91
CA ASN A 205 -5.05 -1.10 -5.20
C ASN A 205 -4.06 -2.26 -5.07
N GLN A 206 -3.98 -2.91 -3.90
CA GLN A 206 -3.05 -4.02 -3.65
C GLN A 206 -3.64 -5.33 -4.14
N VAL A 207 -4.97 -5.50 -4.05
CA VAL A 207 -5.64 -6.71 -4.52
C VAL A 207 -6.70 -6.37 -5.55
N ARG A 208 -6.79 -7.21 -6.61
CA ARG A 208 -7.80 -7.03 -7.64
C ARG A 208 -8.38 -8.38 -8.00
N VAL A 209 -9.68 -8.56 -7.74
CA VAL A 209 -10.38 -9.78 -8.05
C VAL A 209 -11.16 -9.57 -9.36
N THR A 210 -10.88 -10.41 -10.37
CA THR A 210 -11.57 -10.40 -11.65
C THR A 210 -12.17 -11.76 -11.91
N SER A 211 -13.14 -11.81 -12.81
CA SER A 211 -13.81 -13.04 -13.23
C SER A 211 -13.85 -13.04 -14.72
N TRP A 212 -12.84 -13.62 -15.34
CA TRP A 212 -12.72 -13.59 -16.78
C TRP A 212 -11.94 -14.82 -17.26
N ASP A 213 -11.96 -15.07 -18.55
CA ASP A 213 -11.21 -16.18 -19.13
C ASP A 213 -9.73 -15.89 -19.02
N GLY A 214 -9.04 -16.74 -18.29
CA GLY A 214 -7.61 -16.62 -18.07
C GLY A 214 -6.79 -16.76 -19.33
N ARG A 215 -7.30 -17.50 -20.32
CA ARG A 215 -6.63 -17.73 -21.59
C ARG A 215 -6.42 -16.43 -22.39
N LYS A 216 -7.28 -15.42 -22.15
CA LYS A 216 -7.20 -14.12 -22.82
C LYS A 216 -6.17 -13.16 -22.19
N TRP A 217 -5.40 -13.58 -21.13
CA TRP A 217 -4.41 -12.69 -20.48
C TRP A 217 -3.21 -12.34 -21.36
N GLY A 218 -2.95 -13.07 -22.45
CA GLY A 218 -1.87 -12.71 -23.34
C GLY A 218 -2.13 -11.37 -24.01
N GLU A 219 -3.40 -11.12 -24.41
CA GLU A 219 -3.81 -9.89 -25.08
C GLU A 219 -3.93 -8.76 -24.07
N LEU A 220 -4.82 -8.92 -23.08
CA LEU A 220 -5.00 -7.93 -22.02
C LEU A 220 -3.98 -8.22 -20.90
N GLU A 221 -3.13 -7.26 -20.54
CA GLU A 221 -2.08 -7.38 -19.50
C GLU A 221 -0.87 -8.27 -19.87
N GLY A 222 -0.40 -8.19 -21.11
CA GLY A 222 0.81 -8.90 -21.52
C GLY A 222 2.06 -8.28 -20.92
N ASP A 223 3.09 -9.09 -20.67
CA ASP A 223 4.40 -8.66 -20.16
C ASP A 223 4.29 -7.71 -18.96
N THR A 224 3.37 -8.00 -18.03
CA THR A 224 3.06 -7.16 -16.88
C THR A 224 3.55 -7.69 -15.52
N TYR A 225 3.45 -9.00 -15.27
CA TYR A 225 3.71 -9.58 -13.96
C TYR A 225 5.10 -10.17 -13.75
N ASP A 226 5.62 -10.03 -12.51
CA ASP A 226 6.92 -10.53 -12.08
C ASP A 226 6.84 -12.00 -11.73
N ARG A 227 5.72 -12.38 -11.10
CA ARG A 227 5.42 -13.73 -10.66
C ARG A 227 4.01 -14.10 -11.12
N VAL A 228 3.81 -15.30 -11.67
CA VAL A 228 2.48 -15.73 -12.09
C VAL A 228 2.22 -17.17 -11.64
N LEU A 229 1.09 -17.39 -10.95
CA LEU A 229 0.69 -18.73 -10.53
C LEU A 229 -0.42 -19.18 -11.46
N VAL A 230 -0.24 -20.37 -12.10
CA VAL A 230 -1.21 -20.97 -13.01
C VAL A 230 -1.60 -22.31 -12.43
N ASP A 231 -2.46 -22.29 -11.38
CA ASP A 231 -2.92 -23.51 -10.71
C ASP A 231 -4.19 -23.94 -11.46
N VAL A 232 -3.99 -24.63 -12.58
CA VAL A 232 -5.03 -24.98 -13.54
C VAL A 232 -6.11 -25.93 -13.07
N PRO A 233 -7.31 -25.85 -13.75
CA PRO A 233 -8.35 -26.87 -13.52
C PRO A 233 -7.89 -28.18 -14.12
N CYS A 234 -8.04 -29.25 -13.37
CA CYS A 234 -7.57 -30.58 -13.73
C CYS A 234 -8.62 -31.61 -13.31
N THR A 235 -8.27 -32.90 -13.33
CA THR A 235 -9.20 -33.95 -12.91
C THR A 235 -9.32 -34.07 -11.37
N THR A 236 -8.75 -33.12 -10.57
CA THR A 236 -8.80 -33.07 -9.09
C THR A 236 -8.98 -34.47 -8.52
N ASP A 237 -7.96 -35.30 -8.77
CA ASP A 237 -7.96 -36.73 -8.46
C ASP A 237 -8.61 -37.09 -7.11
N ARG A 238 -8.20 -36.45 -5.99
CA ARG A 238 -8.74 -36.80 -4.68
C ARG A 238 -10.21 -36.39 -4.55
N HIS A 239 -10.53 -35.16 -4.94
CA HIS A 239 -11.89 -34.64 -4.87
C HIS A 239 -12.83 -35.45 -5.76
N SER A 240 -12.35 -35.91 -6.93
CA SER A 240 -13.16 -36.71 -7.87
C SER A 240 -13.58 -38.05 -7.29
N LEU A 241 -12.87 -38.54 -6.26
CA LEU A 241 -13.17 -39.82 -5.62
C LEU A 241 -14.12 -39.65 -4.41
N HIS A 242 -14.40 -38.41 -3.97
CA HIS A 242 -15.26 -38.12 -2.82
C HIS A 242 -16.59 -37.54 -3.24
N GLU A 243 -16.58 -36.44 -4.00
CA GLU A 243 -17.80 -35.75 -4.42
C GLU A 243 -18.37 -36.31 -5.72
N GLU A 244 -19.68 -36.63 -5.74
CA GLU A 244 -20.38 -37.11 -6.92
C GLU A 244 -20.92 -35.93 -7.73
N GLU A 245 -21.32 -34.82 -7.07
CA GLU A 245 -21.83 -33.63 -7.76
C GLU A 245 -20.67 -32.90 -8.46
N ASN A 246 -20.93 -32.42 -9.70
CA ASN A 246 -19.96 -31.69 -10.51
C ASN A 246 -18.67 -32.51 -10.69
N ASN A 247 -18.81 -33.84 -10.94
CA ASN A 247 -17.67 -34.71 -11.12
C ASN A 247 -17.26 -34.71 -12.58
N ILE A 248 -16.00 -34.41 -12.85
CA ILE A 248 -15.40 -34.37 -14.19
C ILE A 248 -15.49 -35.74 -14.89
N PHE A 249 -15.51 -36.85 -14.13
CA PHE A 249 -15.61 -38.20 -14.69
C PHE A 249 -17.06 -38.65 -15.02
N LYS A 250 -18.05 -37.73 -14.97
CA LYS A 250 -19.42 -38.07 -15.38
C LYS A 250 -19.44 -38.30 -16.90
N ARG A 251 -20.33 -39.20 -17.37
CA ARG A 251 -20.44 -39.55 -18.80
C ARG A 251 -20.70 -38.32 -19.69
N SER A 252 -21.51 -37.35 -19.23
CA SER A 252 -21.79 -36.15 -19.99
C SER A 252 -20.55 -35.26 -20.17
N ARG A 253 -19.63 -35.24 -19.18
CA ARG A 253 -18.40 -34.43 -19.23
C ARG A 253 -17.21 -35.22 -19.84
N LYS A 254 -17.46 -36.09 -20.84
CA LYS A 254 -16.41 -36.90 -21.48
C LYS A 254 -15.54 -36.02 -22.38
N LYS A 255 -16.15 -35.13 -23.18
CA LYS A 255 -15.40 -34.25 -24.07
C LYS A 255 -14.60 -33.24 -23.28
N GLU A 256 -15.25 -32.59 -22.29
CA GLU A 256 -14.61 -31.61 -21.39
C GLU A 256 -13.34 -32.17 -20.74
N ARG A 257 -13.40 -33.43 -20.27
CA ARG A 257 -12.28 -34.11 -19.63
C ARG A 257 -11.15 -34.45 -20.63
N GLN A 258 -11.51 -34.86 -21.86
CA GLN A 258 -10.51 -35.23 -22.87
C GLN A 258 -9.76 -34.00 -23.40
N ILE A 259 -10.45 -32.86 -23.57
CA ILE A 259 -9.84 -31.60 -24.03
C ILE A 259 -9.18 -30.80 -22.89
N LEU A 260 -9.13 -31.36 -21.67
CA LEU A 260 -8.56 -30.69 -20.51
C LEU A 260 -7.07 -30.35 -20.72
N PRO A 261 -6.21 -31.16 -21.35
CA PRO A 261 -4.82 -30.72 -21.56
C PRO A 261 -4.68 -29.57 -22.57
N VAL A 262 -5.70 -29.31 -23.41
CA VAL A 262 -5.66 -28.19 -24.35
C VAL A 262 -5.82 -26.91 -23.53
N LEU A 263 -6.88 -26.84 -22.74
CA LEU A 263 -7.19 -25.73 -21.84
C LEU A 263 -6.00 -25.41 -20.93
N GLN A 264 -5.38 -26.43 -20.36
CA GLN A 264 -4.28 -26.28 -19.41
C GLN A 264 -3.05 -25.66 -20.08
N VAL A 265 -2.80 -26.00 -21.34
CA VAL A 265 -1.72 -25.37 -22.10
C VAL A 265 -2.11 -23.94 -22.42
N GLN A 266 -3.37 -23.72 -22.82
CA GLN A 266 -3.84 -22.38 -23.16
C GLN A 266 -3.70 -21.44 -21.97
N LEU A 267 -4.04 -21.92 -20.75
CA LEU A 267 -3.93 -21.11 -19.53
C LEU A 267 -2.47 -20.90 -19.15
N LEU A 268 -1.63 -21.92 -19.26
CA LEU A 268 -0.21 -21.75 -18.93
C LEU A 268 0.45 -20.77 -19.92
N ALA A 269 0.17 -20.92 -21.21
CA ALA A 269 0.72 -20.01 -22.23
C ALA A 269 0.28 -18.55 -21.96
N ALA A 270 -0.99 -18.36 -21.56
CA ALA A 270 -1.51 -17.04 -21.23
C ALA A 270 -0.78 -16.46 -20.01
N GLY A 271 -0.48 -17.31 -19.04
CA GLY A 271 0.24 -16.90 -17.85
C GLY A 271 1.63 -16.44 -18.22
N LEU A 272 2.31 -17.22 -19.08
CA LEU A 272 3.64 -16.88 -19.55
C LEU A 272 3.63 -15.58 -20.38
N LEU A 273 2.62 -15.38 -21.24
CA LEU A 273 2.52 -14.14 -22.02
C LEU A 273 2.27 -12.92 -21.12
N ALA A 274 1.59 -13.09 -19.96
CA ALA A 274 1.37 -11.98 -19.03
C ALA A 274 2.57 -11.76 -18.11
N THR A 275 3.58 -12.65 -18.17
CA THR A 275 4.79 -12.51 -17.38
C THR A 275 5.76 -11.58 -18.09
N LYS A 276 6.43 -10.67 -17.34
CA LYS A 276 7.47 -9.79 -17.92
C LYS A 276 8.63 -10.61 -18.41
N PRO A 277 9.38 -10.22 -19.46
CA PRO A 277 10.58 -11.00 -19.78
C PRO A 277 11.53 -10.96 -18.57
N GLY A 278 12.00 -12.13 -18.17
CA GLY A 278 12.82 -12.30 -16.98
C GLY A 278 12.02 -12.77 -15.77
N GLY A 279 10.70 -12.65 -15.84
CA GLY A 279 9.80 -13.05 -14.76
C GLY A 279 9.66 -14.54 -14.67
N HIS A 280 9.03 -15.00 -13.59
CA HIS A 280 8.87 -16.42 -13.29
C HIS A 280 7.42 -16.86 -13.14
N VAL A 281 7.17 -18.12 -13.50
CA VAL A 281 5.83 -18.71 -13.45
C VAL A 281 5.89 -20.08 -12.80
N VAL A 282 4.89 -20.38 -11.98
CA VAL A 282 4.74 -21.71 -11.42
C VAL A 282 3.43 -22.23 -11.97
N TYR A 283 3.50 -23.40 -12.60
CA TYR A 283 2.34 -24.12 -13.10
C TYR A 283 2.03 -25.23 -12.11
N SER A 284 0.76 -25.47 -11.76
CA SER A 284 0.49 -26.56 -10.85
C SER A 284 -0.87 -27.18 -11.06
N THR A 285 -0.99 -28.44 -10.63
CA THR A 285 -2.22 -29.23 -10.67
C THR A 285 -2.33 -30.05 -9.41
N CYS A 286 -3.50 -30.63 -9.19
CA CYS A 286 -3.74 -31.56 -8.11
C CYS A 286 -4.16 -32.87 -8.75
N SER A 287 -3.32 -33.32 -9.71
CA SER A 287 -3.50 -34.58 -10.42
C SER A 287 -2.16 -35.27 -10.59
N LEU A 288 -2.18 -36.60 -10.56
CA LEU A 288 -1.01 -37.44 -10.76
C LEU A 288 -0.68 -37.66 -12.24
N SER A 289 -1.64 -37.43 -13.15
CA SER A 289 -1.51 -37.68 -14.58
C SER A 289 -0.41 -36.90 -15.25
N HIS A 290 0.50 -37.59 -15.97
CA HIS A 290 1.57 -36.92 -16.71
C HIS A 290 1.01 -36.08 -17.89
N LEU A 291 -0.15 -36.47 -18.48
CA LEU A 291 -0.78 -35.73 -19.57
C LEU A 291 -1.25 -34.34 -19.14
N GLN A 292 -1.51 -34.16 -17.85
CA GLN A 292 -1.89 -32.87 -17.29
C GLN A 292 -0.72 -32.14 -16.67
N ASN A 293 0.40 -32.82 -16.44
CA ASN A 293 1.53 -32.25 -15.74
C ASN A 293 2.69 -31.96 -16.68
N GLU A 294 3.59 -32.91 -16.94
CA GLU A 294 4.76 -32.65 -17.77
C GLU A 294 4.41 -32.35 -19.23
N TYR A 295 3.33 -32.94 -19.76
CA TYR A 295 2.90 -32.74 -21.14
C TYR A 295 2.37 -31.32 -21.37
N VAL A 296 1.89 -30.64 -20.31
CA VAL A 296 1.36 -29.28 -20.39
C VAL A 296 2.51 -28.26 -20.33
N VAL A 297 3.53 -28.55 -19.52
CA VAL A 297 4.69 -27.67 -19.39
C VAL A 297 5.43 -27.68 -20.74
N GLN A 298 5.72 -28.86 -21.30
CA GLN A 298 6.40 -28.98 -22.59
C GLN A 298 5.57 -28.38 -23.73
N GLY A 299 4.26 -28.62 -23.69
CA GLY A 299 3.32 -28.12 -24.68
C GLY A 299 3.16 -26.62 -24.75
N ALA A 300 3.19 -25.95 -23.60
CA ALA A 300 3.14 -24.49 -23.51
C ALA A 300 4.47 -23.86 -23.87
N ILE A 301 5.60 -24.50 -23.51
CA ILE A 301 6.92 -23.97 -23.87
C ILE A 301 7.10 -24.02 -25.40
N GLU A 302 6.64 -25.10 -26.06
CA GLU A 302 6.71 -25.22 -27.52
C GLU A 302 5.84 -24.18 -28.20
N LEU A 303 4.60 -24.03 -27.74
CA LEU A 303 3.64 -23.06 -28.29
C LEU A 303 4.17 -21.63 -28.26
N LEU A 304 4.89 -21.23 -27.22
CA LEU A 304 5.41 -19.89 -27.13
C LEU A 304 6.64 -19.70 -27.97
N ALA A 305 7.48 -20.74 -28.11
CA ALA A 305 8.67 -20.66 -28.96
C ALA A 305 8.32 -20.66 -30.45
N ASN A 306 7.27 -21.40 -30.86
CA ASN A 306 6.89 -21.45 -32.27
C ASN A 306 6.01 -20.26 -32.68
N GLN A 307 4.88 -20.09 -31.99
CA GLN A 307 3.90 -19.07 -32.33
C GLN A 307 4.33 -17.64 -31.97
N TYR A 308 4.98 -17.41 -30.81
CA TYR A 308 5.36 -16.08 -30.35
C TYR A 308 6.89 -15.82 -30.31
N SER A 309 7.73 -16.84 -30.58
CA SER A 309 9.19 -16.72 -30.55
C SER A 309 9.70 -16.24 -29.18
N ILE A 310 9.11 -16.78 -28.09
CA ILE A 310 9.46 -16.50 -26.70
C ILE A 310 10.11 -17.76 -26.12
N GLN A 311 11.28 -17.61 -25.51
CA GLN A 311 12.04 -18.71 -24.92
C GLN A 311 11.67 -18.85 -23.44
N VAL A 312 11.31 -20.07 -23.00
CA VAL A 312 10.94 -20.33 -21.61
C VAL A 312 11.79 -21.47 -21.05
N GLN A 313 12.50 -21.22 -19.94
CA GLN A 313 13.38 -22.19 -19.30
C GLN A 313 12.75 -22.77 -18.04
N VAL A 314 12.72 -24.11 -17.95
CA VAL A 314 12.24 -24.79 -16.75
C VAL A 314 13.35 -24.70 -15.72
N GLU A 315 13.03 -24.23 -14.52
CA GLU A 315 14.00 -24.09 -13.44
C GLU A 315 14.00 -25.34 -12.58
N ASP A 316 15.18 -25.75 -12.12
CA ASP A 316 15.37 -26.96 -11.32
C ASP A 316 14.94 -26.71 -9.87
N LEU A 317 14.01 -27.56 -9.34
CA LEU A 317 13.53 -27.46 -7.96
C LEU A 317 14.04 -28.65 -7.13
N THR A 318 15.22 -29.16 -7.45
CA THR A 318 15.79 -30.30 -6.74
C THR A 318 16.19 -29.90 -5.32
N HIS A 319 16.82 -28.73 -5.13
CA HIS A 319 17.18 -28.29 -3.78
C HIS A 319 15.91 -28.05 -2.98
N PHE A 320 14.89 -27.41 -3.61
CA PHE A 320 13.59 -27.15 -2.99
C PHE A 320 12.95 -28.47 -2.57
N ARG A 321 12.93 -29.46 -3.45
CA ARG A 321 12.38 -30.79 -3.14
C ARG A 321 13.09 -31.39 -1.96
N ARG A 322 14.42 -31.58 -2.08
CA ARG A 322 15.28 -32.19 -1.06
C ARG A 322 15.07 -31.60 0.34
N VAL A 323 14.87 -30.29 0.42
CA VAL A 323 14.64 -29.59 1.67
C VAL A 323 13.24 -29.94 2.24
N PHE A 324 12.22 -30.02 1.38
CA PHE A 324 10.85 -30.32 1.79
C PHE A 324 10.54 -31.82 1.84
N MET A 325 11.48 -32.73 1.44
CA MET A 325 11.27 -34.20 1.49
C MET A 325 10.98 -34.71 2.90
N ASP A 326 11.45 -34.00 3.96
CA ASP A 326 11.22 -34.39 5.35
C ASP A 326 9.73 -34.41 5.73
N THR A 327 8.90 -33.61 5.05
CA THR A 327 7.46 -33.50 5.32
C THR A 327 6.60 -34.23 4.27
N PHE A 328 7.01 -34.21 2.99
CA PHE A 328 6.20 -34.78 1.91
C PHE A 328 6.86 -35.94 1.17
N CYS A 329 6.02 -36.78 0.55
CA CYS A 329 6.47 -37.87 -0.30
C CYS A 329 6.47 -37.35 -1.69
N PHE A 330 7.64 -37.34 -2.32
CA PHE A 330 7.78 -36.92 -3.70
C PHE A 330 8.05 -38.09 -4.60
N PHE A 331 7.50 -38.06 -5.81
CA PHE A 331 7.80 -39.01 -6.86
C PHE A 331 9.04 -38.44 -7.56
N SER A 332 10.25 -38.80 -7.09
CA SER A 332 11.53 -38.26 -7.60
C SER A 332 11.83 -38.55 -9.07
N SER A 333 11.13 -39.51 -9.70
CA SER A 333 11.31 -39.81 -11.12
C SER A 333 10.67 -38.75 -12.07
N CYS A 334 10.39 -37.50 -11.60
CA CYS A 334 9.81 -36.44 -12.44
C CYS A 334 10.89 -35.87 -13.33
N GLN A 335 10.58 -35.73 -14.63
CA GLN A 335 11.52 -35.17 -15.59
C GLN A 335 11.52 -33.65 -15.48
N VAL A 336 10.35 -33.01 -15.64
CA VAL A 336 10.19 -31.57 -15.47
C VAL A 336 9.24 -31.35 -14.28
N GLY A 337 9.59 -30.42 -13.43
CA GLY A 337 8.78 -30.10 -12.25
C GLY A 337 8.93 -31.13 -11.16
N GLU A 338 8.07 -31.04 -10.13
CA GLU A 338 8.09 -31.94 -8.98
C GLU A 338 6.68 -32.41 -8.69
N LEU A 339 6.53 -33.56 -8.01
CA LEU A 339 5.23 -34.12 -7.70
C LEU A 339 5.16 -34.67 -6.29
N VAL A 340 4.22 -34.19 -5.48
CA VAL A 340 3.99 -34.70 -4.13
C VAL A 340 2.92 -35.77 -4.27
N ILE A 341 3.23 -36.99 -3.85
CA ILE A 341 2.28 -38.10 -3.96
C ILE A 341 1.72 -38.39 -2.56
N PRO A 342 0.43 -38.72 -2.43
CA PRO A 342 -0.12 -38.99 -1.09
C PRO A 342 0.34 -40.34 -0.56
N ASN A 343 0.63 -40.38 0.75
CA ASN A 343 1.08 -41.55 1.49
C ASN A 343 0.40 -41.52 2.83
N LEU A 344 0.08 -42.67 3.45
CA LEU A 344 -0.60 -42.62 4.75
C LEU A 344 0.22 -41.91 5.84
N MET A 345 1.55 -41.97 5.77
CA MET A 345 2.40 -41.31 6.76
C MET A 345 2.28 -39.78 6.65
N ALA A 346 2.11 -39.27 5.42
CA ALA A 346 1.93 -37.85 5.12
C ALA A 346 0.92 -37.73 3.99
N ASN A 347 -0.38 -37.79 4.31
CA ASN A 347 -1.45 -37.83 3.31
C ASN A 347 -1.76 -36.45 2.73
N PHE A 348 -0.78 -35.93 1.96
CA PHE A 348 -0.88 -34.65 1.29
C PHE A 348 -1.11 -34.95 -0.18
N GLY A 349 -2.30 -34.56 -0.65
CA GLY A 349 -2.85 -34.91 -1.95
C GLY A 349 -1.96 -34.65 -3.11
N PRO A 350 -2.33 -35.23 -4.28
CA PRO A 350 -1.51 -35.01 -5.47
C PRO A 350 -1.27 -33.53 -5.67
N MET A 351 -0.01 -33.15 -5.86
CA MET A 351 0.34 -31.76 -6.08
C MET A 351 1.53 -31.70 -7.00
N TYR A 352 1.26 -31.42 -8.27
CA TYR A 352 2.30 -31.24 -9.28
C TYR A 352 2.66 -29.78 -9.35
N PHE A 353 3.94 -29.44 -9.53
CA PHE A 353 4.33 -28.04 -9.70
C PHE A 353 5.66 -27.91 -10.42
N CYS A 354 5.75 -26.90 -11.30
CA CYS A 354 6.91 -26.63 -12.11
C CYS A 354 7.17 -25.13 -12.19
N LYS A 355 8.39 -24.70 -11.82
CA LYS A 355 8.81 -23.30 -11.91
C LYS A 355 9.47 -23.07 -13.28
N MET A 356 9.17 -21.94 -13.91
CA MET A 356 9.74 -21.55 -15.20
C MET A 356 10.17 -20.13 -15.18
N ARG A 357 11.10 -19.77 -16.08
CA ARG A 357 11.53 -18.39 -16.26
C ARG A 357 11.33 -18.01 -17.70
N ARG A 358 10.60 -16.90 -17.95
CA ARG A 358 10.47 -16.37 -19.29
C ARG A 358 11.74 -15.59 -19.57
N LEU A 359 12.47 -15.92 -20.64
CA LEU A 359 13.74 -15.25 -20.96
C LEU A 359 13.55 -14.12 -21.96
N THR A 360 12.87 -14.41 -23.09
CA THR A 360 12.65 -13.46 -24.18
C THR A 360 11.16 -13.22 -24.38
N THR B 37 -12.85 -105.16 53.53
CA THR B 37 -12.62 -103.88 54.21
C THR B 37 -12.59 -102.69 53.20
N PRO B 38 -12.72 -101.42 53.66
CA PRO B 38 -12.70 -100.28 52.71
C PRO B 38 -11.34 -100.07 52.03
N VAL B 39 -10.22 -100.28 52.75
CA VAL B 39 -8.86 -100.10 52.21
C VAL B 39 -8.59 -101.08 51.04
N VAL B 40 -9.06 -102.35 51.16
CA VAL B 40 -8.89 -103.37 50.12
C VAL B 40 -9.76 -103.06 48.89
N GLN B 41 -11.01 -102.57 49.12
CA GLN B 41 -11.93 -102.20 48.02
C GLN B 41 -11.33 -101.13 47.12
N GLY B 42 -10.76 -100.09 47.72
CA GLY B 42 -10.13 -98.97 47.01
C GLY B 42 -8.94 -99.38 46.17
N SER B 43 -8.18 -100.40 46.64
CA SER B 43 -7.02 -100.93 45.92
C SER B 43 -7.46 -101.78 44.73
N LEU B 44 -8.59 -102.50 44.87
CA LEU B 44 -9.15 -103.32 43.79
C LEU B 44 -9.79 -102.44 42.74
N GLU B 45 -10.46 -101.35 43.17
CA GLU B 45 -11.03 -100.40 42.22
C GLU B 45 -9.91 -99.73 41.44
N LEU B 46 -8.86 -99.26 42.15
CA LEU B 46 -7.72 -98.58 41.51
C LEU B 46 -7.09 -99.50 40.48
N GLU B 47 -7.00 -100.81 40.79
CA GLU B 47 -6.47 -101.82 39.87
C GLU B 47 -7.39 -101.99 38.67
N ARG B 48 -8.72 -102.09 38.92
CA ARG B 48 -9.73 -102.21 37.85
C ARG B 48 -9.68 -100.98 36.97
N VAL B 49 -9.58 -99.79 37.59
CA VAL B 49 -9.54 -98.50 36.90
C VAL B 49 -8.22 -98.37 36.13
N MET B 50 -7.07 -98.75 36.72
CA MET B 50 -5.79 -98.72 36.01
C MET B 50 -5.79 -99.70 34.83
N SER B 51 -6.37 -100.90 35.02
CA SER B 51 -6.45 -101.92 33.98
C SER B 51 -7.31 -101.49 32.82
N SER B 52 -8.44 -100.81 33.10
CA SER B 52 -9.36 -100.33 32.06
C SER B 52 -8.71 -99.27 31.19
N LEU B 53 -7.94 -98.35 31.81
CA LEU B 53 -7.23 -97.29 31.10
C LEU B 53 -6.08 -97.87 30.26
N LEU B 54 -5.37 -98.89 30.78
CA LEU B 54 -4.33 -99.55 30.00
C LEU B 54 -4.93 -100.24 28.77
N ASP B 55 -6.13 -100.85 28.91
CA ASP B 55 -6.82 -101.50 27.80
C ASP B 55 -7.34 -100.46 26.78
N MET B 56 -7.71 -99.25 27.26
CA MET B 56 -8.18 -98.15 26.40
C MET B 56 -7.04 -97.50 25.57
N GLY B 57 -5.77 -97.85 25.85
CA GLY B 57 -4.62 -97.32 25.14
C GLY B 57 -3.80 -96.28 25.89
N PHE B 58 -4.08 -96.05 27.19
CA PHE B 58 -3.33 -95.06 27.98
C PHE B 58 -2.01 -95.65 28.46
N SER B 59 -0.96 -94.83 28.44
CA SER B 59 0.35 -95.21 28.94
C SER B 59 0.36 -95.12 30.44
N ASN B 60 1.36 -95.72 31.08
CA ASN B 60 1.50 -95.68 32.53
C ASN B 60 1.85 -94.25 32.99
N ALA B 61 2.56 -93.48 32.13
CA ALA B 61 2.89 -92.08 32.43
C ALA B 61 1.63 -91.22 32.41
N HIS B 62 0.72 -91.50 31.47
CA HIS B 62 -0.56 -90.80 31.36
C HIS B 62 -1.49 -91.15 32.51
N ILE B 63 -1.51 -92.43 32.95
CA ILE B 63 -2.38 -92.85 34.05
C ILE B 63 -1.98 -92.11 35.34
N ASN B 64 -0.66 -91.96 35.61
CA ASN B 64 -0.24 -91.20 36.79
C ASN B 64 -0.63 -89.73 36.63
N GLU B 65 -0.50 -89.17 35.40
CA GLU B 65 -0.86 -87.77 35.09
C GLU B 65 -2.33 -87.53 35.41
N LEU B 66 -3.19 -88.44 34.94
CA LEU B 66 -4.63 -88.37 35.16
C LEU B 66 -5.01 -88.54 36.64
N LEU B 67 -4.29 -89.43 37.36
CA LEU B 67 -4.54 -89.67 38.79
C LEU B 67 -4.13 -88.46 39.65
N SER B 68 -3.09 -87.74 39.27
CA SER B 68 -2.62 -86.54 39.97
C SER B 68 -3.55 -85.34 39.71
N VAL B 69 -4.11 -85.27 38.49
CA VAL B 69 -5.00 -84.19 38.04
C VAL B 69 -6.34 -84.15 38.79
N ARG B 70 -7.00 -85.31 38.95
CA ARG B 70 -8.31 -85.35 39.62
C ARG B 70 -8.28 -84.67 41.00
N ARG B 71 -8.91 -83.50 41.09
CA ARG B 71 -8.95 -82.69 42.30
C ARG B 71 -10.02 -83.24 43.24
N GLY B 72 -9.72 -84.35 43.88
CA GLY B 72 -10.66 -84.98 44.80
C GLY B 72 -11.82 -85.72 44.15
N ALA B 73 -11.78 -85.95 42.82
CA ALA B 73 -12.84 -86.72 42.15
C ALA B 73 -12.62 -88.21 42.36
N SER B 74 -13.69 -88.98 42.25
CA SER B 74 -13.65 -90.43 42.39
C SER B 74 -12.78 -91.07 41.30
N LEU B 75 -12.42 -92.33 41.49
CA LEU B 75 -11.62 -93.07 40.52
C LEU B 75 -12.54 -93.48 39.38
N GLN B 76 -13.79 -93.85 39.74
CA GLN B 76 -14.86 -94.20 38.80
C GLN B 76 -15.30 -92.95 38.05
N GLN B 77 -15.38 -91.79 38.72
CA GLN B 77 -15.72 -90.54 38.06
C GLN B 77 -14.64 -90.21 37.02
N LEU B 78 -13.35 -90.40 37.36
CA LEU B 78 -12.26 -90.19 36.40
C LEU B 78 -12.41 -91.12 35.20
N LEU B 79 -12.75 -92.38 35.46
CA LEU B 79 -12.88 -93.39 34.42
C LEU B 79 -14.13 -93.16 33.58
N ASP B 80 -15.28 -92.83 34.20
CA ASP B 80 -16.52 -92.59 33.47
C ASP B 80 -16.39 -91.43 32.49
N ILE B 81 -15.61 -90.43 32.85
CA ILE B 81 -15.41 -89.27 31.99
C ILE B 81 -14.45 -89.61 30.86
N ILE B 82 -13.39 -90.37 31.14
CA ILE B 82 -12.45 -90.74 30.10
C ILE B 82 -13.17 -91.63 29.09
N SER B 83 -14.04 -92.55 29.57
CA SER B 83 -14.76 -93.45 28.67
C SER B 83 -15.66 -92.67 27.72
N GLU B 84 -16.33 -91.58 28.19
CA GLU B 84 -17.20 -90.76 27.34
C GLU B 84 -16.39 -90.08 26.24
N PHE B 85 -15.21 -89.54 26.59
CA PHE B 85 -14.33 -88.91 25.62
C PHE B 85 -13.79 -89.98 24.65
N ILE B 86 -13.54 -91.22 25.12
CA ILE B 86 -13.10 -92.26 24.20
C ILE B 86 -14.27 -92.64 23.29
N LEU B 87 -15.52 -92.69 23.82
CA LEU B 87 -16.71 -92.96 23.03
C LEU B 87 -16.98 -91.84 22.02
N LEU B 88 -16.48 -90.60 22.28
CA LEU B 88 -16.60 -89.47 21.37
C LEU B 88 -15.54 -89.47 20.24
N GLY B 89 -14.72 -90.51 20.16
CA GLY B 89 -13.72 -90.66 19.11
C GLY B 89 -12.37 -90.05 19.41
N LEU B 90 -12.15 -89.55 20.64
CA LEU B 90 -10.85 -89.01 21.02
C LEU B 90 -9.91 -90.15 21.35
N ASN B 91 -8.62 -89.95 21.06
CA ASN B 91 -7.58 -90.95 21.33
C ASN B 91 -7.07 -90.73 22.77
N PRO B 92 -6.25 -91.63 23.35
CA PRO B 92 -5.79 -91.41 24.72
C PRO B 92 -4.89 -90.20 24.94
N GLU B 93 -4.10 -89.77 23.92
CA GLU B 93 -3.18 -88.63 24.07
C GLU B 93 -3.95 -87.31 24.17
N PRO B 94 -4.87 -86.99 23.22
CA PRO B 94 -5.68 -85.77 23.35
C PRO B 94 -6.54 -85.70 24.60
N VAL B 95 -7.00 -86.87 25.12
CA VAL B 95 -7.79 -86.93 26.35
C VAL B 95 -6.98 -86.33 27.51
N CYS B 96 -5.67 -86.61 27.57
CA CYS B 96 -4.81 -86.09 28.63
C CYS B 96 -4.56 -84.58 28.47
N VAL B 97 -4.60 -84.09 27.24
CA VAL B 97 -4.44 -82.67 26.96
C VAL B 97 -5.66 -81.90 27.45
N VAL B 98 -6.86 -82.32 27.03
CA VAL B 98 -8.10 -81.62 27.40
C VAL B 98 -8.28 -81.63 28.93
N LEU B 99 -8.03 -82.77 29.58
CA LEU B 99 -8.23 -82.90 31.01
C LEU B 99 -7.15 -82.21 31.83
N LYS B 100 -5.92 -82.05 31.29
CA LYS B 100 -4.89 -81.35 32.05
C LYS B 100 -5.13 -79.84 31.98
N LYS B 101 -5.54 -79.35 30.81
CA LYS B 101 -5.85 -77.93 30.59
C LYS B 101 -7.14 -77.55 31.32
N SER B 102 -8.17 -78.40 31.22
CA SER B 102 -9.48 -78.20 31.84
C SER B 102 -9.81 -79.37 32.78
N PRO B 103 -9.26 -79.38 34.02
CA PRO B 103 -9.56 -80.46 34.97
C PRO B 103 -10.99 -80.40 35.52
N GLN B 104 -11.68 -79.25 35.40
CA GLN B 104 -13.07 -79.09 35.82
C GLN B 104 -14.03 -80.07 35.11
N LEU B 105 -13.59 -80.68 33.96
CA LEU B 105 -14.36 -81.67 33.20
C LEU B 105 -14.63 -82.95 34.04
N LEU B 106 -13.76 -83.26 35.02
CA LEU B 106 -13.96 -84.42 35.90
C LEU B 106 -15.06 -84.15 36.96
N LYS B 107 -15.33 -82.87 37.27
CA LYS B 107 -16.35 -82.50 38.24
C LYS B 107 -17.76 -82.59 37.66
N LEU B 108 -17.91 -82.74 36.33
CA LEU B 108 -19.22 -82.81 35.67
C LEU B 108 -20.05 -83.98 36.15
N PRO B 109 -21.32 -83.78 36.58
CA PRO B 109 -22.15 -84.95 36.91
C PRO B 109 -22.25 -85.82 35.68
N ILE B 110 -21.86 -87.09 35.81
CA ILE B 110 -21.72 -87.99 34.70
C ILE B 110 -22.96 -88.20 33.84
N MET B 111 -24.14 -88.32 34.44
CA MET B 111 -25.33 -88.61 33.65
C MET B 111 -25.68 -87.42 32.79
N GLN B 112 -25.53 -86.20 33.30
CA GLN B 112 -25.75 -85.02 32.49
C GLN B 112 -24.63 -84.89 31.43
N MET B 113 -23.41 -85.29 31.77
CA MET B 113 -22.28 -85.30 30.84
C MET B 113 -22.55 -86.25 29.66
N ARG B 114 -23.17 -87.42 29.93
CA ARG B 114 -23.55 -88.38 28.90
C ARG B 114 -24.63 -87.82 28.02
N LYS B 115 -25.60 -87.12 28.62
CA LYS B 115 -26.70 -86.51 27.89
C LYS B 115 -26.19 -85.42 26.95
N ARG B 116 -25.13 -84.68 27.37
CA ARG B 116 -24.52 -83.66 26.52
C ARG B 116 -23.63 -84.31 25.49
N SER B 117 -22.94 -85.39 25.88
CA SER B 117 -22.10 -86.12 24.93
C SER B 117 -23.00 -86.64 23.78
N SER B 118 -24.21 -87.06 24.10
CA SER B 118 -25.15 -87.52 23.09
C SER B 118 -25.62 -86.37 22.19
N TYR B 119 -25.91 -85.18 22.77
CA TYR B 119 -26.37 -84.01 22.02
C TYR B 119 -25.34 -83.60 20.97
N LEU B 120 -24.08 -83.53 21.39
CA LEU B 120 -22.94 -83.20 20.56
C LEU B 120 -22.67 -84.24 19.48
N GLN B 121 -22.94 -85.52 19.75
CA GLN B 121 -22.75 -86.59 18.76
C GLN B 121 -23.71 -86.38 17.58
N LYS B 122 -25.02 -86.23 17.86
CA LYS B 122 -26.05 -86.02 16.81
C LYS B 122 -25.85 -84.68 16.08
N LEU B 123 -25.18 -83.73 16.74
CA LEU B 123 -24.84 -82.43 16.17
C LEU B 123 -23.66 -82.57 15.17
N GLY B 124 -23.01 -83.73 15.15
CA GLY B 124 -21.90 -84.04 14.25
C GLY B 124 -20.51 -83.91 14.85
N LEU B 125 -20.38 -83.58 16.17
CA LEU B 125 -19.08 -83.44 16.82
C LEU B 125 -18.56 -84.78 17.44
N GLY B 126 -18.78 -85.89 16.74
CA GLY B 126 -18.28 -87.19 17.17
C GLY B 126 -16.95 -87.42 16.49
N GLU B 127 -16.56 -88.70 16.34
CA GLU B 127 -15.36 -89.10 15.60
C GLU B 127 -14.12 -88.22 15.91
N GLY B 128 -13.97 -87.80 17.16
CA GLY B 128 -12.83 -86.99 17.59
C GLY B 128 -12.83 -85.54 17.15
N LYS B 129 -13.94 -85.04 16.60
CA LYS B 129 -14.07 -83.65 16.15
C LYS B 129 -14.12 -82.66 17.33
N LEU B 130 -14.45 -83.16 18.53
CA LEU B 130 -14.55 -82.33 19.71
C LEU B 130 -13.18 -82.07 20.39
N LYS B 131 -12.06 -82.43 19.75
CA LYS B 131 -10.72 -82.19 20.30
C LYS B 131 -10.44 -80.68 20.32
N ARG B 132 -10.61 -80.03 19.16
CA ARG B 132 -10.42 -78.58 19.01
C ARG B 132 -11.44 -77.79 19.83
N VAL B 133 -12.68 -78.28 19.94
CA VAL B 133 -13.74 -77.60 20.70
C VAL B 133 -13.41 -77.55 22.20
N LEU B 134 -12.93 -78.65 22.78
CA LEU B 134 -12.61 -78.70 24.22
C LEU B 134 -11.40 -77.85 24.58
N TYR B 135 -10.44 -77.66 23.66
CA TYR B 135 -9.24 -76.86 23.91
C TYR B 135 -9.59 -75.37 24.04
N CYS B 136 -10.41 -74.85 23.11
CA CYS B 136 -10.81 -73.44 23.08
C CYS B 136 -12.06 -73.18 23.92
N CYS B 137 -13.06 -74.05 23.80
CA CYS B 137 -14.36 -73.88 24.42
C CYS B 137 -14.71 -75.10 25.33
N PRO B 138 -14.01 -75.25 26.48
CA PRO B 138 -14.37 -76.35 27.42
C PRO B 138 -15.73 -76.13 28.10
N GLU B 139 -16.27 -74.90 28.04
CA GLU B 139 -17.58 -74.53 28.58
C GLU B 139 -18.72 -75.29 27.92
N ILE B 140 -18.49 -75.89 26.73
CA ILE B 140 -19.53 -76.58 25.97
C ILE B 140 -20.24 -77.67 26.80
N PHE B 141 -19.55 -78.38 27.71
CA PHE B 141 -20.27 -79.34 28.56
C PHE B 141 -21.07 -78.67 29.70
N THR B 142 -20.78 -77.39 30.04
CA THR B 142 -21.49 -76.62 31.08
C THR B 142 -22.62 -75.73 30.49
N MET B 143 -22.46 -75.28 29.24
CA MET B 143 -23.43 -74.43 28.54
C MET B 143 -24.86 -74.95 28.55
N ARG B 144 -25.83 -74.04 28.36
CA ARG B 144 -27.23 -74.42 28.21
C ARG B 144 -27.41 -74.97 26.80
N GLN B 145 -28.09 -76.12 26.58
CA GLN B 145 -28.21 -76.59 25.20
C GLN B 145 -29.10 -75.67 24.31
N GLN B 146 -30.06 -74.89 24.87
CA GLN B 146 -30.81 -73.97 24.01
C GLN B 146 -29.88 -72.84 23.51
N ASP B 147 -28.83 -72.43 24.28
CA ASP B 147 -27.89 -71.42 23.81
C ASP B 147 -27.07 -71.98 22.65
N ILE B 148 -26.77 -73.29 22.67
CA ILE B 148 -26.06 -73.98 21.58
C ILE B 148 -27.03 -74.14 20.40
N ASN B 149 -28.31 -74.43 20.69
CA ASN B 149 -29.34 -74.59 19.68
C ASN B 149 -29.59 -73.26 18.97
N ASP B 150 -29.56 -72.14 19.71
CA ASP B 150 -29.75 -70.80 19.13
C ASP B 150 -28.65 -70.48 18.11
N THR B 151 -27.39 -70.89 18.38
CA THR B 151 -26.26 -70.64 17.50
C THR B 151 -26.41 -71.49 16.24
N VAL B 152 -26.71 -72.81 16.38
CA VAL B 152 -26.90 -73.65 15.17
C VAL B 152 -28.12 -73.17 14.39
N ARG B 153 -29.16 -72.67 15.09
CA ARG B 153 -30.36 -72.23 14.41
C ARG B 153 -30.08 -70.98 13.58
N LEU B 154 -29.35 -70.01 14.17
CA LEU B 154 -28.93 -68.78 13.48
C LEU B 154 -28.11 -69.08 12.22
N LEU B 155 -27.19 -70.04 12.30
CA LEU B 155 -26.34 -70.39 11.17
C LEU B 155 -27.10 -71.16 10.08
N LYS B 156 -27.94 -72.13 10.47
CA LYS B 156 -28.65 -72.97 9.52
C LYS B 156 -29.79 -72.23 8.79
N GLU B 157 -30.67 -71.50 9.50
CA GLU B 157 -31.80 -70.85 8.83
C GLU B 157 -31.57 -69.38 8.49
N LYS B 158 -30.79 -68.62 9.28
CA LYS B 158 -30.57 -67.20 8.98
C LYS B 158 -29.32 -67.00 8.08
N CYS B 159 -28.23 -67.76 8.26
CA CYS B 159 -27.02 -67.63 7.42
C CYS B 159 -27.02 -68.66 6.25
N LEU B 160 -28.00 -69.58 6.20
CA LEU B 160 -28.18 -70.59 5.15
C LEU B 160 -26.99 -71.57 5.01
N PHE B 161 -26.40 -71.97 6.14
CA PHE B 161 -25.34 -72.98 6.14
C PHE B 161 -25.98 -74.36 6.20
N THR B 162 -25.43 -75.34 5.45
CA THR B 162 -25.96 -76.70 5.50
C THR B 162 -25.51 -77.34 6.83
N VAL B 163 -26.16 -78.45 7.21
CA VAL B 163 -25.86 -79.14 8.47
C VAL B 163 -24.39 -79.56 8.53
N GLN B 164 -23.84 -80.06 7.41
CA GLN B 164 -22.45 -80.47 7.33
C GLN B 164 -21.50 -79.27 7.55
N GLN B 165 -21.87 -78.08 7.05
CA GLN B 165 -21.07 -76.85 7.20
C GLN B 165 -21.12 -76.34 8.63
N VAL B 166 -22.31 -76.36 9.25
CA VAL B 166 -22.49 -75.92 10.63
C VAL B 166 -21.64 -76.79 11.56
N THR B 167 -21.57 -78.10 11.31
CA THR B 167 -20.75 -79.01 12.12
C THR B 167 -19.28 -78.59 11.99
N LYS B 168 -18.82 -78.29 10.76
CA LYS B 168 -17.43 -77.89 10.54
C LYS B 168 -17.17 -76.53 11.18
N ILE B 169 -18.17 -75.61 11.17
CA ILE B 169 -18.02 -74.31 11.81
C ILE B 169 -17.77 -74.50 13.31
N LEU B 170 -18.57 -75.34 13.95
CA LEU B 170 -18.42 -75.61 15.37
C LEU B 170 -17.09 -76.27 15.69
N HIS B 171 -16.65 -77.22 14.87
CA HIS B 171 -15.37 -77.92 15.01
C HIS B 171 -14.19 -76.95 14.92
N SER B 172 -14.15 -76.10 13.87
CA SER B 172 -13.01 -75.22 13.61
C SER B 172 -13.09 -73.80 14.25
N CYS B 173 -14.30 -73.28 14.49
CA CYS B 173 -14.53 -71.98 15.10
C CYS B 173 -15.42 -72.14 16.34
N PRO B 174 -14.94 -72.78 17.42
CA PRO B 174 -15.80 -72.95 18.60
C PRO B 174 -16.25 -71.64 19.24
N SER B 175 -15.47 -70.56 19.06
CA SER B 175 -15.74 -69.20 19.56
C SER B 175 -17.15 -68.69 19.23
N VAL B 176 -17.75 -69.15 18.10
CA VAL B 176 -19.10 -68.74 17.67
C VAL B 176 -20.17 -69.10 18.75
N LEU B 177 -19.93 -70.12 19.61
CA LEU B 177 -20.86 -70.48 20.69
C LEU B 177 -20.90 -69.38 21.75
N ARG B 178 -19.74 -68.75 22.03
CA ARG B 178 -19.64 -67.64 22.98
C ARG B 178 -20.06 -66.28 22.37
N GLU B 179 -20.16 -66.18 21.01
CA GLU B 179 -20.48 -64.95 20.26
C GLU B 179 -21.95 -64.54 20.39
N ASP B 180 -22.24 -63.20 20.30
CA ASP B 180 -23.63 -62.73 20.34
C ASP B 180 -24.26 -63.09 19.00
N LEU B 181 -25.56 -63.38 19.00
CA LEU B 181 -26.26 -63.80 17.80
C LEU B 181 -26.29 -62.68 16.75
N GLY B 182 -26.36 -61.43 17.17
CA GLY B 182 -26.34 -60.28 16.27
C GLY B 182 -24.98 -60.06 15.64
N GLN B 183 -23.93 -60.02 16.50
CA GLN B 183 -22.54 -59.83 16.07
C GLN B 183 -22.14 -60.93 15.08
N LEU B 184 -22.54 -62.19 15.38
CA LEU B 184 -22.26 -63.35 14.54
C LEU B 184 -22.99 -63.28 13.19
N GLU B 185 -24.22 -62.76 13.19
CA GLU B 185 -24.98 -62.59 11.95
C GLU B 185 -24.30 -61.52 11.08
N TYR B 186 -23.95 -60.35 11.66
CA TYR B 186 -23.28 -59.26 10.92
C TYR B 186 -21.93 -59.74 10.37
N LYS B 187 -21.18 -60.51 11.16
CA LYS B 187 -19.87 -61.06 10.74
C LYS B 187 -20.05 -61.95 9.52
N PHE B 188 -21.09 -62.80 9.52
CA PHE B 188 -21.39 -63.65 8.37
C PHE B 188 -21.75 -62.77 7.17
N GLN B 189 -22.68 -61.81 7.36
CA GLN B 189 -23.13 -60.90 6.30
C GLN B 189 -21.95 -60.18 5.63
N TYR B 190 -20.94 -59.77 6.43
CA TYR B 190 -19.74 -59.08 5.92
C TYR B 190 -19.01 -59.97 4.89
N ALA B 191 -18.89 -61.27 5.18
CA ALA B 191 -18.25 -62.18 4.24
C ALA B 191 -19.11 -62.41 2.99
N TYR B 192 -20.41 -62.70 3.17
CA TYR B 192 -21.29 -63.03 2.05
C TYR B 192 -21.61 -61.85 1.14
N PHE B 193 -21.94 -60.68 1.71
CA PHE B 193 -22.36 -59.52 0.93
C PHE B 193 -21.23 -58.52 0.66
N ARG B 194 -20.54 -58.08 1.70
CA ARG B 194 -19.48 -57.07 1.56
C ARG B 194 -18.24 -57.66 0.87
N MET B 195 -17.76 -58.83 1.29
CA MET B 195 -16.57 -59.45 0.70
C MET B 195 -16.90 -60.36 -0.50
N GLY B 196 -18.10 -60.91 -0.55
CA GLY B 196 -18.51 -61.80 -1.64
C GLY B 196 -17.90 -63.18 -1.58
N ILE B 197 -18.03 -63.81 -0.43
CA ILE B 197 -17.49 -65.14 -0.18
C ILE B 197 -18.65 -66.10 -0.10
N LYS B 198 -18.60 -67.19 -0.89
CA LYS B 198 -19.66 -68.20 -0.86
C LYS B 198 -19.54 -69.03 0.41
N HIS B 199 -20.67 -69.59 0.86
CA HIS B 199 -20.74 -70.40 2.09
C HIS B 199 -19.60 -71.44 2.24
N PRO B 200 -19.17 -72.19 1.19
CA PRO B 200 -18.07 -73.17 1.41
C PRO B 200 -16.73 -72.55 1.77
N ASP B 201 -16.34 -71.47 1.09
CA ASP B 201 -15.05 -70.85 1.35
C ASP B 201 -15.03 -70.15 2.74
N ILE B 202 -16.20 -69.71 3.27
CA ILE B 202 -16.30 -69.12 4.62
C ILE B 202 -15.97 -70.20 5.65
N VAL B 203 -16.51 -71.41 5.43
CA VAL B 203 -16.35 -72.55 6.33
C VAL B 203 -14.93 -73.09 6.26
N LYS B 204 -14.43 -73.35 5.03
CA LYS B 204 -13.09 -73.91 4.78
C LYS B 204 -11.97 -73.04 5.35
N SER B 205 -12.11 -71.71 5.28
CA SER B 205 -11.10 -70.78 5.74
C SER B 205 -11.13 -70.50 7.26
N GLU B 206 -12.18 -70.97 7.97
CA GLU B 206 -12.34 -70.78 9.41
C GLU B 206 -12.46 -69.30 9.73
N TYR B 207 -13.20 -68.60 8.87
CA TYR B 207 -13.40 -67.14 8.91
C TYR B 207 -14.08 -66.66 10.19
N LEU B 208 -15.10 -67.37 10.67
CA LEU B 208 -15.87 -66.93 11.82
C LEU B 208 -15.10 -66.95 13.18
N GLN B 209 -13.85 -67.47 13.25
CA GLN B 209 -13.09 -67.46 14.50
C GLN B 209 -12.46 -66.08 14.77
N TYR B 210 -12.24 -65.27 13.71
CA TYR B 210 -11.56 -63.97 13.83
C TYR B 210 -12.50 -62.85 14.19
N SER B 211 -11.96 -61.75 14.76
CA SER B 211 -12.74 -60.59 15.16
C SER B 211 -13.15 -59.77 13.97
N LEU B 212 -14.34 -59.15 14.03
CA LEU B 212 -14.81 -58.29 12.94
C LEU B 212 -13.83 -57.14 12.70
N THR B 213 -13.18 -56.63 13.77
CA THR B 213 -12.18 -55.58 13.68
C THR B 213 -11.01 -56.04 12.82
N LYS B 214 -10.43 -57.22 13.12
CA LYS B 214 -9.30 -57.77 12.35
C LYS B 214 -9.72 -57.98 10.89
N ILE B 215 -10.93 -58.50 10.69
CA ILE B 215 -11.49 -58.76 9.36
C ILE B 215 -11.62 -57.45 8.58
N LYS B 216 -12.26 -56.44 9.18
CA LYS B 216 -12.46 -55.13 8.54
C LYS B 216 -11.13 -54.46 8.23
N GLN B 217 -10.20 -54.48 9.21
CA GLN B 217 -8.86 -53.90 9.06
C GLN B 217 -8.12 -54.43 7.84
N ARG B 218 -8.04 -55.75 7.72
CA ARG B 218 -7.30 -56.39 6.64
C ARG B 218 -8.05 -56.34 5.29
N HIS B 219 -9.38 -56.57 5.29
CA HIS B 219 -10.16 -56.53 4.04
C HIS B 219 -10.20 -55.13 3.42
N ILE B 220 -10.50 -54.10 4.23
CA ILE B 220 -10.65 -52.73 3.72
C ILE B 220 -9.28 -52.19 3.27
N TYR B 221 -8.19 -52.56 3.96
CA TYR B 221 -6.85 -52.12 3.57
C TYR B 221 -6.54 -52.63 2.18
N LEU B 222 -6.71 -53.94 1.96
CA LEU B 222 -6.48 -54.57 0.66
C LEU B 222 -7.42 -54.01 -0.40
N GLU B 223 -8.70 -53.80 -0.05
CA GLU B 223 -9.69 -53.25 -0.98
C GLU B 223 -9.24 -51.86 -1.50
N ARG B 224 -8.82 -50.97 -0.59
CA ARG B 224 -8.38 -49.63 -0.93
C ARG B 224 -7.02 -49.63 -1.60
N LEU B 225 -6.16 -50.62 -1.31
CA LEU B 225 -4.86 -50.78 -1.99
C LEU B 225 -5.07 -51.28 -3.44
N GLY B 226 -6.21 -51.93 -3.71
CA GLY B 226 -6.55 -52.50 -5.00
C GLY B 226 -6.18 -53.96 -5.10
N ARG B 227 -5.76 -54.56 -3.97
CA ARG B 227 -5.33 -55.95 -3.94
C ARG B 227 -6.48 -56.91 -3.61
N TYR B 228 -7.71 -56.37 -3.32
CA TYR B 228 -8.91 -57.17 -3.10
C TYR B 228 -10.09 -56.57 -3.87
N GLN B 229 -10.59 -57.28 -4.87
CA GLN B 229 -11.78 -56.87 -5.64
C GLN B 229 -13.00 -57.63 -5.13
N THR B 230 -14.15 -56.96 -5.00
CA THR B 230 -15.36 -57.65 -4.54
C THR B 230 -15.96 -58.41 -5.74
N PRO B 231 -16.09 -59.76 -5.67
CA PRO B 231 -16.61 -60.51 -6.82
C PRO B 231 -18.09 -60.27 -7.08
N ASP B 232 -18.46 -59.99 -8.35
CA ASP B 232 -19.85 -59.76 -8.73
C ASP B 232 -20.00 -59.78 -10.26
N LYS B 233 -21.10 -60.31 -10.85
CA LYS B 233 -22.23 -61.01 -10.22
C LYS B 233 -22.04 -62.52 -10.26
N LYS B 234 -21.15 -63.02 -11.14
CA LYS B 234 -20.89 -64.46 -11.33
C LYS B 234 -19.81 -64.99 -10.37
N GLY B 235 -19.41 -64.21 -9.36
CA GLY B 235 -18.38 -64.63 -8.41
C GLY B 235 -17.00 -64.63 -9.06
N GLN B 236 -16.74 -63.65 -9.94
CA GLN B 236 -15.49 -63.52 -10.67
C GLN B 236 -14.92 -62.11 -10.54
N THR B 237 -13.59 -62.02 -10.53
CA THR B 237 -12.82 -60.78 -10.43
C THR B 237 -11.86 -60.68 -11.61
N GLN B 238 -11.31 -59.49 -11.83
CA GLN B 238 -10.33 -59.23 -12.88
C GLN B 238 -9.08 -60.05 -12.58
N ILE B 239 -8.54 -59.85 -11.36
CA ILE B 239 -7.39 -60.60 -10.84
C ILE B 239 -7.89 -61.41 -9.64
N PRO B 240 -7.48 -62.69 -9.46
CA PRO B 240 -7.95 -63.44 -8.29
C PRO B 240 -7.45 -62.84 -6.98
N ASN B 241 -8.37 -62.71 -6.01
CA ASN B 241 -8.05 -62.15 -4.70
C ASN B 241 -7.15 -63.09 -3.90
N PRO B 242 -6.38 -62.60 -2.91
CA PRO B 242 -5.59 -63.53 -2.09
C PRO B 242 -6.49 -64.46 -1.30
N LEU B 243 -5.94 -65.58 -0.86
CA LEU B 243 -6.72 -66.59 -0.15
C LEU B 243 -7.03 -66.11 1.25
N LEU B 244 -8.27 -66.38 1.72
CA LEU B 244 -8.73 -65.96 3.05
C LEU B 244 -7.73 -66.27 4.17
N LYS B 245 -7.04 -67.42 4.11
CA LYS B 245 -6.04 -67.78 5.12
C LYS B 245 -4.84 -66.83 5.05
N ASP B 246 -4.38 -66.46 3.84
CA ASP B 246 -3.26 -65.53 3.68
C ASP B 246 -3.62 -64.09 4.12
N ILE B 247 -4.93 -63.79 4.26
CA ILE B 247 -5.42 -62.51 4.73
C ILE B 247 -5.55 -62.53 6.26
N LEU B 248 -6.30 -63.49 6.81
CA LEU B 248 -6.65 -63.55 8.24
C LEU B 248 -5.78 -64.49 9.12
N ARG B 249 -5.62 -65.77 8.74
CA ARG B 249 -4.86 -66.75 9.55
C ARG B 249 -3.43 -66.30 9.80
N VAL B 250 -2.80 -65.70 8.80
CA VAL B 250 -1.39 -65.32 8.85
C VAL B 250 -1.15 -64.12 9.81
N SER B 251 0.11 -63.95 10.23
CA SER B 251 0.54 -62.88 11.12
C SER B 251 0.41 -61.51 10.45
N GLU B 252 0.42 -60.43 11.24
CA GLU B 252 0.36 -59.07 10.69
C GLU B 252 1.59 -58.80 9.82
N ALA B 253 2.78 -59.26 10.28
CA ALA B 253 4.03 -59.10 9.57
C ALA B 253 4.00 -59.82 8.22
N GLU B 254 3.53 -61.08 8.21
CA GLU B 254 3.43 -61.88 6.99
C GLU B 254 2.38 -61.31 6.04
N PHE B 255 1.24 -60.84 6.59
CA PHE B 255 0.15 -60.23 5.82
C PHE B 255 0.68 -59.03 5.07
N LEU B 256 1.43 -58.17 5.76
CA LEU B 256 1.97 -56.96 5.17
C LEU B 256 3.14 -57.23 4.24
N ALA B 257 3.89 -58.32 4.43
CA ALA B 257 5.05 -58.61 3.59
C ALA B 257 4.66 -59.32 2.31
N ARG B 258 3.75 -60.27 2.38
CA ARG B 258 3.39 -61.08 1.21
C ARG B 258 2.08 -60.65 0.55
N THR B 259 1.02 -60.40 1.32
CA THR B 259 -0.29 -60.08 0.76
C THR B 259 -0.48 -58.59 0.45
N ALA B 260 -0.43 -57.71 1.49
CA ALA B 260 -0.66 -56.27 1.32
C ALA B 260 0.52 -55.58 0.65
N CYS B 261 1.76 -56.01 0.96
CA CYS B 261 2.99 -55.47 0.40
C CYS B 261 3.12 -53.98 0.72
N THR B 262 3.05 -53.65 2.02
CA THR B 262 3.23 -52.27 2.51
C THR B 262 4.08 -52.30 3.76
N SER B 263 4.53 -51.12 4.20
CA SER B 263 5.33 -51.03 5.42
C SER B 263 4.46 -51.27 6.64
N VAL B 264 5.10 -51.47 7.78
CA VAL B 264 4.38 -51.71 9.04
C VAL B 264 3.78 -50.39 9.50
N GLU B 265 4.62 -49.33 9.55
CA GLU B 265 4.20 -47.98 9.96
C GLU B 265 2.94 -47.50 9.21
N GLU B 266 2.84 -47.77 7.89
CA GLU B 266 1.70 -47.36 7.06
C GLU B 266 0.41 -48.03 7.52
N PHE B 267 0.45 -49.32 7.85
CA PHE B 267 -0.74 -50.03 8.30
C PHE B 267 -1.15 -49.56 9.71
N GLN B 268 -0.20 -49.18 10.58
CA GLN B 268 -0.54 -48.68 11.92
C GLN B 268 -1.39 -47.43 11.80
N VAL B 269 -1.06 -46.55 10.85
CA VAL B 269 -1.82 -45.32 10.59
C VAL B 269 -3.20 -45.69 10.02
N PHE B 270 -3.23 -46.69 9.10
CA PHE B 270 -4.49 -47.15 8.52
C PHE B 270 -5.45 -47.63 9.61
N LYS B 271 -4.94 -48.41 10.59
CA LYS B 271 -5.76 -48.91 11.68
C LYS B 271 -6.40 -47.74 12.47
N LYS B 272 -5.62 -46.67 12.72
CA LYS B 272 -6.10 -45.49 13.43
C LYS B 272 -7.13 -44.74 12.60
N LEU B 273 -6.88 -44.57 11.28
CA LEU B 273 -7.83 -43.90 10.39
C LEU B 273 -9.14 -44.67 10.33
N LEU B 274 -9.07 -46.00 10.14
CA LEU B 274 -10.28 -46.82 10.05
C LEU B 274 -11.05 -46.81 11.36
N ALA B 275 -10.35 -46.88 12.51
CA ALA B 275 -10.99 -46.83 13.83
C ALA B 275 -11.87 -45.59 13.96
N ARG B 276 -11.33 -44.43 13.53
CA ARG B 276 -12.05 -43.15 13.55
C ARG B 276 -13.22 -43.15 12.57
N GLU B 277 -13.04 -43.76 11.38
CA GLU B 277 -14.12 -43.84 10.40
C GLU B 277 -15.30 -44.63 10.95
N GLU B 278 -15.02 -45.71 11.70
CA GLU B 278 -16.07 -46.53 12.30
C GLU B 278 -16.77 -45.75 13.42
N GLU B 279 -15.99 -45.11 14.32
CA GLU B 279 -16.51 -44.29 15.44
C GLU B 279 -17.54 -43.25 14.98
N GLU B 280 -17.31 -42.66 13.81
CA GLU B 280 -18.19 -41.66 13.22
C GLU B 280 -19.19 -42.36 12.27
N SER B 281 -20.28 -42.95 12.86
CA SER B 281 -21.36 -43.68 12.18
C SER B 281 -20.89 -44.53 10.98
N PRO C 15 -27.11 33.93 -34.49
CA PRO C 15 -27.83 34.50 -33.34
C PRO C 15 -27.65 33.60 -32.12
N ALA C 16 -28.13 32.34 -32.17
CA ALA C 16 -27.92 31.39 -31.06
C ALA C 16 -26.43 31.15 -30.84
N VAL C 17 -25.66 31.16 -31.94
CA VAL C 17 -24.21 31.03 -31.94
C VAL C 17 -23.60 32.27 -31.25
N ARG C 18 -24.18 33.45 -31.49
CA ARG C 18 -23.73 34.69 -30.86
C ARG C 18 -24.19 34.74 -29.40
N LEU C 19 -25.39 34.22 -29.09
CA LEU C 19 -25.88 34.16 -27.70
C LEU C 19 -25.02 33.22 -26.87
N ALA C 20 -24.56 32.10 -27.50
CA ALA C 20 -23.66 31.13 -26.85
C ALA C 20 -22.35 31.79 -26.49
N LEU C 21 -21.75 32.53 -27.45
CA LEU C 21 -20.49 33.24 -27.23
C LEU C 21 -20.66 34.38 -26.24
N GLN C 22 -21.80 35.07 -26.30
CA GLN C 22 -22.12 36.16 -25.38
C GLN C 22 -22.20 35.63 -23.96
N ASN C 23 -22.86 34.49 -23.78
CA ASN C 23 -23.01 33.84 -22.49
C ASN C 23 -21.65 33.34 -21.97
N PHE C 24 -20.81 32.82 -22.86
CA PHE C 24 -19.47 32.34 -22.50
C PHE C 24 -18.56 33.49 -22.15
N ASP C 25 -18.67 34.62 -22.82
CA ASP C 25 -17.85 35.77 -22.47
C ASP C 25 -18.16 36.23 -21.05
N MET C 26 -19.44 36.27 -20.67
CA MET C 26 -19.86 36.68 -19.33
C MET C 26 -19.37 35.72 -18.26
N THR C 27 -19.68 34.44 -18.49
CA THR C 27 -19.41 33.38 -17.54
C THR C 27 -17.94 33.01 -17.48
N TYR C 28 -17.35 32.64 -18.62
CA TYR C 28 -16.00 32.08 -18.67
C TYR C 28 -14.89 33.13 -18.48
N SER C 29 -15.14 34.41 -18.74
CA SER C 29 -14.11 35.41 -18.46
C SER C 29 -13.89 35.51 -16.95
N VAL C 30 -14.93 35.24 -16.17
CA VAL C 30 -14.88 35.29 -14.72
C VAL C 30 -14.19 34.04 -14.20
N GLN C 31 -14.55 32.87 -14.74
CA GLN C 31 -14.01 31.60 -14.31
C GLN C 31 -12.50 31.49 -14.54
N PHE C 32 -12.08 31.67 -15.79
CA PHE C 32 -10.69 31.47 -16.21
C PHE C 32 -9.85 32.74 -16.13
N GLY C 33 -10.47 33.91 -16.13
CA GLY C 33 -9.76 35.17 -15.99
C GLY C 33 -8.92 35.51 -17.19
N ASP C 34 -7.60 35.62 -16.99
CA ASP C 34 -6.65 35.95 -18.06
C ASP C 34 -6.37 34.72 -18.96
N LEU C 35 -6.90 33.53 -18.60
CA LEU C 35 -6.77 32.32 -19.42
C LEU C 35 -7.91 32.22 -20.44
N TRP C 36 -9.01 32.94 -20.25
CA TRP C 36 -10.17 32.89 -21.13
C TRP C 36 -9.85 33.24 -22.62
N PRO C 37 -9.03 34.25 -22.95
CA PRO C 37 -8.76 34.54 -24.36
C PRO C 37 -8.17 33.37 -25.12
N SER C 38 -7.14 32.71 -24.55
CA SER C 38 -6.49 31.55 -25.17
C SER C 38 -7.49 30.42 -25.43
N ILE C 39 -8.51 30.28 -24.57
CA ILE C 39 -9.59 29.29 -24.72
C ILE C 39 -10.58 29.77 -25.79
N ARG C 40 -10.97 31.07 -25.71
CA ARG C 40 -11.92 31.68 -26.64
C ARG C 40 -11.46 31.53 -28.08
N VAL C 41 -10.18 31.85 -28.37
CA VAL C 41 -9.65 31.75 -29.73
C VAL C 41 -9.65 30.29 -30.21
N SER C 42 -9.40 29.35 -29.28
CA SER C 42 -9.38 27.94 -29.60
C SER C 42 -10.78 27.41 -29.89
N LEU C 43 -11.78 27.85 -29.13
CA LEU C 43 -13.17 27.44 -29.40
C LEU C 43 -13.67 27.96 -30.75
N LEU C 44 -13.16 29.12 -31.19
CA LEU C 44 -13.54 29.75 -32.46
C LEU C 44 -12.59 29.40 -33.64
N SER C 45 -11.77 28.35 -33.49
CA SER C 45 -10.84 27.88 -34.51
C SER C 45 -11.03 26.37 -34.71
N GLU C 46 -10.35 25.78 -35.71
CA GLU C 46 -10.51 24.35 -35.99
C GLU C 46 -9.97 23.48 -34.88
N GLN C 47 -10.76 22.48 -34.50
CA GLN C 47 -10.41 21.56 -33.44
C GLN C 47 -9.51 20.44 -33.91
N LYS C 48 -8.77 19.90 -32.96
CA LYS C 48 -7.82 18.83 -33.17
C LYS C 48 -8.51 17.51 -32.90
N TYR C 49 -8.23 16.52 -33.75
CA TYR C 49 -8.81 15.20 -33.66
C TYR C 49 -7.74 14.16 -33.41
N GLY C 50 -8.18 13.05 -32.83
CA GLY C 50 -7.36 11.86 -32.59
C GLY C 50 -7.98 10.71 -33.34
N ALA C 51 -7.17 9.76 -33.84
CA ALA C 51 -7.70 8.60 -34.56
C ALA C 51 -7.70 7.39 -33.66
N LEU C 52 -8.87 7.08 -33.08
CA LEU C 52 -9.01 5.90 -32.22
C LEU C 52 -8.96 4.67 -33.08
N VAL C 53 -7.91 3.85 -32.94
CA VAL C 53 -7.75 2.66 -33.76
C VAL C 53 -8.80 1.59 -33.40
N ASN C 54 -9.37 0.94 -34.45
CA ASN C 54 -10.34 -0.13 -34.31
C ASN C 54 -9.59 -1.45 -34.14
N ASN C 55 -9.66 -2.04 -32.94
CA ASN C 55 -8.98 -3.30 -32.60
C ASN C 55 -9.58 -4.50 -33.31
N PHE C 56 -10.82 -4.39 -33.81
CA PHE C 56 -11.45 -5.46 -34.57
C PHE C 56 -10.94 -5.50 -36.03
N ALA C 57 -10.36 -4.38 -36.53
CA ALA C 57 -9.91 -4.27 -37.91
C ALA C 57 -8.37 -4.40 -38.07
N ALA C 58 -7.71 -5.26 -37.27
CA ALA C 58 -6.25 -5.46 -37.33
C ALA C 58 -5.46 -4.15 -37.04
N TRP C 59 -5.53 -3.71 -35.77
CA TRP C 59 -4.90 -2.49 -35.25
C TRP C 59 -3.38 -2.33 -35.55
N ASP C 60 -2.60 -3.41 -35.67
CA ASP C 60 -1.15 -3.30 -35.91
C ASP C 60 -0.86 -2.59 -37.26
N HIS C 61 -1.61 -2.94 -38.33
CA HIS C 61 -1.43 -2.33 -39.66
C HIS C 61 -1.93 -0.90 -39.67
N VAL C 62 -3.06 -0.64 -38.98
CA VAL C 62 -3.63 0.70 -38.88
C VAL C 62 -2.64 1.59 -38.10
N SER C 63 -2.13 1.08 -36.96
CA SER C 63 -1.14 1.82 -36.16
C SER C 63 0.08 2.17 -37.03
N ALA C 64 0.63 1.19 -37.75
CA ALA C 64 1.76 1.42 -38.65
C ALA C 64 1.44 2.45 -39.73
N LYS C 65 0.23 2.37 -40.32
CA LYS C 65 -0.23 3.31 -41.34
C LYS C 65 -0.32 4.73 -40.79
N LEU C 66 -0.88 4.89 -39.58
CA LEU C 66 -1.02 6.20 -38.94
C LEU C 66 0.34 6.79 -38.53
N GLU C 67 1.34 5.94 -38.21
CA GLU C 67 2.69 6.43 -37.87
C GLU C 67 3.37 7.09 -39.07
N GLN C 68 3.02 6.65 -40.32
CA GLN C 68 3.60 7.21 -41.56
C GLN C 68 3.26 8.68 -41.71
N LEU C 69 2.13 9.12 -41.14
CA LEU C 69 1.70 10.51 -41.18
C LEU C 69 2.44 11.40 -40.16
N SER C 70 3.29 10.82 -39.28
CA SER C 70 4.01 11.49 -38.18
C SER C 70 3.10 11.61 -36.93
N ALA C 71 2.01 10.83 -36.89
CA ALA C 71 1.12 10.81 -35.74
C ALA C 71 1.65 9.80 -34.75
N LYS C 72 1.29 9.95 -33.48
CA LYS C 72 1.76 9.08 -32.41
C LYS C 72 0.64 8.76 -31.43
N ASP C 73 0.61 7.51 -30.93
CA ASP C 73 -0.39 7.06 -29.95
C ASP C 73 -0.13 7.70 -28.60
N PHE C 74 -1.03 8.59 -28.15
CA PHE C 74 -0.87 9.28 -26.87
C PHE C 74 -1.25 8.41 -25.68
N VAL C 75 -2.08 7.39 -25.87
CA VAL C 75 -2.44 6.53 -24.76
C VAL C 75 -1.19 5.71 -24.42
N ASN C 76 -0.40 5.32 -25.45
CA ASN C 76 0.82 4.56 -25.19
C ASN C 76 1.89 5.44 -24.56
N GLU C 77 2.08 6.66 -25.10
CA GLU C 77 3.05 7.60 -24.56
C GLU C 77 2.76 7.84 -23.10
N ALA C 78 1.48 8.05 -22.76
CA ALA C 78 1.03 8.26 -21.39
C ALA C 78 1.34 7.06 -20.49
N ILE C 79 0.92 5.85 -20.89
CA ILE C 79 1.15 4.63 -20.12
C ILE C 79 2.63 4.38 -19.83
N SER C 80 3.53 4.68 -20.79
CA SER C 80 4.98 4.51 -20.62
C SER C 80 5.51 5.25 -19.38
N HIS C 81 4.95 6.44 -19.10
CA HIS C 81 5.33 7.28 -17.97
C HIS C 81 4.41 7.07 -16.76
N TRP C 82 3.66 5.95 -16.70
CA TRP C 82 2.76 5.71 -15.57
C TRP C 82 3.59 5.39 -14.31
N GLU C 83 4.72 4.68 -14.48
CA GLU C 83 5.64 4.33 -13.39
C GLU C 83 6.30 5.59 -12.79
N LEU C 84 6.77 6.51 -13.65
CA LEU C 84 7.40 7.78 -13.24
C LEU C 84 6.43 8.71 -12.49
N GLN C 85 6.90 9.34 -11.39
CA GLN C 85 6.14 10.27 -10.55
C GLN C 85 4.91 9.58 -9.94
N PRO C 94 2.30 2.84 -7.64
CA PRO C 94 1.18 2.31 -6.86
C PRO C 94 0.61 1.02 -7.45
N SER C 95 0.16 1.07 -8.72
CA SER C 95 -0.41 -0.08 -9.44
C SER C 95 -0.11 0.02 -10.93
N PRO C 96 -0.07 -1.11 -11.68
CA PRO C 96 0.18 -1.02 -13.13
C PRO C 96 -0.83 -0.14 -13.84
N ALA C 97 -0.45 0.42 -14.99
CA ALA C 97 -1.34 1.28 -15.75
C ALA C 97 -2.64 0.59 -16.07
N SER C 98 -2.60 -0.72 -16.40
CA SER C 98 -3.79 -1.53 -16.71
C SER C 98 -4.77 -1.62 -15.53
N TRP C 99 -4.26 -1.56 -14.31
CA TRP C 99 -5.12 -1.59 -13.13
C TRP C 99 -5.92 -0.26 -12.94
N ALA C 100 -5.26 0.85 -13.26
CA ALA C 100 -5.80 2.20 -13.06
C ALA C 100 -6.52 2.76 -14.26
N CYS C 101 -6.02 2.44 -15.44
CA CYS C 101 -6.41 3.05 -16.70
C CYS C 101 -6.86 2.00 -17.71
N SER C 102 -8.08 2.20 -18.31
CA SER C 102 -8.68 1.26 -19.26
C SER C 102 -7.70 0.89 -20.39
N PRO C 103 -7.49 -0.41 -20.66
CA PRO C 103 -6.44 -0.81 -21.61
C PRO C 103 -6.85 -0.94 -23.07
N ASN C 104 -5.84 -1.26 -23.92
CA ASN C 104 -5.96 -1.57 -25.33
C ASN C 104 -6.58 -0.43 -26.16
N LEU C 105 -6.49 0.82 -25.67
CA LEU C 105 -6.99 1.97 -26.40
C LEU C 105 -5.81 2.62 -27.08
N ARG C 106 -5.81 2.63 -28.42
CA ARG C 106 -4.74 3.22 -29.21
C ARG C 106 -5.33 4.38 -29.94
N CYS C 107 -4.90 5.60 -29.61
CA CYS C 107 -5.42 6.80 -30.25
C CYS C 107 -4.29 7.69 -30.69
N PHE C 108 -4.18 7.89 -32.01
CA PHE C 108 -3.13 8.66 -32.63
C PHE C 108 -3.52 10.12 -32.79
N THR C 109 -2.57 11.01 -32.48
CA THR C 109 -2.71 12.46 -32.65
C THR C 109 -1.43 12.98 -33.27
N PHE C 110 -1.49 14.15 -33.90
CA PHE C 110 -0.28 14.77 -34.44
C PHE C 110 0.42 15.51 -33.30
N ASP C 111 1.70 15.88 -33.47
CA ASP C 111 2.50 16.54 -32.43
C ASP C 111 1.88 17.87 -31.97
N ARG C 112 2.35 18.37 -30.82
CA ARG C 112 1.90 19.64 -30.25
C ARG C 112 2.26 20.76 -31.21
N GLY C 113 1.25 21.51 -31.66
CA GLY C 113 1.44 22.60 -32.61
C GLY C 113 1.15 22.20 -34.05
N ASP C 114 1.13 20.89 -34.36
CA ASP C 114 0.81 20.39 -35.70
C ASP C 114 -0.71 20.47 -35.89
N ILE C 115 -1.16 20.96 -37.05
CA ILE C 115 -2.60 21.09 -37.35
C ILE C 115 -3.04 20.12 -38.45
N SER C 116 -2.19 19.13 -38.82
CA SER C 116 -2.54 18.18 -39.86
C SER C 116 -3.85 17.44 -39.53
N ARG C 117 -4.59 17.08 -40.59
CA ARG C 117 -5.85 16.37 -40.47
C ARG C 117 -5.69 14.94 -40.94
N PHE C 118 -6.33 14.02 -40.23
CA PHE C 118 -6.34 12.63 -40.60
C PHE C 118 -7.26 12.47 -41.78
N PRO C 119 -6.94 11.62 -42.74
CA PRO C 119 -7.88 11.38 -43.83
C PRO C 119 -9.09 10.60 -43.31
N PRO C 120 -10.22 10.59 -44.02
CA PRO C 120 -11.36 9.82 -43.52
C PRO C 120 -11.06 8.35 -43.42
N ALA C 121 -11.69 7.72 -42.44
CA ALA C 121 -11.55 6.30 -42.19
C ALA C 121 -12.19 5.52 -43.31
N ARG C 122 -11.56 4.44 -43.75
CA ARG C 122 -12.07 3.60 -44.83
C ARG C 122 -12.30 2.20 -44.33
N PRO C 123 -13.27 1.43 -44.87
CA PRO C 123 -13.41 0.03 -44.42
C PRO C 123 -12.19 -0.78 -44.84
N GLY C 124 -11.67 -1.59 -43.92
CA GLY C 124 -10.44 -2.35 -44.12
C GLY C 124 -10.60 -3.81 -44.50
N SER C 125 -9.94 -4.69 -43.73
CA SER C 125 -9.88 -6.13 -43.98
C SER C 125 -11.25 -6.83 -43.94
N LEU C 126 -11.91 -6.82 -42.76
CA LEU C 126 -13.19 -7.50 -42.55
C LEU C 126 -14.41 -6.59 -42.84
N GLY C 127 -14.25 -5.59 -43.70
CA GLY C 127 -15.34 -4.67 -44.01
C GLY C 127 -15.67 -3.69 -42.90
N VAL C 128 -14.79 -3.58 -41.89
CA VAL C 128 -15.02 -2.67 -40.76
C VAL C 128 -14.10 -1.48 -40.90
N MET C 129 -14.49 -0.35 -40.30
CA MET C 129 -13.76 0.92 -40.35
C MET C 129 -12.44 0.80 -39.60
N GLU C 130 -11.36 1.39 -40.15
CA GLU C 130 -10.00 1.28 -39.60
C GLU C 130 -9.82 2.04 -38.28
N TYR C 131 -10.37 3.25 -38.20
CA TYR C 131 -10.27 4.11 -37.02
C TYR C 131 -11.42 5.08 -36.95
N TYR C 132 -11.64 5.68 -35.78
CA TYR C 132 -12.72 6.63 -35.55
C TYR C 132 -12.13 7.96 -35.17
N LEU C 133 -12.41 9.01 -35.96
CA LEU C 133 -11.89 10.33 -35.65
C LEU C 133 -12.79 10.99 -34.61
N MET C 134 -12.16 11.60 -33.61
CA MET C 134 -12.87 12.21 -32.50
C MET C 134 -11.98 13.18 -31.74
N ASP C 135 -12.59 13.95 -30.83
CA ASP C 135 -11.84 14.81 -29.92
C ASP C 135 -11.04 13.86 -29.06
N ALA C 136 -9.71 13.97 -29.08
CA ALA C 136 -8.86 13.07 -28.31
C ALA C 136 -9.21 13.08 -26.83
N ALA C 137 -9.61 14.25 -26.28
CA ALA C 137 -10.01 14.38 -24.87
C ALA C 137 -11.21 13.51 -24.51
N SER C 138 -12.13 13.22 -25.46
CA SER C 138 -13.29 12.35 -25.21
C SER C 138 -12.90 10.93 -24.78
N LEU C 139 -11.66 10.54 -25.00
CA LEU C 139 -11.19 9.23 -24.60
C LEU C 139 -10.81 9.19 -23.12
N LEU C 140 -10.49 10.35 -22.52
CA LEU C 140 -10.01 10.44 -21.14
C LEU C 140 -11.04 9.97 -20.10
N PRO C 141 -12.34 10.31 -20.19
CA PRO C 141 -13.31 9.75 -19.22
C PRO C 141 -13.37 8.23 -19.31
N VAL C 142 -13.25 7.67 -20.52
CA VAL C 142 -13.27 6.23 -20.71
C VAL C 142 -12.01 5.61 -20.11
N LEU C 143 -10.84 6.22 -20.39
CA LEU C 143 -9.57 5.77 -19.82
C LEU C 143 -9.61 5.85 -18.30
N ALA C 144 -10.00 7.01 -17.75
CA ALA C 144 -10.08 7.27 -16.32
C ALA C 144 -11.03 6.33 -15.58
N LEU C 145 -12.08 5.83 -16.26
CA LEU C 145 -13.06 4.93 -15.63
C LEU C 145 -12.40 3.61 -15.17
N GLY C 146 -11.28 3.24 -15.77
CA GLY C 146 -10.45 2.12 -15.34
C GLY C 146 -11.06 0.75 -15.45
N LEU C 147 -11.64 0.42 -16.61
CA LEU C 147 -12.23 -0.90 -16.87
C LEU C 147 -11.21 -2.01 -16.62
N GLN C 148 -11.65 -3.07 -15.91
CA GLN C 148 -10.85 -4.25 -15.62
C GLN C 148 -11.49 -5.43 -16.32
N PRO C 149 -10.75 -6.52 -16.60
CA PRO C 149 -11.35 -7.65 -17.32
C PRO C 149 -12.58 -8.24 -16.61
N GLY C 150 -13.65 -8.45 -17.38
CA GLY C 150 -14.89 -9.02 -16.89
C GLY C 150 -15.90 -8.08 -16.26
N ASP C 151 -15.72 -6.76 -16.45
CA ASP C 151 -16.65 -5.78 -15.87
C ASP C 151 -18.00 -5.70 -16.60
N ILE C 152 -19.06 -5.43 -15.81
CA ILE C 152 -20.41 -5.16 -16.27
C ILE C 152 -20.42 -3.66 -16.41
N VAL C 153 -20.55 -3.13 -17.64
CA VAL C 153 -20.43 -1.68 -17.90
C VAL C 153 -21.71 -1.07 -18.40
N LEU C 154 -21.98 0.19 -18.01
CA LEU C 154 -23.13 0.96 -18.45
C LEU C 154 -22.71 2.32 -18.98
N ASP C 155 -23.18 2.68 -20.18
CA ASP C 155 -22.97 4.01 -20.78
C ASP C 155 -24.37 4.59 -20.80
N LEU C 156 -24.74 5.34 -19.75
CA LEU C 156 -26.09 5.85 -19.54
C LEU C 156 -26.58 6.83 -20.63
N CYS C 157 -25.65 7.60 -21.23
CA CYS C 157 -25.92 8.59 -22.27
C CYS C 157 -24.92 8.34 -23.39
N ALA C 158 -25.15 7.26 -24.10
CA ALA C 158 -24.21 6.68 -25.06
C ALA C 158 -24.18 7.29 -26.45
N ALA C 159 -25.29 7.84 -26.96
CA ALA C 159 -25.34 8.28 -28.36
C ALA C 159 -24.56 9.59 -28.61
N PRO C 160 -23.91 9.74 -29.80
CA PRO C 160 -23.88 8.83 -30.96
C PRO C 160 -22.97 7.60 -30.87
N GLY C 161 -22.24 7.40 -29.76
CA GLY C 161 -21.44 6.19 -29.57
C GLY C 161 -19.93 6.26 -29.60
N GLY C 162 -19.36 7.47 -29.56
CA GLY C 162 -17.91 7.60 -29.54
C GLY C 162 -17.27 6.92 -28.34
N LYS C 163 -17.78 7.23 -27.14
CA LYS C 163 -17.24 6.65 -25.91
C LYS C 163 -17.69 5.18 -25.77
N THR C 164 -18.88 4.83 -26.28
CA THR C 164 -19.36 3.44 -26.29
C THR C 164 -18.40 2.57 -27.07
N LEU C 165 -17.98 3.08 -28.22
CA LEU C 165 -17.03 2.40 -29.09
C LEU C 165 -15.74 2.16 -28.33
N ALA C 166 -15.21 3.20 -27.66
CA ALA C 166 -13.98 3.06 -26.88
C ALA C 166 -14.17 2.06 -25.75
N LEU C 167 -15.30 2.10 -25.04
CA LEU C 167 -15.53 1.13 -23.97
C LEU C 167 -15.43 -0.31 -24.52
N LEU C 168 -15.99 -0.58 -25.71
CA LEU C 168 -15.88 -1.90 -26.36
C LEU C 168 -14.45 -2.27 -26.72
N GLN C 169 -13.70 -1.31 -27.29
CA GLN C 169 -12.32 -1.52 -27.73
C GLN C 169 -11.41 -2.12 -26.62
N THR C 170 -11.72 -1.88 -25.33
CA THR C 170 -10.89 -2.36 -24.23
C THR C 170 -10.82 -3.88 -24.15
N GLY C 171 -11.87 -4.57 -24.58
CA GLY C 171 -11.95 -6.02 -24.49
C GLY C 171 -12.18 -6.50 -23.06
N CYS C 172 -12.64 -5.61 -22.18
CA CYS C 172 -12.88 -5.87 -20.75
C CYS C 172 -14.36 -6.07 -20.45
N CYS C 173 -15.27 -5.52 -21.29
CA CYS C 173 -16.70 -5.58 -21.02
C CYS C 173 -17.24 -7.01 -21.13
N ARG C 174 -17.66 -7.58 -20.00
CA ARG C 174 -18.40 -8.83 -20.00
C ARG C 174 -19.70 -8.53 -20.68
N ASN C 175 -20.31 -7.42 -20.24
CA ASN C 175 -21.54 -6.85 -20.75
C ASN C 175 -21.40 -5.34 -20.86
N LEU C 176 -21.97 -4.74 -21.91
CA LEU C 176 -21.97 -3.30 -22.11
C LEU C 176 -23.38 -2.81 -22.42
N ALA C 177 -23.96 -2.01 -21.51
CA ALA C 177 -25.27 -1.43 -21.72
C ALA C 177 -25.07 -0.04 -22.29
N ALA C 178 -25.63 0.25 -23.46
CA ALA C 178 -25.56 1.56 -24.09
C ALA C 178 -26.95 2.12 -24.13
N ASN C 179 -27.20 3.24 -23.43
CA ASN C 179 -28.52 3.82 -23.35
C ASN C 179 -28.53 5.28 -23.79
N ASP C 180 -29.63 5.70 -24.40
CA ASP C 180 -29.84 7.09 -24.78
C ASP C 180 -31.32 7.32 -25.01
N LEU C 181 -31.86 8.39 -24.44
CA LEU C 181 -33.27 8.73 -24.53
C LEU C 181 -33.75 8.93 -25.98
N SER C 182 -32.91 9.55 -26.83
CA SER C 182 -33.25 9.83 -28.22
C SER C 182 -33.17 8.59 -29.11
N PRO C 183 -34.26 8.14 -29.75
CA PRO C 183 -34.17 6.98 -30.65
C PRO C 183 -33.48 7.34 -31.98
N SER C 184 -33.45 8.64 -32.35
CA SER C 184 -32.79 9.10 -33.56
C SER C 184 -31.28 9.04 -33.41
N ARG C 185 -30.73 9.43 -32.22
CA ARG C 185 -29.29 9.35 -31.98
C ARG C 185 -28.85 7.89 -31.78
N ILE C 186 -29.77 7.03 -31.30
CA ILE C 186 -29.49 5.58 -31.16
C ILE C 186 -29.26 4.98 -32.55
N ALA C 187 -29.96 5.48 -33.59
CA ALA C 187 -29.74 5.00 -34.96
C ALA C 187 -28.28 5.25 -35.38
N ARG C 188 -27.72 6.42 -35.00
CA ARG C 188 -26.31 6.76 -35.27
C ARG C 188 -25.38 5.84 -34.50
N LEU C 189 -25.75 5.49 -33.25
CA LEU C 189 -24.98 4.55 -32.42
C LEU C 189 -25.01 3.18 -33.07
N GLN C 190 -26.17 2.74 -33.57
CA GLN C 190 -26.27 1.47 -34.26
C GLN C 190 -25.44 1.51 -35.54
N LYS C 191 -25.42 2.66 -36.24
CA LYS C 191 -24.62 2.80 -37.46
C LYS C 191 -23.13 2.61 -37.15
N ILE C 192 -22.63 3.23 -36.07
CA ILE C 192 -21.23 3.10 -35.64
C ILE C 192 -20.95 1.65 -35.25
N LEU C 193 -21.83 1.01 -34.46
CA LEU C 193 -21.62 -0.39 -34.08
C LEU C 193 -21.58 -1.30 -35.31
N HIS C 194 -22.46 -1.09 -36.28
CA HIS C 194 -22.44 -1.90 -37.50
C HIS C 194 -21.18 -1.62 -38.33
N SER C 195 -20.74 -0.35 -38.40
CA SER C 195 -19.58 0.04 -39.19
C SER C 195 -18.24 -0.41 -38.62
N TYR C 196 -18.12 -0.50 -37.28
CA TYR C 196 -16.87 -0.84 -36.61
C TYR C 196 -16.84 -2.22 -35.95
N VAL C 197 -17.97 -2.67 -35.35
CA VAL C 197 -17.99 -3.91 -34.58
C VAL C 197 -18.49 -5.08 -35.41
N PRO C 198 -17.76 -6.22 -35.50
CA PRO C 198 -18.29 -7.38 -36.24
C PRO C 198 -19.56 -7.96 -35.58
N GLU C 199 -20.45 -8.53 -36.40
CA GLU C 199 -21.76 -9.09 -36.02
C GLU C 199 -21.71 -10.09 -34.85
N GLU C 200 -20.61 -10.82 -34.71
CA GLU C 200 -20.40 -11.79 -33.62
C GLU C 200 -20.61 -11.18 -32.23
N ILE C 201 -20.15 -9.93 -32.04
CA ILE C 201 -20.20 -9.25 -30.74
C ILE C 201 -21.47 -8.39 -30.58
N ARG C 202 -21.76 -7.50 -31.55
CA ARG C 202 -22.95 -6.61 -31.48
C ARG C 202 -24.25 -7.43 -31.40
N ASP C 203 -24.34 -8.58 -32.12
CA ASP C 203 -25.49 -9.48 -32.05
C ASP C 203 -25.12 -10.62 -31.09
N GLY C 204 -25.20 -10.31 -29.80
CA GLY C 204 -24.91 -11.22 -28.70
C GLY C 204 -25.34 -10.62 -27.38
N ASN C 205 -25.06 -11.31 -26.26
CA ASN C 205 -25.40 -10.82 -24.92
C ASN C 205 -24.32 -9.87 -24.35
N GLN C 206 -23.32 -9.49 -25.18
CA GLN C 206 -22.22 -8.63 -24.74
C GLN C 206 -22.58 -7.16 -24.84
N VAL C 207 -23.36 -6.74 -25.87
CA VAL C 207 -23.75 -5.32 -26.08
C VAL C 207 -25.28 -5.21 -26.16
N ARG C 208 -25.86 -4.31 -25.33
CA ARG C 208 -27.30 -4.09 -25.27
C ARG C 208 -27.60 -2.63 -25.45
N VAL C 209 -28.28 -2.29 -26.55
CA VAL C 209 -28.66 -0.92 -26.85
C VAL C 209 -30.11 -0.72 -26.44
N THR C 210 -30.37 0.25 -25.55
CA THR C 210 -31.70 0.62 -25.10
C THR C 210 -31.92 2.10 -25.40
N SER C 211 -33.19 2.55 -25.42
CA SER C 211 -33.51 3.95 -25.65
C SER C 211 -34.55 4.43 -24.63
N TRP C 212 -34.26 4.20 -23.35
CA TRP C 212 -35.13 4.58 -22.25
C TRP C 212 -34.53 5.77 -21.51
N ASP C 213 -35.29 6.30 -20.54
CA ASP C 213 -34.87 7.44 -19.74
C ASP C 213 -33.78 6.98 -18.76
N GLY C 214 -32.63 7.63 -18.83
CA GLY C 214 -31.49 7.31 -17.99
C GLY C 214 -31.70 7.58 -16.52
N ARG C 215 -32.53 8.58 -16.20
CA ARG C 215 -32.83 8.95 -14.81
C ARG C 215 -33.57 7.84 -14.05
N LYS C 216 -34.26 6.95 -14.76
CA LYS C 216 -35.01 5.86 -14.14
C LYS C 216 -34.13 4.62 -13.84
N TRP C 217 -32.80 4.67 -14.11
CA TRP C 217 -31.92 3.50 -13.86
C TRP C 217 -31.76 3.14 -12.38
N GLY C 218 -32.10 4.03 -11.45
CA GLY C 218 -32.04 3.69 -10.04
C GLY C 218 -33.03 2.58 -9.69
N GLU C 219 -34.24 2.65 -10.27
CA GLU C 219 -35.31 1.69 -10.04
C GLU C 219 -35.04 0.41 -10.81
N LEU C 220 -34.96 0.51 -12.14
CA LEU C 220 -34.64 -0.63 -13.01
C LEU C 220 -33.11 -0.76 -13.10
N GLU C 221 -32.55 -1.93 -12.74
CA GLU C 221 -31.10 -2.22 -12.75
C GLU C 221 -30.26 -1.49 -11.68
N GLY C 222 -30.76 -1.39 -10.46
CA GLY C 222 -30.01 -0.82 -9.35
C GLY C 222 -28.91 -1.77 -8.89
N ASP C 223 -27.79 -1.23 -8.37
CA ASP C 223 -26.67 -2.01 -7.82
C ASP C 223 -26.21 -3.14 -8.75
N THR C 224 -26.16 -2.87 -10.06
CA THR C 224 -25.85 -3.88 -11.07
C THR C 224 -24.46 -3.75 -11.71
N TYR C 225 -24.01 -2.52 -12.02
CA TYR C 225 -22.80 -2.28 -12.80
C TYR C 225 -21.52 -2.01 -12.00
N ASP C 226 -20.39 -2.51 -12.54
CA ASP C 226 -19.05 -2.35 -11.96
C ASP C 226 -18.48 -1.00 -12.32
N ARG C 227 -18.73 -0.57 -13.57
CA ARG C 227 -18.28 0.70 -14.14
C ARG C 227 -19.46 1.39 -14.80
N VAL C 228 -19.65 2.70 -14.59
CA VAL C 228 -20.74 3.44 -15.22
C VAL C 228 -20.24 4.76 -15.77
N LEU C 229 -20.50 5.03 -17.06
CA LEU C 229 -20.13 6.30 -17.68
C LEU C 229 -21.40 7.12 -17.80
N VAL C 230 -21.37 8.36 -17.27
CA VAL C 230 -22.49 9.31 -17.31
C VAL C 230 -21.99 10.54 -18.04
N ASP C 231 -21.92 10.45 -19.36
CA ASP C 231 -21.47 11.56 -20.22
C ASP C 231 -22.73 12.35 -20.59
N VAL C 232 -23.15 13.20 -19.67
CA VAL C 232 -24.42 13.92 -19.72
C VAL C 232 -24.61 14.94 -20.85
N PRO C 233 -25.89 15.21 -21.20
CA PRO C 233 -26.19 16.31 -22.12
C PRO C 233 -25.91 17.64 -21.42
N CYS C 234 -25.21 18.53 -22.11
CA CYS C 234 -24.77 19.80 -21.56
C CYS C 234 -24.93 20.88 -22.62
N THR C 235 -24.34 22.07 -22.39
CA THR C 235 -24.41 23.17 -23.35
C THR C 235 -23.42 22.99 -24.52
N THR C 236 -22.76 21.81 -24.69
CA THR C 236 -21.83 21.48 -25.79
C THR C 236 -21.18 22.74 -26.33
N ASP C 237 -20.39 23.41 -25.47
CA ASP C 237 -19.75 24.71 -25.70
C ASP C 237 -19.20 24.94 -27.10
N ARG C 238 -18.39 24.04 -27.61
CA ARG C 238 -17.80 24.21 -28.93
C ARG C 238 -18.83 24.05 -30.03
N HIS C 239 -19.65 23.01 -29.96
CA HIS C 239 -20.69 22.74 -30.96
C HIS C 239 -21.71 23.86 -31.02
N SER C 240 -22.07 24.41 -29.86
CA SER C 240 -23.04 25.49 -29.78
C SER C 240 -22.54 26.81 -30.45
N LEU C 241 -21.21 26.95 -30.73
CA LEU C 241 -20.62 28.10 -31.43
C LEU C 241 -20.50 27.86 -32.96
N HIS C 242 -20.75 26.62 -33.44
CA HIS C 242 -20.65 26.27 -34.86
C HIS C 242 -22.02 26.05 -35.49
N GLU C 243 -22.82 25.15 -34.92
CA GLU C 243 -24.13 24.80 -35.46
C GLU C 243 -25.25 25.72 -34.94
N GLU C 244 -26.07 26.27 -35.86
CA GLU C 244 -27.21 27.12 -35.51
C GLU C 244 -28.47 26.25 -35.29
N GLU C 245 -28.60 25.14 -36.02
CA GLU C 245 -29.74 24.22 -35.85
C GLU C 245 -29.63 23.45 -34.54
N ASN C 246 -30.75 23.30 -33.82
CA ASN C 246 -30.84 22.59 -32.54
C ASN C 246 -29.83 23.19 -31.53
N ASN C 247 -29.73 24.53 -31.48
CA ASN C 247 -28.82 25.20 -30.57
C ASN C 247 -29.52 25.43 -29.23
N ILE C 248 -28.90 24.95 -28.14
CA ILE C 248 -29.40 25.07 -26.78
C ILE C 248 -29.54 26.54 -26.35
N PHE C 249 -28.74 27.46 -26.94
CA PHE C 249 -28.79 28.89 -26.63
C PHE C 249 -29.88 29.66 -27.41
N LYS C 250 -30.80 28.97 -28.13
CA LYS C 250 -31.91 29.63 -28.80
C LYS C 250 -32.88 30.18 -27.72
N ARG C 251 -33.55 31.31 -28.02
CA ARG C 251 -34.48 31.96 -27.08
C ARG C 251 -35.59 31.01 -26.59
N SER C 252 -36.12 30.15 -27.47
CA SER C 252 -37.17 29.20 -27.11
C SER C 252 -36.68 28.15 -26.09
N ARG C 253 -35.39 27.75 -26.16
CA ARG C 253 -34.80 26.75 -25.26
C ARG C 253 -34.16 27.40 -24.01
N LYS C 254 -34.75 28.49 -23.47
CA LYS C 254 -34.23 29.19 -22.29
C LYS C 254 -34.47 28.38 -21.03
N LYS C 255 -35.67 27.80 -20.86
CA LYS C 255 -36.01 27.00 -19.68
C LYS C 255 -35.21 25.71 -19.68
N GLU C 256 -35.18 25.01 -20.83
CA GLU C 256 -34.43 23.75 -21.02
C GLU C 256 -32.95 23.91 -20.62
N ARG C 257 -32.34 25.03 -21.01
CA ARG C 257 -30.94 25.33 -20.70
C ARG C 257 -30.73 25.66 -19.21
N GLN C 258 -31.68 26.37 -18.57
CA GLN C 258 -31.56 26.76 -17.16
C GLN C 258 -31.75 25.56 -16.23
N ILE C 259 -32.65 24.62 -16.57
CA ILE C 259 -32.89 23.40 -15.79
C ILE C 259 -31.90 22.26 -16.13
N LEU C 260 -30.90 22.52 -16.98
CA LEU C 260 -29.92 21.53 -17.40
C LEU C 260 -29.12 20.97 -16.20
N PRO C 261 -28.71 21.74 -15.18
CA PRO C 261 -28.01 21.12 -14.04
C PRO C 261 -28.90 20.20 -13.19
N VAL C 262 -30.23 20.32 -13.28
CA VAL C 262 -31.14 19.43 -12.55
C VAL C 262 -31.07 18.06 -13.19
N LEU C 263 -31.31 18.02 -14.51
CA LEU C 263 -31.22 16.80 -15.32
C LEU C 263 -29.88 16.10 -15.13
N GLN C 264 -28.80 16.87 -15.16
CA GLN C 264 -27.44 16.34 -15.05
C GLN C 264 -27.25 15.64 -13.71
N VAL C 265 -27.75 16.20 -12.63
CA VAL C 265 -27.67 15.58 -11.31
C VAL C 265 -28.55 14.33 -11.30
N GLN C 266 -29.75 14.42 -11.89
CA GLN C 266 -30.67 13.29 -11.91
C GLN C 266 -30.03 12.10 -12.65
N LEU C 267 -29.34 12.37 -13.76
CA LEU C 267 -28.67 11.31 -14.52
C LEU C 267 -27.46 10.76 -13.78
N LEU C 268 -26.67 11.63 -13.14
CA LEU C 268 -25.50 11.14 -12.40
C LEU C 268 -25.97 10.29 -11.20
N ALA C 269 -26.98 10.76 -10.46
CA ALA C 269 -27.51 10.02 -9.31
C ALA C 269 -28.04 8.64 -9.76
N ALA C 270 -28.71 8.60 -10.93
CA ALA C 270 -29.21 7.34 -11.48
C ALA C 270 -28.07 6.39 -11.83
N GLY C 271 -26.97 6.95 -12.34
CA GLY C 271 -25.78 6.18 -12.68
C GLY C 271 -25.19 5.57 -11.43
N LEU C 272 -25.08 6.38 -10.37
CA LEU C 272 -24.55 5.93 -9.09
C LEU C 272 -25.47 4.87 -8.45
N LEU C 273 -26.80 5.03 -8.54
CA LEU C 273 -27.72 4.02 -8.01
C LEU C 273 -27.63 2.70 -8.77
N ALA C 274 -27.29 2.73 -10.08
CA ALA C 274 -27.12 1.51 -10.86
C ALA C 274 -25.77 0.87 -10.59
N THR C 275 -24.83 1.58 -9.97
CA THR C 275 -23.50 1.07 -9.69
C THR C 275 -23.56 0.15 -8.47
N LYS C 276 -22.84 -1.00 -8.51
CA LYS C 276 -22.74 -1.91 -7.35
C LYS C 276 -22.03 -1.21 -6.22
N PRO C 277 -22.31 -1.51 -4.94
CA PRO C 277 -21.48 -0.89 -3.89
C PRO C 277 -20.03 -1.35 -4.09
N GLY C 278 -19.12 -0.38 -4.10
CA GLY C 278 -17.70 -0.62 -4.38
C GLY C 278 -17.32 -0.28 -5.82
N GLY C 279 -18.33 -0.16 -6.70
CA GLY C 279 -18.14 0.14 -8.10
C GLY C 279 -17.76 1.59 -8.32
N HIS C 280 -17.37 1.91 -9.57
CA HIS C 280 -16.87 3.23 -9.94
C HIS C 280 -17.68 3.87 -11.05
N VAL C 281 -17.75 5.19 -11.03
CA VAL C 281 -18.49 5.99 -12.00
C VAL C 281 -17.65 7.16 -12.48
N VAL C 282 -17.72 7.45 -13.79
CA VAL C 282 -17.09 8.63 -14.33
C VAL C 282 -18.21 9.49 -14.87
N TYR C 283 -18.27 10.73 -14.40
CA TYR C 283 -19.22 11.73 -14.88
C TYR C 283 -18.47 12.64 -15.83
N SER C 284 -19.06 13.03 -16.97
CA SER C 284 -18.34 13.93 -17.84
C SER C 284 -19.26 14.80 -18.67
N THR C 285 -18.71 15.96 -19.09
CA THR C 285 -19.38 16.94 -19.93
C THR C 285 -18.38 17.50 -20.92
N CYS C 286 -18.90 18.22 -21.92
CA CYS C 286 -18.08 18.93 -22.87
C CYS C 286 -18.46 20.41 -22.75
N SER C 287 -18.36 20.88 -21.49
CA SER C 287 -18.64 22.25 -21.08
C SER C 287 -17.63 22.71 -20.04
N LEU C 288 -17.32 24.01 -20.07
CA LEU C 288 -16.40 24.65 -19.13
C LEU C 288 -17.14 25.16 -17.88
N SER C 289 -18.48 25.32 -17.95
CA SER C 289 -19.31 25.83 -16.87
C SER C 289 -19.21 25.00 -15.61
N HIS C 290 -18.76 25.61 -14.51
CA HIS C 290 -18.70 24.91 -13.22
C HIS C 290 -20.07 24.48 -12.75
N LEU C 291 -21.15 25.19 -13.15
CA LEU C 291 -22.52 24.85 -12.76
C LEU C 291 -22.95 23.49 -13.33
N GLN C 292 -22.37 23.08 -14.46
CA GLN C 292 -22.64 21.81 -15.08
C GLN C 292 -21.59 20.74 -14.73
N ASN C 293 -20.44 21.14 -14.17
CA ASN C 293 -19.33 20.26 -13.84
C ASN C 293 -19.30 19.88 -12.36
N GLU C 294 -18.57 20.63 -11.50
CA GLU C 294 -18.39 20.33 -10.09
C GLU C 294 -19.70 20.43 -9.29
N TYR C 295 -20.57 21.42 -9.58
CA TYR C 295 -21.84 21.60 -8.87
C TYR C 295 -22.69 20.33 -8.99
N VAL C 296 -22.73 19.74 -10.19
CA VAL C 296 -23.48 18.52 -10.47
C VAL C 296 -22.87 17.32 -9.72
N VAL C 297 -21.55 17.30 -9.55
CA VAL C 297 -20.87 16.23 -8.83
C VAL C 297 -21.23 16.30 -7.34
N GLN C 298 -21.19 17.50 -6.74
CA GLN C 298 -21.49 17.69 -5.33
C GLN C 298 -22.97 17.47 -5.08
N GLY C 299 -23.79 17.97 -6.00
CA GLY C 299 -25.24 17.83 -5.93
C GLY C 299 -25.69 16.40 -5.93
N ALA C 300 -25.10 15.57 -6.82
CA ALA C 300 -25.46 14.16 -6.88
C ALA C 300 -24.95 13.42 -5.67
N ILE C 301 -23.74 13.76 -5.16
CA ILE C 301 -23.20 13.11 -3.97
C ILE C 301 -24.07 13.46 -2.74
N GLU C 302 -24.53 14.71 -2.63
CA GLU C 302 -25.41 15.14 -1.54
C GLU C 302 -26.75 14.43 -1.62
N LEU C 303 -27.36 14.40 -2.81
CA LEU C 303 -28.66 13.75 -3.05
C LEU C 303 -28.66 12.29 -2.65
N LEU C 304 -27.56 11.57 -2.93
CA LEU C 304 -27.44 10.15 -2.59
C LEU C 304 -27.22 9.96 -1.10
N ALA C 305 -26.48 10.87 -0.46
CA ALA C 305 -26.21 10.81 0.98
C ALA C 305 -27.46 11.11 1.81
N ASN C 306 -28.27 12.08 1.39
CA ASN C 306 -29.46 12.48 2.13
C ASN C 306 -30.66 11.59 1.85
N GLN C 307 -31.04 11.47 0.58
CA GLN C 307 -32.24 10.73 0.17
C GLN C 307 -32.09 9.20 0.27
N TYR C 308 -30.93 8.63 -0.11
CA TYR C 308 -30.72 7.18 -0.12
C TYR C 308 -29.70 6.67 0.92
N SER C 309 -29.02 7.56 1.67
CA SER C 309 -28.02 7.18 2.68
C SER C 309 -26.88 6.33 2.06
N ILE C 310 -26.42 6.72 0.84
CA ILE C 310 -25.34 6.08 0.10
C ILE C 310 -24.16 7.06 0.10
N GLN C 311 -22.98 6.57 0.49
CA GLN C 311 -21.76 7.37 0.54
C GLN C 311 -21.00 7.25 -0.77
N VAL C 312 -20.62 8.40 -1.38
CA VAL C 312 -19.89 8.41 -2.65
C VAL C 312 -18.61 9.24 -2.49
N GLN C 313 -17.46 8.64 -2.78
CA GLN C 313 -16.15 9.28 -2.66
C GLN C 313 -15.59 9.67 -4.01
N VAL C 314 -15.20 10.94 -4.16
CA VAL C 314 -14.55 11.41 -5.37
C VAL C 314 -13.13 10.90 -5.33
N GLU C 315 -12.68 10.25 -6.40
CA GLU C 315 -11.33 9.72 -6.50
C GLU C 315 -10.43 10.74 -7.15
N ASP C 316 -9.19 10.84 -6.66
CA ASP C 316 -8.19 11.79 -7.15
C ASP C 316 -7.59 11.31 -8.48
N LEU C 317 -7.65 12.16 -9.52
CA LEU C 317 -7.09 11.84 -10.84
C LEU C 317 -5.86 12.72 -11.12
N THR C 318 -5.10 13.06 -10.07
CA THR C 318 -3.93 13.91 -10.22
C THR C 318 -2.83 13.15 -10.94
N HIS C 319 -2.59 11.88 -10.60
CA HIS C 319 -1.56 11.10 -11.32
C HIS C 319 -1.98 10.93 -12.77
N PHE C 320 -3.28 10.63 -13.01
CA PHE C 320 -3.85 10.49 -14.35
C PHE C 320 -3.63 11.78 -15.14
N ARG C 321 -3.97 12.94 -14.55
CA ARG C 321 -3.78 14.23 -15.19
C ARG C 321 -2.33 14.43 -15.55
N ARG C 322 -1.45 14.39 -14.55
CA ARG C 322 0.01 14.62 -14.69
C ARG C 322 0.63 13.79 -15.82
N VAL C 323 0.18 12.55 -15.99
CA VAL C 323 0.65 11.65 -17.03
C VAL C 323 0.16 12.11 -18.42
N PHE C 324 -1.11 12.57 -18.50
CA PHE C 324 -1.71 13.02 -19.76
C PHE C 324 -1.47 14.51 -20.06
N MET C 325 -0.84 15.30 -19.14
CA MET C 325 -0.54 16.73 -19.36
C MET C 325 0.33 16.97 -20.59
N ASP C 326 1.16 15.98 -20.99
CA ASP C 326 2.04 16.08 -22.16
C ASP C 326 1.26 16.29 -23.47
N THR C 327 0.00 15.81 -23.54
CA THR C 327 -0.85 15.92 -24.72
C THR C 327 -1.94 17.00 -24.59
N PHE C 328 -2.52 17.20 -23.37
CA PHE C 328 -3.64 18.13 -23.17
C PHE C 328 -3.33 19.27 -22.21
N CYS C 329 -4.11 20.37 -22.36
CA CYS C 329 -4.06 21.51 -21.45
C CYS C 329 -5.13 21.31 -20.45
N PHE C 330 -4.74 21.22 -19.18
CA PHE C 330 -5.68 21.07 -18.11
C PHE C 330 -5.77 22.33 -17.28
N PHE C 331 -6.97 22.65 -16.80
CA PHE C 331 -7.18 23.74 -15.86
C PHE C 331 -6.95 23.12 -14.48
N SER C 332 -5.69 23.15 -13.99
CA SER C 332 -5.27 22.50 -12.73
C SER C 332 -5.95 23.04 -11.47
N SER C 333 -6.59 24.22 -11.53
CA SER C 333 -7.32 24.78 -10.38
C SER C 333 -8.69 24.09 -10.13
N CYS C 334 -8.91 22.86 -10.64
CA CYS C 334 -10.17 22.14 -10.50
C CYS C 334 -10.23 21.48 -9.12
N GLN C 335 -11.31 21.76 -8.35
CA GLN C 335 -11.45 21.24 -6.99
C GLN C 335 -11.79 19.75 -7.03
N VAL C 336 -12.89 19.40 -7.72
CA VAL C 336 -13.29 18.00 -7.93
C VAL C 336 -13.22 17.72 -9.43
N GLY C 337 -12.69 16.56 -9.77
CA GLY C 337 -12.54 16.14 -11.15
C GLY C 337 -11.41 16.86 -11.85
N GLU C 338 -11.35 16.71 -13.18
CA GLU C 338 -10.33 17.34 -14.01
C GLU C 338 -10.99 17.98 -15.21
N LEU C 339 -10.33 18.97 -15.81
CA LEU C 339 -10.89 19.68 -16.96
C LEU C 339 -9.84 19.93 -18.03
N VAL C 340 -10.08 19.47 -19.26
CA VAL C 340 -9.21 19.73 -20.39
C VAL C 340 -9.74 20.97 -21.05
N ILE C 341 -8.92 22.01 -21.15
CA ILE C 341 -9.33 23.28 -21.76
C ILE C 341 -8.70 23.36 -23.16
N PRO C 342 -9.42 23.89 -24.16
CA PRO C 342 -8.83 23.97 -25.49
C PRO C 342 -7.78 25.08 -25.59
N ASN C 343 -6.70 24.78 -26.31
CA ASN C 343 -5.56 25.66 -26.54
C ASN C 343 -5.14 25.47 -27.98
N LEU C 344 -4.62 26.50 -28.66
CA LEU C 344 -4.23 26.31 -30.07
C LEU C 344 -3.15 25.24 -30.25
N MET C 345 -2.25 25.06 -29.27
CA MET C 345 -1.20 24.05 -29.37
C MET C 345 -1.78 22.63 -29.34
N ALA C 346 -2.87 22.44 -28.58
CA ALA C 346 -3.60 21.18 -28.48
C ALA C 346 -5.09 21.49 -28.37
N ASN C 347 -5.75 21.73 -29.52
CA ASN C 347 -7.14 22.18 -29.55
C ASN C 347 -8.13 21.03 -29.32
N PHE C 348 -8.11 20.51 -28.08
CA PHE C 348 -8.99 19.44 -27.64
C PHE C 348 -10.04 20.08 -26.76
N GLY C 349 -11.28 20.03 -27.24
CA GLY C 349 -12.43 20.75 -26.70
C GLY C 349 -12.66 20.57 -25.26
N PRO C 350 -13.52 21.44 -24.69
CA PRO C 350 -13.83 21.31 -23.26
C PRO C 350 -14.20 19.88 -22.93
N MET C 351 -13.56 19.32 -21.90
CA MET C 351 -13.84 17.97 -21.48
C MET C 351 -13.65 17.89 -19.99
N TYR C 352 -14.77 17.93 -19.26
CA TYR C 352 -14.76 17.78 -17.81
C TYR C 352 -14.95 16.33 -17.49
N PHE C 353 -14.27 15.81 -16.45
CA PHE C 353 -14.50 14.43 -16.03
C PHE C 353 -14.09 14.21 -14.57
N CYS C 354 -14.89 13.41 -13.86
CA CYS C 354 -14.70 13.13 -12.46
C CYS C 354 -14.98 11.65 -12.17
N LYS C 355 -14.00 10.95 -11.59
CA LYS C 355 -14.15 9.55 -11.19
C LYS C 355 -14.66 9.50 -9.74
N MET C 356 -15.55 8.56 -9.46
CA MET C 356 -16.17 8.38 -8.13
C MET C 356 -16.20 6.93 -7.77
N ARG C 357 -16.26 6.64 -6.48
CA ARG C 357 -16.45 5.29 -6.01
C ARG C 357 -17.66 5.26 -5.11
N ARG C 358 -18.63 4.39 -5.39
CA ARG C 358 -19.76 4.19 -4.50
C ARG C 358 -19.27 3.29 -3.39
N LEU C 359 -19.38 3.70 -2.13
CA LEU C 359 -18.89 2.90 -0.99
C LEU C 359 -20.01 2.06 -0.36
N THR C 360 -21.14 2.71 -0.03
CA THR C 360 -22.27 2.06 0.62
C THR C 360 -23.52 2.13 -0.25
N PRO D 15 -35.10 -8.76 19.06
CA PRO D 15 -34.79 -8.47 17.66
C PRO D 15 -33.84 -7.29 17.56
N ALA D 16 -34.23 -6.09 18.02
CA ALA D 16 -33.34 -4.92 18.02
C ALA D 16 -32.13 -5.19 18.93
N VAL D 17 -32.36 -5.94 20.01
CA VAL D 17 -31.33 -6.39 20.95
C VAL D 17 -30.39 -7.36 20.23
N ARG D 18 -30.94 -8.22 19.35
CA ARG D 18 -30.13 -9.15 18.57
C ARG D 18 -29.43 -8.41 17.42
N LEU D 19 -30.07 -7.39 16.82
CA LEU D 19 -29.44 -6.59 15.76
C LEU D 19 -28.27 -5.80 16.34
N ALA D 20 -28.44 -5.29 17.58
CA ALA D 20 -27.40 -4.56 18.31
C ALA D 20 -26.18 -5.47 18.49
N LEU D 21 -26.38 -6.68 19.00
CA LEU D 21 -25.32 -7.67 19.23
C LEU D 21 -24.71 -8.14 17.91
N GLN D 22 -25.54 -8.30 16.88
CA GLN D 22 -25.10 -8.69 15.55
C GLN D 22 -24.16 -7.64 14.97
N ASN D 23 -24.54 -6.38 15.11
CA ASN D 23 -23.74 -5.24 14.65
C ASN D 23 -22.44 -5.14 15.45
N PHE D 24 -22.51 -5.40 16.76
CA PHE D 24 -21.34 -5.35 17.61
C PHE D 24 -20.40 -6.43 17.26
N ASP D 25 -20.88 -7.67 17.02
CA ASP D 25 -20.03 -8.80 16.64
C ASP D 25 -19.22 -8.46 15.38
N MET D 26 -19.86 -7.84 14.37
CA MET D 26 -19.20 -7.45 13.13
C MET D 26 -18.14 -6.38 13.36
N THR D 27 -18.54 -5.29 13.99
CA THR D 27 -17.72 -4.10 14.21
C THR D 27 -16.63 -4.29 15.28
N TYR D 28 -17.03 -4.77 16.47
CA TYR D 28 -16.16 -4.84 17.64
C TYR D 28 -15.23 -6.04 17.66
N SER D 29 -15.52 -7.13 16.90
CA SER D 29 -14.55 -8.24 16.76
C SER D 29 -13.34 -7.76 15.97
N VAL D 30 -13.54 -6.80 15.06
CA VAL D 30 -12.49 -6.21 14.25
C VAL D 30 -11.67 -5.22 15.07
N GLN D 31 -12.34 -4.34 15.83
CA GLN D 31 -11.69 -3.30 16.64
C GLN D 31 -10.85 -3.80 17.82
N PHE D 32 -11.36 -4.81 18.53
CA PHE D 32 -10.68 -5.35 19.70
C PHE D 32 -9.99 -6.68 19.45
N GLY D 33 -10.39 -7.41 18.41
CA GLY D 33 -9.74 -8.65 18.05
C GLY D 33 -9.98 -9.76 19.05
N ASP D 34 -8.90 -10.27 19.66
CA ASP D 34 -8.96 -11.34 20.64
C ASP D 34 -9.43 -10.81 22.02
N LEU D 35 -9.60 -9.48 22.17
CA LEU D 35 -10.11 -8.87 23.39
C LEU D 35 -11.65 -8.78 23.37
N TRP D 36 -12.28 -8.88 22.19
CA TRP D 36 -13.73 -8.76 22.05
C TRP D 36 -14.52 -9.79 22.89
N PRO D 37 -14.13 -11.08 23.01
CA PRO D 37 -14.94 -12.01 23.82
C PRO D 37 -15.08 -11.57 25.27
N SER D 38 -13.98 -11.18 25.92
CA SER D 38 -13.99 -10.71 27.30
C SER D 38 -14.91 -9.50 27.50
N ILE D 39 -15.03 -8.65 26.47
CA ILE D 39 -15.93 -7.50 26.47
C ILE D 39 -17.36 -7.97 26.24
N ARG D 40 -17.56 -8.86 25.24
CA ARG D 40 -18.87 -9.40 24.85
C ARG D 40 -19.56 -10.06 26.05
N VAL D 41 -18.85 -10.91 26.79
CA VAL D 41 -19.43 -11.58 27.96
C VAL D 41 -19.80 -10.56 29.05
N SER D 42 -19.01 -9.50 29.19
CA SER D 42 -19.23 -8.46 30.18
C SER D 42 -20.46 -7.63 29.81
N LEU D 43 -20.64 -7.29 28.53
CA LEU D 43 -21.82 -6.54 28.09
C LEU D 43 -23.10 -7.35 28.29
N LEU D 44 -23.01 -8.69 28.20
CA LEU D 44 -24.16 -9.60 28.35
C LEU D 44 -24.32 -10.15 29.80
N SER D 45 -23.66 -9.52 30.79
CA SER D 45 -23.72 -9.90 32.19
C SER D 45 -24.02 -8.66 33.04
N GLU D 46 -24.25 -8.83 34.36
CA GLU D 46 -24.60 -7.70 35.22
C GLU D 46 -23.44 -6.73 35.39
N GLN D 47 -23.76 -5.44 35.26
CA GLN D 47 -22.79 -4.37 35.36
C GLN D 47 -22.52 -3.98 36.79
N LYS D 48 -21.33 -3.40 36.97
CA LYS D 48 -20.83 -2.95 38.25
C LYS D 48 -21.18 -1.48 38.41
N TYR D 49 -21.60 -1.12 39.62
CA TYR D 49 -21.98 0.24 39.97
C TYR D 49 -21.06 0.80 41.03
N GLY D 50 -21.00 2.13 41.06
CA GLY D 50 -20.27 2.90 42.05
C GLY D 50 -21.27 3.78 42.77
N ALA D 51 -21.06 4.05 44.06
CA ALA D 51 -21.97 4.91 44.83
C ALA D 51 -21.37 6.29 44.98
N LEU D 52 -21.80 7.24 44.12
CA LEU D 52 -21.32 8.61 44.19
C LEU D 52 -21.92 9.26 45.42
N VAL D 53 -21.09 9.61 46.40
CA VAL D 53 -21.57 10.19 47.66
C VAL D 53 -22.08 11.61 47.41
N ASN D 54 -23.23 11.92 48.03
CA ASN D 54 -23.83 13.25 48.00
C ASN D 54 -23.19 14.12 49.08
N ASN D 55 -22.44 15.14 48.66
CA ASN D 55 -21.74 16.05 49.56
C ASN D 55 -22.71 16.97 50.30
N PHE D 56 -23.93 17.16 49.78
CA PHE D 56 -24.94 17.98 50.45
C PHE D 56 -25.60 17.21 51.61
N ALA D 57 -25.49 15.86 51.62
CA ALA D 57 -26.09 15.01 52.62
C ALA D 57 -25.12 14.52 53.70
N ALA D 58 -24.14 15.33 54.15
CA ALA D 58 -23.14 14.92 55.16
C ALA D 58 -22.37 13.64 54.72
N TRP D 59 -21.52 13.82 53.69
CA TRP D 59 -20.68 12.76 53.07
C TRP D 59 -19.81 11.94 54.04
N ASP D 60 -19.32 12.52 55.14
CA ASP D 60 -18.47 11.81 56.12
C ASP D 60 -19.17 10.55 56.71
N HIS D 61 -20.49 10.65 57.05
CA HIS D 61 -21.28 9.53 57.59
C HIS D 61 -21.61 8.53 56.51
N VAL D 62 -21.94 9.01 55.31
CA VAL D 62 -22.27 8.15 54.16
C VAL D 62 -20.99 7.37 53.79
N SER D 63 -19.83 8.05 53.71
CA SER D 63 -18.55 7.40 53.43
C SER D 63 -18.27 6.29 54.44
N ALA D 64 -18.43 6.60 55.74
CA ALA D 64 -18.23 5.62 56.81
C ALA D 64 -19.20 4.43 56.67
N LYS D 65 -20.47 4.72 56.35
CA LYS D 65 -21.50 3.69 56.16
C LYS D 65 -21.15 2.77 54.98
N LEU D 66 -20.70 3.35 53.85
CA LEU D 66 -20.34 2.58 52.67
C LEU D 66 -19.06 1.75 52.90
N GLU D 67 -18.13 2.21 53.79
CA GLU D 67 -16.92 1.43 54.11
C GLU D 67 -17.26 0.12 54.85
N GLN D 68 -18.39 0.10 55.60
CA GLN D 68 -18.84 -1.08 56.35
C GLN D 68 -19.16 -2.25 55.41
N LEU D 69 -19.55 -1.95 54.17
CA LEU D 69 -19.85 -2.95 53.16
C LEU D 69 -18.57 -3.54 52.50
N SER D 70 -17.37 -3.01 52.81
CA SER D 70 -16.06 -3.38 52.24
C SER D 70 -15.83 -2.63 50.92
N ALA D 71 -16.61 -1.55 50.68
CA ALA D 71 -16.44 -0.72 49.48
C ALA D 71 -15.40 0.32 49.79
N LYS D 72 -14.76 0.86 48.75
CA LYS D 72 -13.69 1.85 48.89
C LYS D 72 -13.84 2.95 47.85
N ASP D 73 -13.61 4.22 48.25
CA ASP D 73 -13.66 5.36 47.35
C ASP D 73 -12.50 5.27 46.37
N PHE D 74 -12.78 4.90 45.12
CA PHE D 74 -11.73 4.72 44.13
C PHE D 74 -11.03 6.01 43.77
N VAL D 75 -11.71 7.15 43.99
CA VAL D 75 -11.19 8.46 43.65
C VAL D 75 -10.10 8.83 44.65
N ASN D 76 -10.33 8.52 45.93
CA ASN D 76 -9.36 8.74 47.01
C ASN D 76 -8.12 7.91 46.77
N GLU D 77 -8.32 6.67 46.29
CA GLU D 77 -7.22 5.75 45.97
C GLU D 77 -6.41 6.30 44.79
N ALA D 78 -7.10 6.74 43.75
CA ALA D 78 -6.47 7.33 42.56
C ALA D 78 -5.65 8.57 42.89
N ILE D 79 -6.26 9.55 43.57
CA ILE D 79 -5.60 10.81 43.93
C ILE D 79 -4.32 10.57 44.76
N SER D 80 -4.32 9.59 45.69
CA SER D 80 -3.14 9.30 46.52
C SER D 80 -1.89 8.95 45.67
N HIS D 81 -2.09 8.31 44.51
CA HIS D 81 -1.02 7.93 43.58
C HIS D 81 -0.87 8.96 42.47
N SER D 95 2.93 8.72 40.39
CA SER D 95 3.05 9.82 39.44
C SER D 95 3.01 11.20 40.16
N PRO D 96 3.66 12.26 39.62
CA PRO D 96 3.62 13.58 40.29
C PRO D 96 2.31 14.29 40.03
N ALA D 97 1.86 15.17 40.93
CA ALA D 97 0.59 15.88 40.76
C ALA D 97 0.67 16.96 39.62
N SER D 98 0.95 16.50 38.37
CA SER D 98 1.03 17.31 37.15
C SER D 98 -0.33 17.32 36.50
N TRP D 99 -0.95 16.11 36.40
CA TRP D 99 -2.30 15.88 35.85
C TRP D 99 -3.37 16.67 36.65
N ALA D 100 -4.45 17.09 35.95
CA ALA D 100 -5.58 17.83 36.54
C ALA D 100 -6.75 16.91 36.81
N CYS D 101 -7.51 17.17 37.88
CA CYS D 101 -8.64 16.32 38.25
C CYS D 101 -9.68 17.05 39.12
N SER D 102 -10.96 17.03 38.72
CA SER D 102 -12.08 17.66 39.45
C SER D 102 -12.18 17.12 40.88
N PRO D 103 -12.25 18.02 41.89
CA PRO D 103 -12.19 17.57 43.29
C PRO D 103 -13.50 17.22 43.97
N ASN D 104 -13.38 16.76 45.23
CA ASN D 104 -14.48 16.46 46.15
C ASN D 104 -15.47 15.41 45.64
N LEU D 105 -15.03 14.55 44.72
CA LEU D 105 -15.89 13.49 44.21
C LEU D 105 -15.50 12.21 44.93
N ARG D 106 -16.44 11.65 45.70
CA ARG D 106 -16.21 10.44 46.46
C ARG D 106 -17.13 9.40 45.88
N CYS D 107 -16.56 8.37 45.27
CA CYS D 107 -17.36 7.32 44.65
C CYS D 107 -16.84 5.98 45.08
N PHE D 108 -17.69 5.23 45.82
CA PHE D 108 -17.36 3.93 46.37
C PHE D 108 -17.70 2.80 45.42
N THR D 109 -16.79 1.85 45.29
CA THR D 109 -16.98 0.63 44.51
C THR D 109 -16.48 -0.53 45.33
N PHE D 110 -16.94 -1.75 45.01
CA PHE D 110 -16.42 -2.94 45.69
C PHE D 110 -15.10 -3.34 45.02
N ASP D 111 -14.29 -4.20 45.68
CA ASP D 111 -12.98 -4.61 45.17
C ASP D 111 -13.07 -5.28 43.80
N ARG D 112 -11.92 -5.40 43.12
CA ARG D 112 -11.82 -6.05 41.82
C ARG D 112 -12.21 -7.52 41.97
N GLY D 113 -13.21 -7.96 41.22
CA GLY D 113 -13.70 -9.32 41.29
C GLY D 113 -14.92 -9.48 42.18
N ASP D 114 -15.19 -8.51 43.07
CA ASP D 114 -16.37 -8.53 43.94
C ASP D 114 -17.58 -8.11 43.11
N ILE D 115 -18.70 -8.84 43.24
CA ILE D 115 -19.93 -8.53 42.49
C ILE D 115 -21.05 -8.02 43.41
N SER D 116 -20.73 -7.65 44.67
CA SER D 116 -21.73 -7.16 45.61
C SER D 116 -22.45 -5.93 45.06
N ARG D 117 -23.74 -5.79 45.42
CA ARG D 117 -24.57 -4.67 45.03
C ARG D 117 -24.82 -3.74 46.18
N PHE D 118 -24.81 -2.44 45.90
CA PHE D 118 -25.13 -1.44 46.88
C PHE D 118 -26.62 -1.45 47.10
N PRO D 119 -27.08 -1.25 48.33
CA PRO D 119 -28.53 -1.15 48.54
C PRO D 119 -29.04 0.17 47.94
N PRO D 120 -30.35 0.32 47.70
CA PRO D 120 -30.83 1.62 47.19
C PRO D 120 -30.57 2.74 48.17
N ALA D 121 -30.27 3.94 47.63
CA ALA D 121 -30.02 5.11 48.47
C ALA D 121 -31.31 5.57 49.12
N ARG D 122 -31.17 6.27 50.26
CA ARG D 122 -32.32 6.77 51.02
C ARG D 122 -32.12 8.24 51.37
N PRO D 123 -33.18 9.02 51.62
CA PRO D 123 -32.96 10.43 52.00
C PRO D 123 -32.33 10.53 53.38
N GLY D 124 -31.27 11.33 53.50
CA GLY D 124 -30.55 11.56 54.75
C GLY D 124 -31.27 12.51 55.70
N SER D 125 -30.52 13.09 56.65
CA SER D 125 -31.09 14.00 57.66
C SER D 125 -31.54 15.35 57.08
N LEU D 126 -31.01 15.77 55.91
CA LEU D 126 -31.38 17.03 55.26
C LEU D 126 -32.41 16.83 54.13
N GLY D 127 -33.09 15.69 54.15
CA GLY D 127 -34.08 15.28 53.16
C GLY D 127 -33.57 15.00 51.76
N VAL D 128 -32.24 14.96 51.56
CA VAL D 128 -31.63 14.72 50.26
C VAL D 128 -30.95 13.36 50.30
N MET D 129 -30.95 12.69 49.16
CA MET D 129 -30.41 11.33 48.97
C MET D 129 -28.92 11.25 49.33
N GLU D 130 -28.52 10.14 49.98
CA GLU D 130 -27.15 9.91 50.46
C GLU D 130 -26.15 9.71 49.35
N TYR D 131 -26.52 8.90 48.34
CA TYR D 131 -25.61 8.61 47.24
C TYR D 131 -26.38 8.27 45.97
N TYR D 132 -25.70 8.33 44.83
CA TYR D 132 -26.28 8.06 43.52
C TYR D 132 -25.56 6.88 42.91
N LEU D 133 -26.29 5.79 42.62
CA LEU D 133 -25.68 4.62 42.01
C LEU D 133 -25.59 4.85 40.50
N MET D 134 -24.42 4.51 39.95
CA MET D 134 -24.13 4.73 38.55
C MET D 134 -22.96 3.90 38.10
N ASP D 135 -22.74 3.86 36.78
CA ASP D 135 -21.54 3.26 36.22
C ASP D 135 -20.38 4.10 36.72
N ALA D 136 -19.45 3.49 37.45
CA ALA D 136 -18.33 4.24 38.02
C ALA D 136 -17.55 4.98 36.94
N ALA D 137 -17.42 4.37 35.72
CA ALA D 137 -16.70 4.99 34.61
C ALA D 137 -17.33 6.32 34.18
N SER D 138 -18.66 6.52 34.35
CA SER D 138 -19.32 7.78 33.99
C SER D 138 -18.78 9.00 34.76
N LEU D 139 -18.05 8.75 35.85
CA LEU D 139 -17.46 9.83 36.62
C LEU D 139 -16.15 10.33 36.01
N LEU D 140 -15.48 9.49 35.20
CA LEU D 140 -14.16 9.80 34.63
C LEU D 140 -14.18 11.00 33.68
N PRO D 141 -15.16 11.18 32.78
CA PRO D 141 -15.17 12.40 31.95
C PRO D 141 -15.32 13.65 32.81
N VAL D 142 -16.09 13.57 33.90
CA VAL D 142 -16.28 14.70 34.81
C VAL D 142 -14.96 14.97 35.55
N LEU D 143 -14.32 13.91 36.06
CA LEU D 143 -13.02 14.03 36.73
C LEU D 143 -11.97 14.61 35.79
N ALA D 144 -11.84 14.02 34.59
CA ALA D 144 -10.89 14.43 33.56
C ALA D 144 -11.06 15.87 33.10
N LEU D 145 -12.29 16.41 33.14
CA LEU D 145 -12.58 17.78 32.71
C LEU D 145 -11.81 18.82 33.58
N GLY D 146 -11.44 18.45 34.79
CA GLY D 146 -10.58 19.25 35.65
C GLY D 146 -11.11 20.57 36.13
N LEU D 147 -12.35 20.58 36.65
CA LEU D 147 -12.98 21.79 37.18
C LEU D 147 -12.11 22.43 38.27
N GLN D 148 -11.96 23.76 38.20
CA GLN D 148 -11.22 24.56 39.17
C GLN D 148 -12.22 25.47 39.86
N PRO D 149 -11.93 25.97 41.07
CA PRO D 149 -12.90 26.84 41.75
C PRO D 149 -13.27 28.08 40.96
N GLY D 150 -14.58 28.34 40.87
CA GLY D 150 -15.13 29.49 40.18
C GLY D 150 -15.37 29.36 38.70
N ASP D 151 -15.34 28.12 38.16
CA ASP D 151 -15.57 27.91 36.73
C ASP D 151 -17.03 28.07 36.29
N ILE D 152 -17.23 28.58 35.06
CA ILE D 152 -18.51 28.68 34.36
C ILE D 152 -18.57 27.39 33.59
N VAL D 153 -19.51 26.49 33.92
CA VAL D 153 -19.57 25.15 33.33
C VAL D 153 -20.83 24.92 32.53
N LEU D 154 -20.70 24.14 31.43
CA LEU D 154 -21.81 23.77 30.56
C LEU D 154 -21.85 22.25 30.36
N ASP D 155 -23.03 21.66 30.56
CA ASP D 155 -23.31 20.27 30.30
C ASP D 155 -24.27 20.32 29.14
N LEU D 156 -23.76 20.21 27.92
CA LEU D 156 -24.57 20.39 26.69
C LEU D 156 -25.65 19.31 26.47
N CYS D 157 -25.40 18.04 26.84
CA CYS D 157 -26.39 16.96 26.68
C CYS D 157 -26.54 16.28 28.05
N ALA D 158 -27.08 17.04 29.00
CA ALA D 158 -27.14 16.79 30.45
C ALA D 158 -28.07 15.70 31.02
N ALA D 159 -29.17 15.39 30.37
CA ALA D 159 -30.18 14.47 30.92
C ALA D 159 -29.79 12.98 30.80
N PRO D 160 -30.16 12.12 31.78
CA PRO D 160 -30.98 12.39 32.99
C PRO D 160 -30.27 13.10 34.16
N GLY D 161 -28.99 13.44 34.07
CA GLY D 161 -28.31 14.21 35.12
C GLY D 161 -27.26 13.55 35.99
N GLY D 162 -26.80 12.37 35.62
CA GLY D 162 -25.75 11.71 36.39
C GLY D 162 -24.48 12.52 36.46
N LYS D 163 -23.98 12.94 35.29
CA LYS D 163 -22.75 13.74 35.21
C LYS D 163 -22.99 15.18 35.68
N THR D 164 -24.21 15.72 35.46
CA THR D 164 -24.59 17.05 35.98
C THR D 164 -24.47 17.07 37.48
N LEU D 165 -24.97 16.01 38.11
CA LEU D 165 -24.93 15.85 39.56
C LEU D 165 -23.47 15.88 40.02
N ALA D 166 -22.59 15.08 39.36
CA ALA D 166 -21.18 15.05 39.71
C ALA D 166 -20.54 16.42 39.51
N LEU D 167 -20.85 17.11 38.40
CA LEU D 167 -20.29 18.45 38.19
C LEU D 167 -20.63 19.35 39.37
N LEU D 168 -21.87 19.30 39.88
CA LEU D 168 -22.27 20.10 41.05
C LEU D 168 -21.52 19.71 42.31
N GLN D 169 -21.36 18.38 42.56
CA GLN D 169 -20.68 17.86 43.75
C GLN D 169 -19.28 18.45 43.97
N THR D 170 -18.60 18.91 42.91
CA THR D 170 -17.24 19.44 43.04
C THR D 170 -17.17 20.71 43.89
N GLY D 171 -18.24 21.49 43.89
CA GLY D 171 -18.29 22.77 44.60
C GLY D 171 -17.48 23.84 43.90
N CYS D 172 -17.15 23.63 42.62
CA CYS D 172 -16.34 24.51 41.80
C CYS D 172 -17.19 25.37 40.84
N CYS D 173 -18.40 24.93 40.49
CA CYS D 173 -19.23 25.64 39.53
C CYS D 173 -19.75 26.97 40.06
N ARG D 174 -19.25 28.08 39.50
CA ARG D 174 -19.80 29.40 39.78
C ARG D 174 -21.20 29.37 39.22
N ASN D 175 -21.29 28.88 37.98
CA ASN D 175 -22.50 28.67 37.21
C ASN D 175 -22.44 27.32 36.51
N LEU D 176 -23.57 26.61 36.44
CA LEU D 176 -23.68 25.33 35.75
C LEU D 176 -24.89 25.35 34.81
N ALA D 177 -24.65 25.29 33.49
CA ALA D 177 -25.70 25.22 32.50
C ALA D 177 -25.92 23.76 32.17
N ALA D 178 -27.14 23.26 32.37
CA ALA D 178 -27.49 21.88 32.04
C ALA D 178 -28.49 21.93 30.92
N ASN D 179 -28.14 21.42 29.75
CA ASN D 179 -29.04 21.45 28.60
C ASN D 179 -29.31 20.06 28.09
N ASP D 180 -30.50 19.86 27.51
CA ASP D 180 -30.88 18.62 26.83
C ASP D 180 -32.07 18.90 25.96
N LEU D 181 -32.04 18.46 24.71
CA LEU D 181 -33.10 18.67 23.73
C LEU D 181 -34.45 18.09 24.18
N SER D 182 -34.44 16.92 24.83
CA SER D 182 -35.67 16.25 25.28
C SER D 182 -36.25 16.88 26.54
N PRO D 183 -37.49 17.41 26.51
CA PRO D 183 -38.09 17.96 27.75
C PRO D 183 -38.52 16.87 28.72
N SER D 184 -38.74 15.63 28.23
CA SER D 184 -39.11 14.50 29.07
C SER D 184 -37.92 14.03 29.91
N ARG D 185 -36.70 13.99 29.32
CA ARG D 185 -35.51 13.59 30.08
C ARG D 185 -35.09 14.72 31.03
N ILE D 186 -35.41 15.99 30.70
CA ILE D 186 -35.15 17.14 31.58
C ILE D 186 -35.98 16.99 32.87
N ALA D 187 -37.20 16.41 32.78
CA ALA D 187 -38.02 16.17 33.97
C ALA D 187 -37.27 15.24 34.94
N ARG D 188 -36.57 14.21 34.41
CA ARG D 188 -35.76 13.28 35.20
C ARG D 188 -34.58 14.01 35.82
N LEU D 189 -33.98 14.94 35.08
CA LEU D 189 -32.87 15.76 35.57
C LEU D 189 -33.36 16.64 36.70
N GLN D 190 -34.55 17.24 36.54
CA GLN D 190 -35.12 18.06 37.60
C GLN D 190 -35.44 17.20 38.82
N LYS D 191 -35.89 15.94 38.60
CA LYS D 191 -36.19 15.02 39.70
C LYS D 191 -34.91 14.74 40.51
N ILE D 192 -33.79 14.47 39.82
CA ILE D 192 -32.50 14.21 40.47
C ILE D 192 -32.05 15.47 41.23
N LEU D 193 -32.13 16.66 40.60
CA LEU D 193 -31.73 17.90 41.28
C LEU D 193 -32.57 18.13 42.53
N HIS D 194 -33.89 17.90 42.46
CA HIS D 194 -34.75 18.06 43.63
C HIS D 194 -34.43 16.99 44.70
N SER D 195 -34.10 15.75 44.27
CA SER D 195 -33.77 14.63 45.15
C SER D 195 -32.39 14.74 45.82
N TYR D 196 -31.41 15.33 45.15
CA TYR D 196 -30.04 15.38 45.65
C TYR D 196 -29.56 16.76 46.07
N VAL D 197 -30.06 17.83 45.44
CA VAL D 197 -29.54 19.17 45.69
C VAL D 197 -30.50 19.99 46.54
N PRO D 198 -29.99 20.62 47.63
CA PRO D 198 -30.86 21.50 48.43
C PRO D 198 -31.25 22.75 47.64
N GLU D 199 -32.49 23.31 47.85
CA GLU D 199 -32.99 24.50 47.14
C GLU D 199 -32.01 25.70 47.22
N GLU D 200 -31.26 25.81 48.32
CA GLU D 200 -30.25 26.86 48.53
C GLU D 200 -29.22 26.89 47.38
N ILE D 201 -28.85 25.70 46.84
CA ILE D 201 -27.84 25.54 45.78
C ILE D 201 -28.47 25.46 44.36
N ARG D 202 -29.70 24.90 44.21
CA ARG D 202 -30.37 24.83 42.89
C ARG D 202 -30.64 26.25 42.42
N ASP D 203 -31.51 26.98 43.13
CA ASP D 203 -31.80 28.38 42.86
C ASP D 203 -30.70 29.18 43.62
N GLY D 204 -30.28 30.33 43.13
CA GLY D 204 -30.87 31.01 41.97
C GLY D 204 -30.10 30.86 40.68
N ASN D 205 -29.02 31.61 40.61
CA ASN D 205 -28.23 31.81 39.41
C ASN D 205 -27.07 30.83 39.26
N GLN D 206 -26.97 29.79 40.11
CA GLN D 206 -25.87 28.82 40.07
C GLN D 206 -26.16 27.70 39.08
N VAL D 207 -27.42 27.28 38.99
CA VAL D 207 -27.82 26.24 38.05
C VAL D 207 -28.84 26.79 37.09
N ARG D 208 -28.72 26.42 35.81
CA ARG D 208 -29.71 26.79 34.80
C ARG D 208 -30.00 25.59 33.92
N VAL D 209 -31.25 25.12 33.96
CA VAL D 209 -31.69 23.98 33.18
C VAL D 209 -32.45 24.53 31.96
N THR D 210 -31.97 24.17 30.75
CA THR D 210 -32.58 24.54 29.49
C THR D 210 -32.90 23.28 28.71
N SER D 211 -33.81 23.40 27.75
CA SER D 211 -34.21 22.32 26.87
C SER D 211 -34.21 22.86 25.46
N TRP D 212 -33.10 22.69 24.76
CA TRP D 212 -32.92 23.29 23.45
C TRP D 212 -31.87 22.52 22.68
N ASP D 213 -31.81 22.73 21.35
CA ASP D 213 -30.83 22.08 20.49
C ASP D 213 -29.43 22.54 20.87
N GLY D 214 -28.61 21.59 21.35
CA GLY D 214 -27.24 21.84 21.77
C GLY D 214 -26.34 22.30 20.65
N ARG D 215 -26.67 21.91 19.41
CA ARG D 215 -25.89 22.26 18.22
C ARG D 215 -25.91 23.78 17.95
N LYS D 216 -26.93 24.49 18.45
CA LYS D 216 -27.05 25.94 18.26
C LYS D 216 -26.24 26.75 19.28
N TRP D 217 -25.49 26.11 20.22
CA TRP D 217 -24.73 26.84 21.25
C TRP D 217 -23.58 27.69 20.69
N GLY D 218 -23.14 27.45 19.46
CA GLY D 218 -22.11 28.30 18.87
C GLY D 218 -22.59 29.73 18.70
N GLU D 219 -23.85 29.89 18.27
CA GLU D 219 -24.48 31.20 18.03
C GLU D 219 -24.85 31.83 19.36
N LEU D 220 -25.66 31.14 20.15
CA LEU D 220 -26.08 31.60 21.49
C LEU D 220 -25.04 31.16 22.46
N GLU D 221 -24.51 32.05 23.27
CA GLU D 221 -23.50 31.73 24.30
C GLU D 221 -22.13 31.23 23.78
N GLY D 222 -21.62 31.86 22.72
CA GLY D 222 -20.29 31.55 22.22
C GLY D 222 -19.22 32.11 23.14
N ASP D 223 -18.05 31.46 23.20
CA ASP D 223 -16.89 31.91 23.99
C ASP D 223 -17.25 32.29 25.43
N THR D 224 -18.13 31.52 26.06
CA THR D 224 -18.66 31.82 27.40
C THR D 224 -18.13 30.92 28.53
N TYR D 225 -17.98 29.60 28.28
CA TYR D 225 -17.68 28.63 29.33
C TYR D 225 -16.20 28.25 29.47
N ASP D 226 -15.78 28.01 30.73
CA ASP D 226 -14.42 27.61 31.11
C ASP D 226 -14.23 26.12 30.90
N ARG D 227 -15.29 25.35 31.23
CA ARG D 227 -15.34 23.90 31.13
C ARG D 227 -16.62 23.50 30.41
N VAL D 228 -16.58 22.57 29.45
CA VAL D 228 -17.78 22.11 28.75
C VAL D 228 -17.78 20.60 28.64
N LEU D 229 -18.87 19.95 29.07
CA LEU D 229 -19.02 18.51 28.94
C LEU D 229 -19.99 18.24 27.80
N VAL D 230 -19.56 17.44 26.81
CA VAL D 230 -20.36 17.06 25.65
C VAL D 230 -20.51 15.54 25.67
N ASP D 231 -21.37 15.05 26.55
CA ASP D 231 -21.65 13.61 26.69
C ASP D 231 -22.77 13.29 25.71
N VAL D 232 -22.41 13.11 24.46
CA VAL D 232 -23.32 12.96 23.33
C VAL D 232 -24.22 11.72 23.31
N PRO D 233 -25.37 11.84 22.58
CA PRO D 233 -26.21 10.66 22.33
C PRO D 233 -25.48 9.74 21.36
N CYS D 234 -25.46 8.45 21.68
CA CYS D 234 -24.74 7.45 20.92
C CYS D 234 -25.57 6.18 20.84
N THR D 235 -24.97 5.06 20.40
CA THR D 235 -25.67 3.78 20.30
C THR D 235 -25.81 3.08 21.66
N THR D 236 -25.47 3.74 22.82
CA THR D 236 -25.58 3.21 24.19
C THR D 236 -25.47 1.67 24.19
N ASP D 237 -24.31 1.20 23.75
CA ASP D 237 -24.04 -0.23 23.51
C ASP D 237 -24.64 -1.19 24.55
N ARG D 238 -24.36 -1.00 25.84
CA ARG D 238 -24.87 -1.91 26.87
C ARG D 238 -26.37 -1.85 26.99
N HIS D 239 -26.94 -0.65 27.05
CA HIS D 239 -28.37 -0.45 27.15
C HIS D 239 -29.11 -1.02 25.93
N SER D 240 -28.52 -0.85 24.74
CA SER D 240 -29.07 -1.38 23.51
C SER D 240 -29.18 -2.91 23.47
N LEU D 241 -28.46 -3.65 24.33
CA LEU D 241 -28.51 -5.12 24.44
C LEU D 241 -29.52 -5.59 25.53
N HIS D 242 -30.05 -4.68 26.36
CA HIS D 242 -30.98 -5.01 27.43
C HIS D 242 -32.41 -4.58 27.10
N GLU D 243 -32.61 -3.29 26.80
CA GLU D 243 -33.93 -2.72 26.52
C GLU D 243 -34.32 -2.85 25.04
N GLU D 244 -35.53 -3.38 24.78
CA GLU D 244 -36.07 -3.51 23.42
C GLU D 244 -36.83 -2.23 23.03
N GLU D 245 -37.49 -1.55 24.00
CA GLU D 245 -38.20 -0.30 23.73
C GLU D 245 -37.22 0.85 23.47
N ASN D 246 -37.53 1.69 22.47
CA ASN D 246 -36.71 2.84 22.08
C ASN D 246 -35.27 2.40 21.76
N ASN D 247 -35.12 1.27 21.04
CA ASN D 247 -33.80 0.75 20.68
C ASN D 247 -33.35 1.38 19.36
N ILE D 248 -32.16 2.00 19.39
CA ILE D 248 -31.55 2.67 18.24
C ILE D 248 -31.31 1.67 17.07
N PHE D 249 -31.17 0.37 17.36
CA PHE D 249 -30.90 -0.62 16.32
C PHE D 249 -32.17 -1.16 15.64
N LYS D 250 -33.37 -0.61 15.98
CA LYS D 250 -34.61 -1.01 15.33
C LYS D 250 -34.52 -0.67 13.84
N ARG D 251 -35.17 -1.48 12.97
CA ARG D 251 -35.21 -1.30 11.52
C ARG D 251 -35.66 0.12 11.09
N SER D 252 -36.65 0.71 11.77
CA SER D 252 -37.15 2.05 11.48
C SER D 252 -36.12 3.14 11.77
N ARG D 253 -35.29 2.94 12.81
CA ARG D 253 -34.24 3.88 13.23
C ARG D 253 -32.88 3.60 12.51
N LYS D 254 -32.90 3.23 11.22
CA LYS D 254 -31.68 2.93 10.45
C LYS D 254 -30.97 4.22 10.04
N LYS D 255 -31.72 5.22 9.54
CA LYS D 255 -31.14 6.50 9.11
C LYS D 255 -30.60 7.26 10.31
N GLU D 256 -31.41 7.36 11.37
CA GLU D 256 -31.05 8.04 12.63
C GLU D 256 -29.72 7.52 13.19
N ARG D 257 -29.54 6.19 13.16
CA ARG D 257 -28.33 5.54 13.65
C ARG D 257 -27.12 5.80 12.74
N GLN D 258 -27.31 5.81 11.41
CA GLN D 258 -26.22 6.03 10.46
C GLN D 258 -25.72 7.48 10.48
N ILE D 259 -26.62 8.46 10.66
CA ILE D 259 -26.26 9.89 10.74
C ILE D 259 -25.84 10.31 12.17
N LEU D 260 -25.73 9.37 13.10
CA LEU D 260 -25.37 9.65 14.48
C LEU D 260 -23.97 10.32 14.59
N PRO D 261 -22.93 9.93 13.83
CA PRO D 261 -21.65 10.64 13.94
C PRO D 261 -21.69 12.08 13.42
N VAL D 262 -22.69 12.46 12.60
CA VAL D 262 -22.82 13.84 12.12
C VAL D 262 -23.27 14.69 13.30
N LEU D 263 -24.37 14.27 13.94
CA LEU D 263 -24.92 14.92 15.13
C LEU D 263 -23.87 15.09 16.21
N GLN D 264 -23.13 14.03 16.49
CA GLN D 264 -22.13 14.04 17.54
C GLN D 264 -21.06 15.11 17.25
N VAL D 265 -20.59 15.21 15.99
CA VAL D 265 -19.60 16.24 15.62
C VAL D 265 -20.26 17.63 15.77
N GLN D 266 -21.51 17.76 15.34
CA GLN D 266 -22.21 19.02 15.43
C GLN D 266 -22.30 19.48 16.89
N LEU D 267 -22.61 18.55 17.81
CA LEU D 267 -22.70 18.87 19.24
C LEU D 267 -21.34 19.17 19.83
N LEU D 268 -20.30 18.40 19.46
CA LEU D 268 -18.96 18.68 19.99
C LEU D 268 -18.46 20.04 19.49
N ALA D 269 -18.64 20.33 18.20
CA ALA D 269 -18.23 21.62 17.64
C ALA D 269 -18.96 22.78 18.35
N ALA D 270 -20.26 22.60 18.64
CA ALA D 270 -21.04 23.61 19.36
C ALA D 270 -20.50 23.82 20.79
N GLY D 271 -20.06 22.73 21.42
CA GLY D 271 -19.49 22.79 22.75
C GLY D 271 -18.20 23.58 22.72
N LEU D 272 -17.35 23.29 21.73
CA LEU D 272 -16.08 24.00 21.55
C LEU D 272 -16.30 25.49 21.24
N LEU D 273 -17.30 25.82 20.40
CA LEU D 273 -17.60 27.23 20.10
C LEU D 273 -18.12 27.97 21.34
N ALA D 274 -18.82 27.28 22.27
CA ALA D 274 -19.29 27.93 23.51
C ALA D 274 -18.17 28.00 24.58
N THR D 275 -17.02 27.36 24.33
CA THR D 275 -15.89 27.39 25.24
C THR D 275 -15.09 28.67 25.01
N LYS D 276 -14.65 29.33 26.11
CA LYS D 276 -13.78 30.52 26.01
C LYS D 276 -12.47 30.15 25.39
N PRO D 277 -11.75 31.01 24.65
CA PRO D 277 -10.41 30.62 24.19
C PRO D 277 -9.54 30.38 25.43
N GLY D 278 -8.88 29.23 25.44
CA GLY D 278 -8.09 28.77 26.58
C GLY D 278 -8.82 27.77 27.45
N GLY D 279 -10.14 27.68 27.29
CA GLY D 279 -10.99 26.77 28.05
C GLY D 279 -10.85 25.35 27.59
N HIS D 280 -11.43 24.42 28.36
CA HIS D 280 -11.31 22.99 28.12
C HIS D 280 -12.67 22.30 27.93
N VAL D 281 -12.66 21.24 27.13
CA VAL D 281 -13.85 20.46 26.80
C VAL D 281 -13.57 18.97 26.94
N VAL D 282 -14.52 18.23 27.48
CA VAL D 282 -14.44 16.78 27.50
C VAL D 282 -15.60 16.27 26.68
N TYR D 283 -15.29 15.46 25.67
CA TYR D 283 -16.28 14.80 24.83
C TYR D 283 -16.39 13.38 25.31
N SER D 284 -17.60 12.81 25.41
CA SER D 284 -17.69 11.42 25.84
C SER D 284 -18.91 10.71 25.28
N THR D 285 -18.79 9.38 25.23
CA THR D 285 -19.84 8.46 24.77
C THR D 285 -19.82 7.22 25.63
N CYS D 286 -20.87 6.41 25.50
CA CYS D 286 -20.94 5.11 26.14
C CYS D 286 -21.09 4.10 25.03
N SER D 287 -20.12 4.19 24.07
CA SER D 287 -20.00 3.32 22.91
C SER D 287 -18.56 2.95 22.68
N LEU D 288 -18.35 1.71 22.24
CA LEU D 288 -17.03 1.18 21.91
C LEU D 288 -16.66 1.55 20.46
N SER D 289 -17.66 1.99 19.65
CA SER D 289 -17.46 2.33 18.23
C SER D 289 -16.46 3.46 18.02
N HIS D 290 -15.43 3.20 17.19
CA HIS D 290 -14.40 4.20 16.82
C HIS D 290 -15.04 5.30 15.98
N LEU D 291 -16.11 4.95 15.24
CA LEU D 291 -16.85 5.90 14.40
C LEU D 291 -17.53 7.01 15.22
N GLN D 292 -17.93 6.70 16.45
CA GLN D 292 -18.59 7.63 17.36
C GLN D 292 -17.64 8.23 18.38
N ASN D 293 -16.43 7.67 18.52
CA ASN D 293 -15.45 8.09 19.51
C ASN D 293 -14.39 8.99 18.89
N GLU D 294 -13.22 8.43 18.53
CA GLU D 294 -12.06 9.16 17.99
C GLU D 294 -12.40 9.96 16.76
N TYR D 295 -13.11 9.36 15.79
CA TYR D 295 -13.48 9.98 14.53
C TYR D 295 -14.33 11.24 14.74
N VAL D 296 -15.06 11.32 15.85
CA VAL D 296 -15.86 12.50 16.16
C VAL D 296 -14.94 13.55 16.71
N VAL D 297 -13.96 13.18 17.55
CA VAL D 297 -13.01 14.18 18.02
C VAL D 297 -12.24 14.73 16.81
N GLN D 298 -11.69 13.85 15.98
CA GLN D 298 -10.94 14.21 14.78
C GLN D 298 -11.77 15.07 13.82
N GLY D 299 -13.06 14.78 13.70
CA GLY D 299 -13.96 15.50 12.83
C GLY D 299 -14.27 16.92 13.27
N ALA D 300 -14.59 17.10 14.55
CA ALA D 300 -14.95 18.39 15.14
C ALA D 300 -13.75 19.34 15.17
N ILE D 301 -12.53 18.81 15.41
CA ILE D 301 -11.32 19.64 15.39
C ILE D 301 -11.08 20.18 13.97
N GLU D 302 -11.28 19.35 12.94
CA GLU D 302 -11.13 19.77 11.55
C GLU D 302 -12.15 20.83 11.18
N LEU D 303 -13.43 20.59 11.53
CA LEU D 303 -14.53 21.52 11.24
C LEU D 303 -14.28 22.90 11.83
N LEU D 304 -13.70 22.99 13.02
CA LEU D 304 -13.42 24.29 13.65
C LEU D 304 -12.21 24.96 13.05
N ALA D 305 -11.23 24.17 12.64
CA ALA D 305 -10.02 24.69 12.03
C ALA D 305 -10.31 25.27 10.63
N ASN D 306 -11.16 24.59 9.85
CA ASN D 306 -11.47 25.01 8.48
C ASN D 306 -12.54 26.08 8.43
N GLN D 307 -13.71 25.81 9.00
CA GLN D 307 -14.87 26.70 8.94
C GLN D 307 -14.72 27.95 9.82
N TYR D 308 -14.18 27.83 11.05
CA TYR D 308 -14.08 28.96 11.99
C TYR D 308 -12.65 29.44 12.27
N SER D 309 -11.61 28.74 11.76
CA SER D 309 -10.20 29.08 11.99
C SER D 309 -9.86 29.12 13.50
N ILE D 310 -10.39 28.12 14.25
CA ILE D 310 -10.14 27.95 15.68
C ILE D 310 -9.29 26.69 15.85
N GLN D 311 -8.20 26.80 16.61
CA GLN D 311 -7.27 25.71 16.84
C GLN D 311 -7.67 24.97 18.13
N VAL D 312 -7.80 23.64 18.08
CA VAL D 312 -8.18 22.83 19.22
C VAL D 312 -7.15 21.72 19.42
N GLN D 313 -6.55 21.67 20.62
CA GLN D 313 -5.51 20.69 20.98
C GLN D 313 -6.07 19.60 21.86
N VAL D 314 -5.86 18.33 21.46
CA VAL D 314 -6.25 17.18 22.28
C VAL D 314 -5.23 17.08 23.38
N GLU D 315 -5.68 17.03 24.63
CA GLU D 315 -4.81 16.92 25.79
C GLU D 315 -4.60 15.45 26.12
N ASP D 316 -3.36 15.10 26.51
CA ASP D 316 -2.99 13.73 26.84
C ASP D 316 -3.51 13.35 28.21
N LEU D 317 -4.27 12.24 28.31
CA LEU D 317 -4.82 11.75 29.58
C LEU D 317 -4.12 10.44 29.97
N THR D 318 -2.84 10.29 29.62
CA THR D 318 -2.09 9.07 29.93
C THR D 318 -1.84 8.99 31.42
N HIS D 319 -1.47 10.10 32.07
CA HIS D 319 -1.27 10.10 33.53
C HIS D 319 -2.58 9.78 34.22
N PHE D 320 -3.67 10.41 33.76
CA PHE D 320 -5.02 10.20 34.29
C PHE D 320 -5.39 8.73 34.15
N ARG D 321 -5.19 8.15 32.96
CA ARG D 321 -5.48 6.74 32.72
C ARG D 321 -4.70 5.86 33.69
N ARG D 322 -3.37 5.97 33.65
CA ARG D 322 -2.45 5.17 34.47
C ARG D 322 -2.82 5.17 35.96
N VAL D 323 -3.29 6.31 36.47
CA VAL D 323 -3.70 6.46 37.87
C VAL D 323 -5.00 5.70 38.13
N PHE D 324 -5.95 5.75 37.18
CA PHE D 324 -7.25 5.07 37.31
C PHE D 324 -7.26 3.62 36.74
N MET D 325 -6.12 3.11 36.24
CA MET D 325 -6.05 1.74 35.71
C MET D 325 -6.22 0.69 36.79
N ASP D 326 -5.99 1.05 38.07
CA ASP D 326 -6.18 0.15 39.20
C ASP D 326 -7.64 -0.26 39.38
N THR D 327 -8.59 0.60 38.95
CA THR D 327 -10.03 0.35 39.07
C THR D 327 -10.70 -0.07 37.74
N PHE D 328 -10.25 0.47 36.59
CA PHE D 328 -10.88 0.20 35.30
C PHE D 328 -9.97 -0.47 34.27
N CYS D 329 -10.60 -1.15 33.30
CA CYS D 329 -9.91 -1.75 32.17
C CYS D 329 -9.97 -0.77 31.05
N PHE D 330 -8.82 -0.32 30.60
CA PHE D 330 -8.74 0.59 29.49
C PHE D 330 -8.19 -0.08 28.26
N PHE D 331 -8.70 0.31 27.10
CA PHE D 331 -8.17 -0.12 25.81
C PHE D 331 -7.06 0.87 25.49
N SER D 332 -5.81 0.57 25.93
CA SER D 332 -4.64 1.47 25.80
C SER D 332 -4.24 1.80 24.36
N SER D 333 -4.72 1.04 23.36
CA SER D 333 -4.42 1.32 21.94
C SER D 333 -5.24 2.52 21.37
N CYS D 334 -5.78 3.40 22.23
CA CYS D 334 -6.60 4.53 21.80
C CYS D 334 -5.71 5.67 21.32
N GLN D 335 -5.91 6.16 20.09
CA GLN D 335 -5.06 7.21 19.52
C GLN D 335 -5.35 8.54 20.16
N VAL D 336 -6.62 8.98 20.11
CA VAL D 336 -7.08 10.20 20.78
C VAL D 336 -8.08 9.80 21.85
N GLY D 337 -7.95 10.41 23.02
CA GLY D 337 -8.82 10.14 24.14
C GLY D 337 -8.51 8.81 24.81
N GLU D 338 -9.40 8.38 25.71
CA GLU D 338 -9.25 7.13 26.44
C GLU D 338 -10.55 6.36 26.39
N LEU D 339 -10.48 5.03 26.58
CA LEU D 339 -11.67 4.19 26.52
C LEU D 339 -11.66 3.14 27.62
N VAL D 340 -12.72 3.12 28.45
CA VAL D 340 -12.88 2.11 29.49
C VAL D 340 -13.70 0.99 28.87
N ILE D 341 -13.15 -0.21 28.84
CA ILE D 341 -13.84 -1.36 28.25
C ILE D 341 -14.37 -2.25 29.38
N PRO D 342 -15.57 -2.83 29.24
CA PRO D 342 -16.08 -3.67 30.32
C PRO D 342 -15.37 -5.02 30.39
N ASN D 343 -15.10 -5.48 31.60
CA ASN D 343 -14.43 -6.74 31.92
C ASN D 343 -15.14 -7.34 33.11
N LEU D 344 -15.21 -8.67 33.25
CA LEU D 344 -15.93 -9.24 34.40
C LEU D 344 -15.30 -8.83 35.74
N MET D 345 -13.98 -8.61 35.80
CA MET D 345 -13.31 -8.21 37.03
C MET D 345 -13.75 -6.81 37.46
N ALA D 346 -13.99 -5.91 36.49
CA ALA D 346 -14.49 -4.54 36.69
C ALA D 346 -15.46 -4.20 35.58
N ASN D 347 -16.72 -4.63 35.73
CA ASN D 347 -17.73 -4.49 34.68
C ASN D 347 -18.31 -3.07 34.60
N PHE D 348 -17.45 -2.14 34.18
CA PHE D 348 -17.79 -0.73 34.00
C PHE D 348 -17.92 -0.50 32.50
N GLY D 349 -19.15 -0.19 32.07
CA GLY D 349 -19.57 -0.14 30.70
C GLY D 349 -18.74 0.71 29.82
N PRO D 350 -18.92 0.56 28.49
CA PRO D 350 -18.14 1.37 27.56
C PRO D 350 -18.20 2.83 27.98
N MET D 351 -17.04 3.46 28.04
CA MET D 351 -16.98 4.86 28.36
C MET D 351 -15.79 5.47 27.66
N TYR D 352 -16.07 6.18 26.57
CA TYR D 352 -15.06 6.89 25.81
C TYR D 352 -14.99 8.30 26.30
N PHE D 353 -13.79 8.90 26.39
CA PHE D 353 -13.68 10.30 26.78
C PHE D 353 -12.37 10.92 26.29
N CYS D 354 -12.46 12.18 25.86
CA CYS D 354 -11.33 12.93 25.33
C CYS D 354 -11.36 14.37 25.82
N LYS D 355 -10.27 14.82 26.45
CA LYS D 355 -10.12 16.20 26.91
C LYS D 355 -9.45 17.03 25.80
N MET D 356 -9.92 18.26 25.63
CA MET D 356 -9.44 19.19 24.62
C MET D 356 -9.22 20.53 25.21
N ARG D 357 -8.36 21.34 24.58
CA ARG D 357 -8.20 22.74 24.95
C ARG D 357 -8.42 23.58 23.73
N ARG D 358 -9.32 24.55 23.81
CA ARG D 358 -9.50 25.52 22.73
C ARG D 358 -8.39 26.54 22.89
N LEU D 359 -7.56 26.76 21.86
CA LEU D 359 -6.45 27.70 21.95
C LEU D 359 -6.81 29.07 21.38
N THR D 360 -7.36 29.10 20.15
CA THR D 360 -7.72 30.34 19.45
C THR D 360 -9.22 30.39 19.18
N THR E 37 39.77 75.31 -75.23
CA THR E 37 39.92 73.88 -75.49
C THR E 37 38.86 73.05 -74.71
N PRO E 38 38.62 71.76 -75.08
CA PRO E 38 37.60 70.96 -74.35
C PRO E 38 37.98 70.65 -72.89
N VAL E 39 39.28 70.39 -72.62
CA VAL E 39 39.77 70.08 -71.26
C VAL E 39 39.53 71.27 -70.29
N VAL E 40 39.74 72.52 -70.75
CA VAL E 40 39.54 73.73 -69.94
C VAL E 40 38.05 73.98 -69.69
N GLN E 41 37.19 73.74 -70.71
CA GLN E 41 35.73 73.91 -70.58
C GLN E 41 35.16 73.02 -69.49
N GLY E 42 35.56 71.75 -69.46
CA GLY E 42 35.12 70.77 -68.47
C GLY E 42 35.52 71.12 -67.04
N SER E 43 36.69 71.77 -66.87
CA SER E 43 37.18 72.21 -65.57
C SER E 43 36.39 73.44 -65.08
N LEU E 44 36.00 74.32 -66.01
CA LEU E 44 35.19 75.49 -65.69
C LEU E 44 33.74 75.09 -65.38
N GLU E 45 33.20 74.07 -66.10
CA GLU E 45 31.84 73.58 -65.84
C GLU E 45 31.84 72.87 -64.48
N LEU E 46 32.88 72.08 -64.18
CA LEU E 46 32.98 71.38 -62.89
C LEU E 46 33.01 72.40 -61.76
N GLU E 47 33.74 73.52 -61.96
CA GLU E 47 33.81 74.61 -60.99
C GLU E 47 32.44 75.26 -60.82
N ARG E 48 31.74 75.52 -61.92
CA ARG E 48 30.40 76.12 -61.87
C ARG E 48 29.41 75.18 -61.17
N VAL E 49 29.42 73.89 -61.54
CA VAL E 49 28.54 72.89 -60.94
C VAL E 49 28.88 72.74 -59.42
N MET E 50 30.18 72.63 -59.08
CA MET E 50 30.60 72.59 -57.67
C MET E 50 30.11 73.83 -56.93
N SER E 51 30.30 75.03 -57.52
CA SER E 51 29.88 76.31 -56.92
C SER E 51 28.38 76.37 -56.72
N SER E 52 27.60 75.85 -57.69
CA SER E 52 26.13 75.84 -57.60
C SER E 52 25.66 74.95 -56.48
N LEU E 53 26.29 73.76 -56.34
CA LEU E 53 25.93 72.82 -55.28
C LEU E 53 26.34 73.36 -53.90
N LEU E 54 27.47 74.07 -53.79
CA LEU E 54 27.87 74.70 -52.53
C LEU E 54 26.86 75.79 -52.14
N ASP E 55 26.36 76.56 -53.12
CA ASP E 55 25.35 77.61 -52.88
C ASP E 55 24.01 77.00 -52.49
N MET E 56 23.73 75.78 -52.99
CA MET E 56 22.50 75.06 -52.72
C MET E 56 22.46 74.37 -51.33
N GLY E 57 23.57 74.41 -50.58
CA GLY E 57 23.68 73.86 -49.23
C GLY E 57 24.46 72.56 -49.10
N PHE E 58 25.04 72.07 -50.20
CA PHE E 58 25.76 70.80 -50.15
C PHE E 58 27.15 70.99 -49.58
N SER E 59 27.59 70.01 -48.78
CA SER E 59 28.93 70.00 -48.22
C SER E 59 29.91 69.51 -49.25
N ASN E 60 31.20 69.74 -49.01
CA ASN E 60 32.26 69.29 -49.92
C ASN E 60 32.34 67.76 -49.93
N ALA E 61 32.01 67.11 -48.79
CA ALA E 61 31.99 65.65 -48.68
C ALA E 61 30.84 65.07 -49.52
N HIS E 62 29.69 65.76 -49.53
CA HIS E 62 28.53 65.35 -50.31
C HIS E 62 28.77 65.57 -51.81
N ILE E 63 29.46 66.67 -52.20
CA ILE E 63 29.72 66.94 -53.61
C ILE E 63 30.62 65.83 -54.18
N ASN E 64 31.64 65.36 -53.44
CA ASN E 64 32.47 64.26 -53.94
C ASN E 64 31.63 62.98 -54.02
N GLU E 65 30.74 62.74 -53.02
CA GLU E 65 29.84 61.57 -53.01
C GLU E 65 28.97 61.54 -54.25
N LEU E 66 28.37 62.68 -54.58
CA LEU E 66 27.49 62.82 -55.75
C LEU E 66 28.28 62.67 -57.06
N LEU E 67 29.52 63.19 -57.11
CA LEU E 67 30.36 63.10 -58.31
C LEU E 67 30.83 61.65 -58.57
N SER E 68 31.06 60.87 -57.51
CA SER E 68 31.47 59.46 -57.63
C SER E 68 30.29 58.57 -58.04
N VAL E 69 29.06 58.93 -57.56
CA VAL E 69 27.82 58.18 -57.83
C VAL E 69 27.39 58.22 -59.30
N ARG E 70 27.41 59.40 -59.94
CA ARG E 70 26.96 59.53 -61.34
C ARG E 70 27.67 58.51 -62.25
N ARG E 71 26.91 57.51 -62.71
CA ARG E 71 27.40 56.43 -63.56
C ARG E 71 27.47 56.92 -65.00
N GLY E 72 28.48 57.73 -65.30
CA GLY E 72 28.65 58.27 -66.64
C GLY E 72 27.68 59.36 -67.05
N ALA E 73 26.86 59.92 -66.12
CA ALA E 73 25.93 61.00 -66.46
C ALA E 73 26.69 62.31 -66.54
N SER E 74 26.04 63.33 -67.07
CA SER E 74 26.68 64.64 -67.22
C SER E 74 26.73 65.39 -65.89
N LEU E 75 27.65 66.36 -65.80
CA LEU E 75 27.76 67.25 -64.64
C LEU E 75 26.53 68.17 -64.62
N GLN E 76 26.13 68.68 -65.80
CA GLN E 76 24.94 69.51 -65.94
C GLN E 76 23.71 68.71 -65.57
N GLN E 77 23.63 67.44 -65.99
CA GLN E 77 22.52 66.55 -65.67
C GLN E 77 22.46 66.35 -64.17
N LEU E 78 23.60 66.03 -63.56
CA LEU E 78 23.70 65.87 -62.11
C LEU E 78 23.15 67.13 -61.40
N LEU E 79 23.51 68.32 -61.89
CA LEU E 79 23.05 69.58 -61.30
C LEU E 79 21.57 69.77 -61.56
N ASP E 80 21.15 69.59 -62.81
CA ASP E 80 19.77 69.72 -63.23
C ASP E 80 18.84 68.79 -62.44
N ILE E 81 19.27 67.53 -62.20
CA ILE E 81 18.47 66.57 -61.44
C ILE E 81 18.47 66.94 -59.98
N ILE E 82 19.63 67.37 -59.43
CA ILE E 82 19.70 67.77 -58.01
C ILE E 82 18.81 68.99 -57.79
N SER E 83 18.83 69.94 -58.74
CA SER E 83 18.03 71.16 -58.69
C SER E 83 16.54 70.88 -58.62
N GLU E 84 16.07 69.82 -59.31
CA GLU E 84 14.65 69.50 -59.33
C GLU E 84 14.19 68.93 -58.02
N PHE E 85 15.08 68.23 -57.30
CA PHE E 85 14.77 67.70 -55.99
C PHE E 85 14.78 68.80 -54.94
N ILE E 86 15.62 69.82 -55.11
CA ILE E 86 15.66 70.96 -54.18
C ILE E 86 14.37 71.77 -54.38
N LEU E 87 13.89 71.92 -55.63
CA LEU E 87 12.64 72.62 -55.94
C LEU E 87 11.43 71.90 -55.36
N LEU E 88 11.55 70.57 -55.13
CA LEU E 88 10.51 69.75 -54.52
C LEU E 88 10.52 69.80 -52.97
N GLY E 89 11.34 70.68 -52.39
CA GLY E 89 11.39 70.89 -50.94
C GLY E 89 12.31 69.99 -50.16
N LEU E 90 13.12 69.15 -50.85
CA LEU E 90 14.09 68.30 -50.18
C LEU E 90 15.31 69.12 -49.81
N ASN E 91 15.95 68.76 -48.70
CA ASN E 91 17.16 69.42 -48.22
C ASN E 91 18.38 68.75 -48.87
N PRO E 92 19.61 69.30 -48.76
CA PRO E 92 20.76 68.65 -49.40
C PRO E 92 21.13 67.26 -48.85
N GLU E 93 20.87 66.97 -47.55
CA GLU E 93 21.25 65.68 -46.95
C GLU E 93 20.37 64.56 -47.50
N PRO E 94 19.02 64.64 -47.48
CA PRO E 94 18.21 63.57 -48.08
C PRO E 94 18.37 63.41 -49.61
N VAL E 95 18.77 64.47 -50.34
CA VAL E 95 19.00 64.37 -51.79
C VAL E 95 20.14 63.37 -52.07
N CYS E 96 21.20 63.38 -51.25
CA CYS E 96 22.31 62.43 -51.41
C CYS E 96 21.84 61.01 -51.09
N VAL E 97 20.95 60.85 -50.08
CA VAL E 97 20.43 59.55 -49.66
C VAL E 97 19.66 58.91 -50.82
N VAL E 98 18.75 59.66 -51.48
CA VAL E 98 17.97 59.11 -52.59
C VAL E 98 18.86 58.80 -53.80
N LEU E 99 19.88 59.64 -54.08
CA LEU E 99 20.75 59.42 -55.24
C LEU E 99 21.75 58.27 -54.98
N LYS E 100 22.22 58.06 -53.73
CA LYS E 100 23.12 56.93 -53.42
C LYS E 100 22.36 55.60 -53.52
N LYS E 101 21.16 55.55 -52.92
CA LYS E 101 20.29 54.37 -52.93
C LYS E 101 19.77 54.09 -54.33
N SER E 102 19.30 55.15 -55.01
CA SER E 102 18.72 55.09 -56.35
C SER E 102 19.50 56.01 -57.32
N PRO E 103 20.68 55.57 -57.80
CA PRO E 103 21.45 56.41 -58.75
C PRO E 103 20.82 56.49 -60.14
N GLN E 104 19.89 55.57 -60.49
CA GLN E 104 19.16 55.57 -61.76
C GLN E 104 18.37 56.87 -62.00
N LEU E 105 18.13 57.66 -60.95
CA LEU E 105 17.44 58.95 -61.05
C LEU E 105 18.24 59.95 -61.91
N LEU E 106 19.57 59.88 -61.93
CA LEU E 106 20.36 60.79 -62.78
C LEU E 106 20.16 60.46 -64.26
N LYS E 107 19.81 59.20 -64.59
CA LYS E 107 19.62 58.77 -65.99
C LYS E 107 18.28 59.28 -66.58
N LEU E 108 17.36 59.80 -65.74
CA LEU E 108 16.06 60.31 -66.18
C LEU E 108 16.20 61.50 -67.13
N PRO E 109 15.52 61.50 -68.30
CA PRO E 109 15.55 62.71 -69.14
C PRO E 109 15.00 63.87 -68.34
N ILE E 110 15.80 64.92 -68.14
CA ILE E 110 15.44 66.08 -67.32
C ILE E 110 14.07 66.70 -67.69
N MET E 111 13.62 66.64 -68.96
CA MET E 111 12.32 67.20 -69.29
C MET E 111 11.18 66.29 -68.88
N GLN E 112 11.35 64.95 -69.00
CA GLN E 112 10.31 64.03 -68.51
C GLN E 112 10.29 64.06 -66.98
N MET E 113 11.44 64.33 -66.36
CA MET E 113 11.59 64.43 -64.91
C MET E 113 10.83 65.65 -64.38
N ARG E 114 10.94 66.80 -65.09
CA ARG E 114 10.23 68.04 -64.75
C ARG E 114 8.72 67.91 -64.91
N LYS E 115 8.27 67.15 -65.92
CA LYS E 115 6.85 66.90 -66.15
C LYS E 115 6.26 66.20 -64.93
N ARG E 116 6.96 65.16 -64.46
CA ARG E 116 6.54 64.39 -63.29
C ARG E 116 6.63 65.24 -62.02
N SER E 117 7.73 66.00 -61.87
CA SER E 117 7.91 66.83 -60.68
C SER E 117 6.74 67.81 -60.56
N SER E 118 6.29 68.38 -61.68
CA SER E 118 5.12 69.26 -61.67
C SER E 118 3.84 68.49 -61.32
N TYR E 119 3.67 67.28 -61.87
CA TYR E 119 2.49 66.44 -61.60
C TYR E 119 2.40 66.13 -60.11
N LEU E 120 3.52 65.72 -59.53
CA LEU E 120 3.62 65.39 -58.11
C LEU E 120 3.39 66.59 -57.22
N GLN E 121 3.81 67.80 -57.64
CA GLN E 121 3.61 69.02 -56.86
C GLN E 121 2.12 69.31 -56.70
N LYS E 122 1.36 69.34 -57.82
CA LYS E 122 -0.10 69.60 -57.80
C LYS E 122 -0.87 68.48 -57.07
N LEU E 123 -0.29 67.28 -57.05
CA LEU E 123 -0.83 66.12 -56.33
C LEU E 123 -0.59 66.24 -54.80
N GLY E 124 0.16 67.25 -54.36
CA GLY E 124 0.44 67.53 -52.97
C GLY E 124 1.75 66.98 -52.43
N LEU E 125 2.61 66.34 -53.26
CA LEU E 125 3.87 65.73 -52.77
C LEU E 125 5.10 66.68 -52.82
N GLY E 126 4.90 67.99 -52.76
CA GLY E 126 6.00 68.96 -52.70
C GLY E 126 6.43 69.14 -51.26
N GLU E 127 7.00 70.30 -50.92
CA GLU E 127 7.44 70.65 -49.56
C GLU E 127 8.20 69.50 -48.84
N GLY E 128 9.00 68.75 -49.60
CA GLY E 128 9.80 67.65 -49.06
C GLY E 128 9.04 66.40 -48.67
N LYS E 129 7.76 66.29 -49.06
CA LYS E 129 6.92 65.11 -48.75
C LYS E 129 7.35 63.88 -49.56
N LEU E 130 8.07 64.08 -50.67
CA LEU E 130 8.52 62.99 -51.52
C LEU E 130 9.81 62.29 -50.98
N LYS E 131 10.30 62.64 -49.76
CA LYS E 131 11.49 62.02 -49.16
C LYS E 131 11.22 60.54 -48.88
N ARG E 132 10.12 60.26 -48.15
CA ARG E 132 9.69 58.89 -47.84
C ARG E 132 9.31 58.13 -49.10
N VAL E 133 8.70 58.82 -50.08
CA VAL E 133 8.31 58.20 -51.34
C VAL E 133 9.54 57.72 -52.12
N LEU E 134 10.56 58.58 -52.27
CA LEU E 134 11.74 58.23 -53.05
C LEU E 134 12.57 57.08 -52.44
N TYR E 135 12.49 56.89 -51.12
CA TYR E 135 13.24 55.82 -50.45
C TYR E 135 12.60 54.45 -50.73
N CYS E 136 11.27 54.33 -50.59
CA CYS E 136 10.54 53.08 -50.79
C CYS E 136 10.16 52.86 -52.26
N CYS E 137 9.77 53.93 -52.95
CA CYS E 137 9.26 53.89 -54.32
C CYS E 137 10.03 54.87 -55.25
N PRO E 138 11.28 54.55 -55.63
CA PRO E 138 12.00 55.42 -56.58
C PRO E 138 11.45 55.31 -58.00
N GLU E 139 10.63 54.28 -58.28
CA GLU E 139 9.98 54.07 -59.57
C GLU E 139 8.96 55.15 -59.87
N ILE E 140 8.55 55.92 -58.86
CA ILE E 140 7.61 57.03 -58.98
C ILE E 140 7.94 57.91 -60.22
N PHE E 141 9.23 58.19 -60.51
CA PHE E 141 9.58 59.02 -61.67
C PHE E 141 9.56 58.23 -63.03
N THR E 142 9.59 56.89 -63.01
CA THR E 142 9.54 56.03 -64.22
C THR E 142 8.10 55.55 -64.53
N MET E 143 7.25 55.41 -63.51
CA MET E 143 5.86 54.95 -63.65
C MET E 143 5.05 55.69 -64.69
N ARG E 144 3.98 55.06 -65.20
CA ARG E 144 3.07 55.72 -66.12
C ARG E 144 2.21 56.68 -65.32
N GLN E 145 2.00 57.90 -65.83
CA GLN E 145 1.20 58.91 -65.11
C GLN E 145 -0.24 58.44 -64.88
N GLN E 146 -0.86 57.74 -65.86
CA GLN E 146 -2.24 57.25 -65.73
C GLN E 146 -2.32 56.13 -64.68
N ASP E 147 -1.26 55.31 -64.51
CA ASP E 147 -1.25 54.27 -63.46
C ASP E 147 -1.29 54.93 -62.09
N ILE E 148 -0.57 56.05 -61.93
CA ILE E 148 -0.57 56.81 -60.68
C ILE E 148 -1.94 57.47 -60.51
N ASN E 149 -2.51 57.99 -61.60
CA ASN E 149 -3.83 58.64 -61.60
C ASN E 149 -4.94 57.62 -61.37
N ASP E 150 -4.76 56.37 -61.81
CA ASP E 150 -5.75 55.32 -61.58
C ASP E 150 -5.83 55.00 -60.07
N THR E 151 -4.69 55.08 -59.35
CA THR E 151 -4.63 54.83 -57.91
C THR E 151 -5.30 55.98 -57.12
N VAL E 152 -4.99 57.26 -57.46
CA VAL E 152 -5.63 58.41 -56.76
C VAL E 152 -7.14 58.43 -57.07
N ARG E 153 -7.56 58.05 -58.31
CA ARG E 153 -8.99 58.01 -58.68
C ARG E 153 -9.70 56.97 -57.82
N LEU E 154 -9.12 55.76 -57.71
CA LEU E 154 -9.63 54.68 -56.88
C LEU E 154 -9.74 55.12 -55.42
N LEU E 155 -8.71 55.80 -54.90
CA LEU E 155 -8.73 56.24 -53.51
C LEU E 155 -9.71 57.42 -53.29
N LYS E 156 -9.86 58.33 -54.27
CA LYS E 156 -10.76 59.48 -54.10
C LYS E 156 -12.24 59.12 -54.24
N GLU E 157 -12.65 58.55 -55.37
CA GLU E 157 -14.07 58.32 -55.67
C GLU E 157 -14.60 56.96 -55.21
N LYS E 158 -13.77 55.90 -55.19
CA LYS E 158 -14.25 54.57 -54.75
C LYS E 158 -14.07 54.35 -53.24
N CYS E 159 -12.95 54.82 -52.63
CA CYS E 159 -12.72 54.68 -51.17
C CYS E 159 -13.19 55.93 -50.39
N LEU E 160 -13.61 57.02 -51.08
CA LEU E 160 -14.13 58.26 -50.50
C LEU E 160 -13.11 58.98 -49.57
N PHE E 161 -11.82 58.98 -49.97
CA PHE E 161 -10.79 59.73 -49.24
C PHE E 161 -10.75 61.14 -49.79
N THR E 162 -10.58 62.15 -48.91
CA THR E 162 -10.46 63.54 -49.37
C THR E 162 -9.07 63.74 -50.00
N VAL E 163 -8.90 64.82 -50.77
CA VAL E 163 -7.64 65.11 -51.46
C VAL E 163 -6.47 65.20 -50.46
N GLN E 164 -6.70 65.83 -49.32
CA GLN E 164 -5.68 65.97 -48.27
C GLN E 164 -5.27 64.58 -47.73
N GLN E 165 -6.23 63.65 -47.59
CA GLN E 165 -5.99 62.29 -47.09
C GLN E 165 -5.22 61.45 -48.11
N VAL E 166 -5.60 61.57 -49.39
CA VAL E 166 -4.94 60.84 -50.48
C VAL E 166 -3.46 61.27 -50.57
N THR E 167 -3.18 62.56 -50.38
CA THR E 167 -1.80 63.05 -50.40
C THR E 167 -1.02 62.41 -49.26
N LYS E 168 -1.61 62.35 -48.06
CA LYS E 168 -0.96 61.73 -46.91
C LYS E 168 -0.77 60.22 -47.12
N ILE E 169 -1.70 59.54 -47.84
CA ILE E 169 -1.60 58.11 -48.15
C ILE E 169 -0.42 57.83 -49.06
N LEU E 170 -0.18 58.70 -50.03
CA LEU E 170 0.95 58.54 -50.95
C LEU E 170 2.26 58.86 -50.24
N HIS E 171 2.26 59.88 -49.36
CA HIS E 171 3.44 60.26 -48.58
C HIS E 171 3.85 59.14 -47.63
N SER E 172 2.89 58.62 -46.86
CA SER E 172 3.10 57.61 -45.81
C SER E 172 3.16 56.15 -46.28
N CYS E 173 2.37 55.79 -47.30
CA CYS E 173 2.30 54.42 -47.83
C CYS E 173 2.56 54.41 -49.32
N PRO E 174 3.82 54.66 -49.76
CA PRO E 174 4.11 54.65 -51.21
C PRO E 174 3.80 53.32 -51.92
N SER E 175 3.83 52.19 -51.18
CA SER E 175 3.52 50.85 -51.67
C SER E 175 2.20 50.73 -52.45
N VAL E 176 1.19 51.58 -52.12
CA VAL E 176 -0.12 51.60 -52.78
C VAL E 176 0.00 51.80 -54.30
N LEU E 177 1.02 52.51 -54.75
CA LEU E 177 1.22 52.74 -56.18
C LEU E 177 1.61 51.44 -56.91
N ARG E 178 2.36 50.53 -56.25
CA ARG E 178 2.76 49.23 -56.79
C ARG E 178 1.66 48.17 -56.62
N GLU E 179 0.69 48.45 -55.75
CA GLU E 179 -0.40 47.55 -55.42
C GLU E 179 -1.48 47.50 -56.51
N ASP E 180 -2.20 46.37 -56.59
CA ASP E 180 -3.28 46.17 -57.55
C ASP E 180 -4.49 46.97 -57.10
N LEU E 181 -5.26 47.48 -58.05
CA LEU E 181 -6.42 48.32 -57.76
C LEU E 181 -7.52 47.53 -57.01
N GLY E 182 -7.66 46.25 -57.30
CA GLY E 182 -8.62 45.38 -56.62
C GLY E 182 -8.20 45.07 -55.19
N GLN E 183 -6.95 44.61 -55.00
CA GLN E 183 -6.44 44.27 -53.67
C GLN E 183 -6.41 45.51 -52.79
N LEU E 184 -6.09 46.66 -53.37
CA LEU E 184 -6.09 47.93 -52.65
C LEU E 184 -7.51 48.28 -52.18
N GLU E 185 -8.52 48.11 -53.06
CA GLU E 185 -9.91 48.39 -52.72
C GLU E 185 -10.38 47.47 -51.60
N TYR E 186 -10.12 46.14 -51.72
CA TYR E 186 -10.50 45.15 -50.70
C TYR E 186 -9.81 45.47 -49.36
N LYS E 187 -8.52 45.88 -49.40
CA LYS E 187 -7.76 46.24 -48.20
C LYS E 187 -8.43 47.42 -47.49
N PHE E 188 -8.87 48.42 -48.26
CA PHE E 188 -9.58 49.56 -47.69
C PHE E 188 -10.90 49.08 -47.07
N GLN E 189 -11.70 48.30 -47.84
CA GLN E 189 -12.99 47.78 -47.39
C GLN E 189 -12.85 47.02 -46.06
N TYR E 190 -11.77 46.23 -45.90
CA TYR E 190 -11.51 45.47 -44.66
C TYR E 190 -11.44 46.41 -43.46
N ALA E 191 -10.76 47.55 -43.60
CA ALA E 191 -10.69 48.52 -42.51
C ALA E 191 -12.02 49.21 -42.25
N TYR E 192 -12.68 49.71 -43.31
CA TYR E 192 -13.93 50.45 -43.16
C TYR E 192 -15.13 49.60 -42.71
N PHE E 193 -15.32 48.42 -43.31
CA PHE E 193 -16.50 47.59 -43.03
C PHE E 193 -16.23 46.47 -42.02
N ARG E 194 -15.19 45.65 -42.25
CA ARG E 194 -14.88 44.52 -41.37
C ARG E 194 -14.32 44.99 -40.03
N MET E 195 -13.36 45.91 -40.01
CA MET E 195 -12.76 46.41 -38.77
C MET E 195 -13.51 47.62 -38.18
N GLY E 196 -14.18 48.41 -39.01
CA GLY E 196 -14.93 49.59 -38.55
C GLY E 196 -14.04 50.76 -38.18
N ILE E 197 -13.16 51.13 -39.11
CA ILE E 197 -12.23 52.23 -38.94
C ILE E 197 -12.66 53.36 -39.85
N LYS E 198 -12.81 54.57 -39.30
CA LYS E 198 -13.23 55.71 -40.12
C LYS E 198 -12.02 56.25 -40.92
N HIS E 199 -12.27 56.87 -42.10
CA HIS E 199 -11.26 57.38 -43.03
C HIS E 199 -10.05 58.09 -42.36
N PRO E 200 -10.23 58.97 -41.35
CA PRO E 200 -9.06 59.64 -40.75
C PRO E 200 -8.11 58.70 -40.02
N ASP E 201 -8.64 57.77 -39.24
CA ASP E 201 -7.80 56.85 -38.48
C ASP E 201 -7.07 55.86 -39.41
N ILE E 202 -7.63 55.54 -40.59
CA ILE E 202 -6.97 54.67 -41.59
C ILE E 202 -5.71 55.38 -42.12
N VAL E 203 -5.85 56.69 -42.39
CA VAL E 203 -4.78 57.52 -42.93
C VAL E 203 -3.71 57.78 -41.88
N LYS E 204 -4.11 58.23 -40.68
CA LYS E 204 -3.22 58.56 -39.56
C LYS E 204 -2.35 57.38 -39.13
N SER E 205 -2.91 56.16 -39.13
CA SER E 205 -2.21 54.94 -38.71
C SER E 205 -1.29 54.33 -39.78
N GLU E 206 -1.37 54.82 -41.04
CA GLU E 206 -0.57 54.33 -42.17
C GLU E 206 -0.90 52.86 -42.43
N TYR E 207 -2.19 52.55 -42.34
CA TYR E 207 -2.75 51.20 -42.47
C TYR E 207 -2.49 50.57 -43.85
N LEU E 208 -2.64 51.34 -44.92
CA LEU E 208 -2.52 50.79 -46.28
C LEU E 208 -1.08 50.34 -46.67
N GLN E 209 -0.04 50.58 -45.85
CA GLN E 209 1.31 50.12 -46.19
C GLN E 209 1.49 48.63 -45.89
N TYR E 210 0.69 48.06 -44.96
CA TYR E 210 0.81 46.66 -44.53
C TYR E 210 0.08 45.69 -45.43
N SER E 211 0.50 44.43 -45.43
CA SER E 211 -0.11 43.37 -46.24
C SER E 211 -1.45 42.96 -45.67
N LEU E 212 -2.40 42.57 -46.54
CA LEU E 212 -3.70 42.10 -46.09
C LEU E 212 -3.55 40.86 -45.19
N THR E 213 -2.54 40.02 -45.48
CA THR E 213 -2.25 38.84 -44.67
C THR E 213 -1.90 39.26 -43.24
N LYS E 214 -0.95 40.19 -43.07
CA LYS E 214 -0.54 40.68 -41.74
C LYS E 214 -1.74 41.31 -41.02
N ILE E 215 -2.54 42.07 -41.76
CA ILE E 215 -3.73 42.75 -41.23
C ILE E 215 -4.74 41.70 -40.74
N LYS E 216 -5.08 40.73 -41.59
CA LYS E 216 -6.03 39.67 -41.25
C LYS E 216 -5.53 38.85 -40.07
N GLN E 217 -4.24 38.46 -40.09
CA GLN E 217 -3.61 37.68 -39.02
C GLN E 217 -3.78 38.31 -37.65
N ARG E 218 -3.41 39.59 -37.54
CA ARG E 218 -3.44 40.31 -36.27
C ARG E 218 -4.87 40.71 -35.86
N HIS E 219 -5.70 41.20 -36.80
CA HIS E 219 -7.08 41.58 -36.48
C HIS E 219 -7.94 40.38 -36.04
N ILE E 220 -7.91 39.28 -36.80
CA ILE E 220 -8.77 38.12 -36.51
C ILE E 220 -8.30 37.44 -35.22
N TYR E 221 -6.99 37.42 -34.94
CA TYR E 221 -6.48 36.82 -33.71
C TYR E 221 -7.06 37.57 -32.51
N LEU E 222 -6.92 38.91 -32.51
CA LEU E 222 -7.45 39.77 -31.45
C LEU E 222 -8.98 39.65 -31.36
N GLU E 223 -9.67 39.63 -32.52
CA GLU E 223 -11.13 39.49 -32.55
C GLU E 223 -11.59 38.21 -31.85
N ARG E 224 -10.97 37.07 -32.17
CA ARG E 224 -11.30 35.77 -31.58
C ARG E 224 -10.82 35.66 -30.14
N LEU E 225 -9.75 36.36 -29.76
CA LEU E 225 -9.30 36.42 -28.36
C LEU E 225 -10.26 37.26 -27.50
N GLY E 226 -11.02 38.16 -28.13
CA GLY E 226 -11.95 39.06 -27.47
C GLY E 226 -11.31 40.41 -27.17
N ARG E 227 -10.10 40.65 -27.68
CA ARG E 227 -9.37 41.90 -27.43
C ARG E 227 -9.64 42.95 -28.52
N TYR E 228 -10.43 42.62 -29.57
CA TYR E 228 -10.85 43.56 -30.61
C TYR E 228 -12.35 43.40 -30.90
N GLN E 229 -13.16 44.41 -30.56
CA GLN E 229 -14.59 44.42 -30.84
C GLN E 229 -14.84 45.26 -32.08
N THR E 230 -15.76 44.82 -32.95
CA THR E 230 -16.10 45.59 -34.14
C THR E 230 -17.05 46.73 -33.75
N PRO E 231 -16.66 48.01 -33.95
CA PRO E 231 -17.56 49.10 -33.53
C PRO E 231 -18.79 49.23 -34.40
N ASP E 232 -19.98 49.31 -33.77
CA ASP E 232 -21.24 49.44 -34.52
C ASP E 232 -22.38 49.84 -33.56
N LYS E 233 -23.36 50.68 -33.95
CA LYS E 233 -23.48 51.44 -35.21
C LYS E 233 -22.91 52.86 -35.07
N LYS E 234 -22.78 53.36 -33.82
CA LYS E 234 -22.30 54.71 -33.53
C LYS E 234 -20.76 54.80 -33.42
N GLY E 235 -20.05 53.75 -33.82
CA GLY E 235 -18.59 53.72 -33.74
C GLY E 235 -18.10 53.60 -32.31
N GLN E 236 -18.84 52.82 -31.50
CA GLN E 236 -18.53 52.61 -30.09
C GLN E 236 -18.48 51.12 -29.74
N THR E 237 -17.60 50.77 -28.80
CA THR E 237 -17.38 49.42 -28.31
C THR E 237 -17.57 49.40 -26.79
N GLN E 238 -17.70 48.21 -26.21
CA GLN E 238 -17.83 48.02 -24.76
C GLN E 238 -16.54 48.47 -24.11
N ILE E 239 -15.41 47.91 -24.57
CA ILE E 239 -14.06 48.24 -24.13
C ILE E 239 -13.33 48.86 -25.34
N PRO E 240 -12.55 49.94 -25.19
CA PRO E 240 -11.86 50.49 -26.36
C PRO E 240 -10.82 49.53 -26.92
N ASN E 241 -10.81 49.37 -28.25
CA ASN E 241 -9.88 48.49 -28.95
C ASN E 241 -8.45 49.05 -28.89
N PRO E 242 -7.41 48.20 -29.04
CA PRO E 242 -6.05 48.76 -29.08
C PRO E 242 -5.85 49.64 -30.31
N LEU E 243 -4.83 50.50 -30.25
CA LEU E 243 -4.57 51.45 -31.33
C LEU E 243 -3.99 50.74 -32.53
N LEU E 244 -4.40 51.14 -33.74
CA LEU E 244 -3.94 50.52 -35.00
C LEU E 244 -2.41 50.37 -35.07
N LYS E 245 -1.65 51.34 -34.56
CA LYS E 245 -0.19 51.25 -34.57
C LYS E 245 0.29 50.13 -33.64
N ASP E 246 -0.34 49.97 -32.46
CA ASP E 246 0.03 48.90 -31.52
C ASP E 246 -0.36 47.49 -32.06
N ILE E 247 -1.22 47.43 -33.08
CA ILE E 247 -1.62 46.19 -33.74
C ILE E 247 -0.67 45.89 -34.90
N LEU E 248 -0.52 46.83 -35.85
CA LEU E 248 0.23 46.63 -37.10
C LEU E 248 1.70 47.13 -37.11
N ARG E 249 1.94 48.41 -36.76
CA ARG E 249 3.28 49.00 -36.80
C ARG E 249 4.29 48.25 -35.96
N VAL E 250 3.89 47.84 -34.75
CA VAL E 250 4.82 47.16 -33.84
C VAL E 250 5.25 45.78 -34.35
N SER E 251 6.28 45.24 -33.72
CA SER E 251 6.84 43.92 -33.99
C SER E 251 5.88 42.82 -33.57
N GLU E 252 6.10 41.59 -34.09
CA GLU E 252 5.27 40.45 -33.72
C GLU E 252 5.44 40.15 -32.23
N ALA E 253 6.68 40.25 -31.71
CA ALA E 253 7.00 40.03 -30.31
C ALA E 253 6.29 41.04 -29.41
N GLU E 254 6.33 42.32 -29.78
CA GLU E 254 5.68 43.39 -29.01
C GLU E 254 4.16 43.26 -29.08
N PHE E 255 3.63 42.91 -30.26
CA PHE E 255 2.19 42.71 -30.48
C PHE E 255 1.67 41.62 -29.54
N LEU E 256 2.39 40.51 -29.49
CA LEU E 256 2.00 39.38 -28.65
C LEU E 256 2.24 39.61 -27.17
N ALA E 257 3.21 40.47 -26.80
CA ALA E 257 3.51 40.73 -25.40
C ALA E 257 2.59 41.75 -24.78
N ARG E 258 2.29 42.83 -25.51
CA ARG E 258 1.50 43.94 -24.97
C ARG E 258 0.05 43.93 -25.42
N THR E 259 -0.21 43.72 -26.71
CA THR E 259 -1.58 43.79 -27.24
C THR E 259 -2.35 42.46 -27.13
N ALA E 260 -1.88 41.39 -27.80
CA ALA E 260 -2.58 40.10 -27.80
C ALA E 260 -2.44 39.36 -26.48
N CYS E 261 -1.26 39.47 -25.84
CA CYS E 261 -0.97 38.83 -24.55
C CYS E 261 -1.10 37.31 -24.65
N THR E 262 -0.36 36.71 -25.60
CA THR E 262 -0.32 35.26 -25.80
C THR E 262 1.11 34.84 -26.07
N SER E 263 1.37 33.52 -26.04
CA SER E 263 2.71 33.01 -26.33
C SER E 263 3.01 33.14 -27.81
N VAL E 264 4.27 32.93 -28.18
CA VAL E 264 4.71 33.02 -29.57
C VAL E 264 4.22 31.79 -30.30
N GLU E 265 4.50 30.59 -29.72
CA GLU E 265 4.10 29.30 -30.27
C GLU E 265 2.61 29.25 -30.62
N GLU E 266 1.73 29.83 -29.77
CA GLU E 266 0.27 29.83 -30.00
C GLU E 266 -0.10 30.62 -31.25
N PHE E 267 0.52 31.78 -31.47
CA PHE E 267 0.24 32.58 -32.66
C PHE E 267 0.77 31.91 -33.92
N GLN E 268 1.89 31.16 -33.85
CA GLN E 268 2.42 30.44 -35.02
C GLN E 268 1.38 29.45 -35.53
N VAL E 269 0.71 28.75 -34.61
CA VAL E 269 -0.35 27.79 -34.94
C VAL E 269 -1.55 28.54 -35.52
N PHE E 270 -1.90 29.69 -34.92
CA PHE E 270 -3.01 30.51 -35.42
C PHE E 270 -2.78 30.91 -36.87
N LYS E 271 -1.55 31.33 -37.21
CA LYS E 271 -1.23 31.73 -38.58
C LYS E 271 -1.46 30.57 -39.55
N LYS E 272 -1.09 29.33 -39.15
CA LYS E 272 -1.28 28.14 -39.98
C LYS E 272 -2.77 27.81 -40.11
N LEU E 273 -3.53 27.90 -39.00
CA LEU E 273 -4.97 27.64 -39.03
C LEU E 273 -5.67 28.65 -39.94
N LEU E 274 -5.37 29.94 -39.78
CA LEU E 274 -5.99 30.97 -40.59
C LEU E 274 -5.62 30.83 -42.06
N ALA E 275 -4.36 30.51 -42.37
CA ALA E 275 -3.92 30.29 -43.76
C ALA E 275 -4.78 29.25 -44.44
N ARG E 276 -5.05 28.12 -43.75
CA ARG E 276 -5.90 27.04 -44.24
C ARG E 276 -7.35 27.48 -44.38
N GLU E 277 -7.86 28.28 -43.43
CA GLU E 277 -9.23 28.79 -43.52
C GLU E 277 -9.42 29.65 -44.77
N GLU E 278 -8.41 30.47 -45.12
CA GLU E 278 -8.46 31.33 -46.30
C GLU E 278 -8.40 30.46 -47.57
N GLU E 279 -7.44 29.49 -47.63
CA GLU E 279 -7.27 28.57 -48.78
C GLU E 279 -8.58 27.88 -49.17
N GLU E 280 -9.40 27.52 -48.17
CA GLU E 280 -10.69 26.87 -48.37
C GLU E 280 -11.80 27.94 -48.43
N SER E 281 -12.01 28.54 -49.63
CA SER E 281 -12.97 29.60 -49.93
C SER E 281 -12.33 30.97 -49.71
N PRO F 15 14.56 30.24 -4.25
CA PRO F 15 13.69 30.35 -3.07
C PRO F 15 13.89 29.16 -2.14
N ALA F 16 13.61 27.92 -2.61
CA ALA F 16 13.86 26.71 -1.79
C ALA F 16 15.36 26.59 -1.49
N VAL F 17 16.19 27.02 -2.45
CA VAL F 17 17.65 27.06 -2.32
C VAL F 17 18.02 28.09 -1.24
N ARG F 18 17.30 29.23 -1.20
CA ARG F 18 17.52 30.26 -0.20
C ARG F 18 16.94 29.83 1.16
N LEU F 19 15.81 29.11 1.18
CA LEU F 19 15.24 28.59 2.43
C LEU F 19 16.17 27.55 3.04
N ALA F 20 16.81 26.73 2.20
CA ALA F 20 17.77 25.72 2.65
C ALA F 20 18.97 26.40 3.32
N LEU F 21 19.53 27.43 2.67
CA LEU F 21 20.66 28.17 3.22
C LEU F 21 20.26 28.94 4.47
N GLN F 22 19.04 29.49 4.48
CA GLN F 22 18.51 30.22 5.61
C GLN F 22 18.41 29.30 6.83
N ASN F 23 17.89 28.09 6.60
CA ASN F 23 17.76 27.08 7.64
C ASN F 23 19.14 26.60 8.14
N PHE F 24 20.11 26.42 7.25
CA PHE F 24 21.45 26.00 7.63
C PHE F 24 22.18 27.12 8.37
N ASP F 25 21.96 28.40 7.99
CA ASP F 25 22.58 29.51 8.74
C ASP F 25 22.12 29.51 10.20
N MET F 26 20.82 29.27 10.44
CA MET F 26 20.26 29.22 11.79
C MET F 26 20.79 28.04 12.60
N THR F 27 20.65 26.84 12.03
CA THR F 27 20.98 25.59 12.70
C THR F 27 22.49 25.30 12.81
N TYR F 28 23.24 25.47 11.70
CA TYR F 28 24.65 25.07 11.61
C TYR F 28 25.61 26.14 12.12
N SER F 29 25.20 27.42 12.22
CA SER F 29 26.06 28.42 12.87
C SER F 29 26.16 28.09 14.36
N VAL F 30 25.09 27.49 14.92
CA VAL F 30 25.05 27.11 16.32
C VAL F 30 25.87 25.84 16.56
N GLN F 31 25.70 24.82 15.70
CA GLN F 31 26.44 23.56 15.85
C GLN F 31 27.95 23.70 15.70
N PHE F 32 28.38 24.31 14.60
CA PHE F 32 29.81 24.40 14.27
C PHE F 32 30.46 25.67 14.80
N GLY F 33 29.68 26.71 15.07
CA GLY F 33 30.21 27.94 15.63
C GLY F 33 31.08 28.72 14.67
N ASP F 34 32.36 28.91 15.03
CA ASP F 34 33.33 29.63 14.21
C ASP F 34 33.83 28.76 13.04
N LEU F 35 33.44 27.48 12.98
CA LEU F 35 33.79 26.57 11.88
C LEU F 35 32.76 26.65 10.75
N TRP F 36 31.54 27.16 11.03
CA TRP F 36 30.48 27.24 10.04
C TRP F 36 30.84 28.04 8.76
N PRO F 37 31.55 29.18 8.82
CA PRO F 37 31.86 29.91 7.58
C PRO F 37 32.66 29.08 6.58
N SER F 38 33.73 28.42 7.05
CA SER F 38 34.58 27.56 6.21
C SER F 38 33.77 26.45 5.54
N ILE F 39 32.72 25.95 6.21
CA ILE F 39 31.80 24.94 5.67
C ILE F 39 30.85 25.59 4.68
N ARG F 40 30.27 26.75 5.07
CA ARG F 40 29.31 27.50 4.26
C ARG F 40 29.88 27.84 2.89
N VAL F 41 31.12 28.37 2.84
CA VAL F 41 31.76 28.71 1.57
C VAL F 41 31.99 27.47 0.72
N SER F 42 32.30 26.35 1.35
CA SER F 42 32.55 25.09 0.66
C SER F 42 31.27 24.52 0.08
N LEU F 43 30.16 24.59 0.81
CA LEU F 43 28.87 24.13 0.30
C LEU F 43 28.39 24.96 -0.90
N LEU F 44 28.77 26.26 -0.94
CA LEU F 44 28.40 27.19 -2.01
C LEU F 44 29.46 27.29 -3.13
N SER F 45 30.41 26.35 -3.20
CA SER F 45 31.47 26.30 -4.21
C SER F 45 31.52 24.90 -4.83
N GLU F 46 32.34 24.71 -5.88
CA GLU F 46 32.40 23.42 -6.56
C GLU F 46 32.99 22.34 -5.69
N GLN F 47 32.33 21.19 -5.68
CA GLN F 47 32.73 20.04 -4.89
C GLN F 47 33.80 19.22 -5.55
N LYS F 48 34.56 18.51 -4.72
CA LYS F 48 35.65 17.68 -5.10
C LYS F 48 35.14 16.25 -5.31
N TYR F 49 35.61 15.60 -6.36
CA TYR F 49 35.23 14.25 -6.71
C TYR F 49 36.41 13.31 -6.64
N GLY F 50 36.09 12.04 -6.45
CA GLY F 50 37.05 10.95 -6.46
C GLY F 50 36.66 10.00 -7.56
N ALA F 51 37.63 9.33 -8.21
CA ALA F 51 37.34 8.39 -9.28
C ALA F 51 37.42 6.97 -8.75
N LEU F 52 36.28 6.38 -8.42
CA LEU F 52 36.22 5.00 -7.93
C LEU F 52 36.53 4.08 -9.09
N VAL F 53 37.66 3.36 -9.05
CA VAL F 53 38.06 2.50 -10.14
C VAL F 53 37.16 1.27 -10.21
N ASN F 54 36.81 0.87 -11.45
CA ASN F 54 36.00 -0.31 -11.71
C ASN F 54 36.92 -1.49 -11.82
N ASN F 55 36.80 -2.43 -10.88
CA ASN F 55 37.61 -3.64 -10.82
C ASN F 55 37.24 -4.61 -11.92
N PHE F 56 36.04 -4.50 -12.51
CA PHE F 56 35.62 -5.38 -13.61
C PHE F 56 36.24 -4.92 -14.94
N ALA F 57 36.71 -3.66 -15.02
CA ALA F 57 37.27 -3.08 -16.23
C ALA F 57 38.81 -3.03 -16.23
N ALA F 58 39.52 -4.05 -15.68
CA ALA F 58 40.99 -4.06 -15.61
C ALA F 58 41.55 -2.79 -14.88
N TRP F 59 41.32 -2.74 -13.55
CA TRP F 59 41.73 -1.65 -12.65
C TRP F 59 43.22 -1.24 -12.72
N ASP F 60 44.16 -2.15 -13.04
CA ASP F 60 45.59 -1.80 -13.09
C ASP F 60 45.87 -0.70 -14.15
N HIS F 61 45.26 -0.81 -15.35
CA HIS F 61 45.43 0.17 -16.44
C HIS F 61 44.74 1.47 -16.09
N VAL F 62 43.55 1.38 -15.50
CA VAL F 62 42.79 2.57 -15.08
C VAL F 62 43.57 3.29 -13.99
N SER F 63 44.07 2.56 -12.98
CA SER F 63 44.89 3.13 -11.91
C SER F 63 46.10 3.86 -12.50
N ALA F 64 46.83 3.20 -13.40
CA ALA F 64 47.99 3.80 -14.08
C ALA F 64 47.60 5.06 -14.86
N LYS F 65 46.47 5.01 -15.58
CA LYS F 65 45.95 6.16 -16.35
C LYS F 65 45.63 7.33 -15.42
N LEU F 66 44.97 7.06 -14.29
CA LEU F 66 44.59 8.12 -13.34
C LEU F 66 45.82 8.71 -12.64
N GLU F 67 46.91 7.93 -12.46
CA GLU F 67 48.14 8.45 -11.84
C GLU F 67 48.81 9.50 -12.75
N GLN F 68 48.62 9.41 -14.09
CA GLN F 68 49.20 10.36 -15.05
C GLN F 68 48.67 11.78 -14.83
N LEU F 69 47.45 11.89 -14.30
CA LEU F 69 46.84 13.18 -13.99
C LEU F 69 47.36 13.81 -12.69
N SER F 70 48.21 13.10 -11.91
CA SER F 70 48.76 13.50 -10.61
C SER F 70 47.75 13.16 -9.48
N ALA F 71 46.77 12.28 -9.78
CA ALA F 71 45.81 11.83 -8.78
C ALA F 71 46.40 10.64 -8.06
N LYS F 72 45.92 10.38 -6.84
CA LYS F 72 46.44 9.30 -6.01
C LYS F 72 45.29 8.58 -5.29
N ASP F 73 45.41 7.25 -5.14
CA ASP F 73 44.40 6.44 -4.44
C ASP F 73 44.48 6.72 -2.94
N PHE F 74 43.48 7.47 -2.42
CA PHE F 74 43.42 7.83 -1.01
C PHE F 74 43.12 6.64 -0.13
N VAL F 75 42.45 5.60 -0.66
CA VAL F 75 42.09 4.42 0.13
C VAL F 75 43.38 3.62 0.40
N ASN F 76 44.27 3.49 -0.61
CA ASN F 76 45.55 2.80 -0.43
C ASN F 76 46.43 3.56 0.53
N GLU F 77 46.48 4.90 0.39
CA GLU F 77 47.27 5.75 1.28
C GLU F 77 46.84 5.51 2.72
N ALA F 78 45.53 5.45 2.95
CA ALA F 78 44.95 5.20 4.26
C ALA F 78 45.36 3.82 4.81
N ILE F 79 45.14 2.75 4.04
CA ILE F 79 45.46 1.38 4.46
C ILE F 79 46.95 1.22 4.84
N SER F 80 47.87 1.89 4.11
CA SER F 80 49.31 1.84 4.40
C SER F 80 49.63 2.24 5.85
N HIS F 81 48.89 3.22 6.38
CA HIS F 81 49.07 3.72 7.74
C HIS F 81 48.09 3.06 8.72
N TRP F 82 47.50 1.90 8.38
CA TRP F 82 46.55 1.22 9.28
C TRP F 82 47.32 0.66 10.50
N GLU F 83 48.55 0.17 10.27
CA GLU F 83 49.43 -0.39 11.31
C GLU F 83 49.84 0.71 12.32
N LEU F 84 50.24 1.90 11.81
CA LEU F 84 50.64 3.04 12.64
C LEU F 84 49.50 3.58 13.50
N GLN F 85 49.79 3.91 14.78
CA GLN F 85 48.83 4.45 15.76
C GLN F 85 47.67 3.48 16.00
N PRO F 94 45.84 -3.89 16.00
CA PRO F 94 44.72 -4.74 16.46
C PRO F 94 44.40 -5.86 15.47
N SER F 95 44.07 -5.49 14.21
CA SER F 95 43.75 -6.43 13.14
C SER F 95 44.14 -5.86 11.78
N PRO F 96 44.41 -6.71 10.76
CA PRO F 96 44.74 -6.17 9.43
C PRO F 96 43.68 -5.23 8.89
N ALA F 97 44.08 -4.32 7.98
CA ALA F 97 43.14 -3.37 7.40
C ALA F 97 41.96 -4.08 6.76
N SER F 98 42.22 -5.22 6.08
CA SER F 98 41.17 -6.04 5.44
C SER F 98 40.12 -6.59 6.43
N TRP F 99 40.51 -6.83 7.70
CA TRP F 99 39.57 -7.33 8.72
C TRP F 99 38.64 -6.22 9.26
N ALA F 100 39.11 -4.96 9.19
CA ALA F 100 38.39 -3.80 9.69
C ALA F 100 37.69 -3.00 8.62
N CYS F 101 38.32 -2.90 7.46
CA CYS F 101 37.95 -1.98 6.39
C CYS F 101 37.74 -2.72 5.07
N SER F 102 36.58 -2.48 4.41
CA SER F 102 36.18 -3.18 3.16
C SER F 102 37.29 -3.07 2.11
N PRO F 103 37.71 -4.22 1.52
CA PRO F 103 38.88 -4.19 0.63
C PRO F 103 38.62 -3.92 -0.85
N ASN F 104 39.72 -3.86 -1.62
CA ASN F 104 39.76 -3.74 -3.08
C ASN F 104 39.06 -2.50 -3.61
N LEU F 105 38.93 -1.45 -2.80
CA LEU F 105 38.33 -0.20 -3.23
C LEU F 105 39.46 0.77 -3.55
N ARG F 106 39.56 1.16 -4.83
CA ARG F 106 40.60 2.07 -5.28
C ARG F 106 39.90 3.32 -5.74
N CYS F 107 40.13 4.43 -5.04
CA CYS F 107 39.49 5.69 -5.37
C CYS F 107 40.51 6.80 -5.43
N PHE F 108 40.70 7.38 -6.63
CA PHE F 108 41.68 8.40 -6.89
C PHE F 108 41.11 9.79 -6.69
N THR F 109 41.89 10.66 -6.02
CA THR F 109 41.56 12.07 -5.81
C THR F 109 42.80 12.88 -6.11
N PHE F 110 42.62 14.18 -6.41
CA PHE F 110 43.76 15.06 -6.62
C PHE F 110 44.26 15.51 -5.24
N ASP F 111 45.49 16.07 -5.16
CA ASP F 111 46.11 16.49 -3.90
C ASP F 111 45.28 17.53 -3.16
N ARG F 112 45.58 17.73 -1.88
CA ARG F 112 44.91 18.71 -1.03
C ARG F 112 45.17 20.11 -1.59
N GLY F 113 44.10 20.83 -1.92
CA GLY F 113 44.20 22.16 -2.51
C GLY F 113 44.07 22.18 -4.03
N ASP F 114 44.27 21.02 -4.69
CA ASP F 114 44.13 20.89 -6.14
C ASP F 114 42.64 20.85 -6.47
N ILE F 115 42.20 21.60 -7.51
CA ILE F 115 40.78 21.64 -7.91
C ILE F 115 40.58 20.98 -9.29
N SER F 116 41.58 20.26 -9.81
CA SER F 116 41.46 19.60 -11.11
C SER F 116 40.24 18.66 -11.15
N ARG F 117 39.63 18.54 -12.32
CA ARG F 117 38.49 17.67 -12.55
C ARG F 117 38.88 16.48 -13.39
N PHE F 118 38.34 15.32 -13.04
CA PHE F 118 38.56 14.11 -13.79
C PHE F 118 37.76 14.19 -15.06
N PRO F 119 38.30 13.70 -16.18
CA PRO F 119 37.49 13.67 -17.40
C PRO F 119 36.39 12.62 -17.26
N PRO F 120 35.34 12.66 -18.10
CA PRO F 120 34.30 11.64 -18.00
C PRO F 120 34.86 10.26 -18.27
N ALA F 121 34.33 9.24 -17.57
CA ALA F 121 34.78 7.87 -17.79
C ALA F 121 34.35 7.37 -19.17
N ARG F 122 35.07 6.36 -19.69
CA ARG F 122 34.80 5.79 -21.00
C ARG F 122 34.77 4.27 -20.94
N PRO F 123 34.09 3.57 -21.88
CA PRO F 123 34.12 2.10 -21.84
C PRO F 123 35.47 1.55 -22.26
N GLY F 124 35.87 0.47 -21.61
CA GLY F 124 37.13 -0.21 -21.90
C GLY F 124 36.95 -1.32 -22.89
N SER F 125 37.97 -2.18 -22.98
CA SER F 125 38.01 -3.37 -23.83
C SER F 125 36.88 -4.35 -23.52
N LEU F 126 36.37 -4.32 -22.29
CA LEU F 126 35.31 -5.20 -21.84
C LEU F 126 33.92 -4.53 -21.91
N GLY F 127 33.83 -3.29 -22.37
CA GLY F 127 32.56 -2.60 -22.51
C GLY F 127 32.13 -1.81 -21.29
N VAL F 128 32.48 -2.28 -20.09
CA VAL F 128 32.11 -1.59 -18.86
C VAL F 128 32.97 -0.34 -18.71
N MET F 129 32.44 0.66 -18.00
CA MET F 129 33.09 1.95 -17.78
C MET F 129 34.27 1.83 -16.84
N GLU F 130 35.32 2.59 -17.09
CA GLU F 130 36.57 2.52 -16.32
C GLU F 130 36.45 2.91 -14.83
N TYR F 131 35.76 4.02 -14.53
CA TYR F 131 35.63 4.52 -13.15
C TYR F 131 34.35 5.31 -12.97
N TYR F 132 33.96 5.52 -11.71
CA TYR F 132 32.74 6.22 -11.35
C TYR F 132 33.10 7.45 -10.55
N LEU F 133 32.74 8.65 -11.05
CA LEU F 133 33.03 9.88 -10.32
C LEU F 133 31.98 10.09 -9.25
N MET F 134 32.42 10.44 -8.05
CA MET F 134 31.56 10.63 -6.89
C MET F 134 32.24 11.42 -5.81
N ASP F 135 31.46 11.82 -4.79
CA ASP F 135 32.01 12.46 -3.60
C ASP F 135 32.87 11.39 -2.94
N ALA F 136 34.16 11.65 -2.78
CA ALA F 136 35.08 10.68 -2.20
C ALA F 136 34.60 10.21 -0.82
N ALA F 137 33.99 11.11 -0.02
CA ALA F 137 33.49 10.78 1.31
C ALA F 137 32.40 9.71 1.27
N SER F 138 31.60 9.62 0.19
CA SER F 138 30.56 8.59 0.06
C SER F 138 31.09 7.15 0.11
N LEU F 139 32.40 6.98 -0.07
CA LEU F 139 33.02 5.67 0.00
C LEU F 139 33.27 5.25 1.46
N LEU F 140 33.38 6.21 2.40
CA LEU F 140 33.73 5.95 3.79
C LEU F 140 32.71 5.07 4.52
N PRO F 141 31.38 5.28 4.38
CA PRO F 141 30.42 4.36 5.03
C PRO F 141 30.57 2.92 4.52
N VAL F 142 30.88 2.76 3.22
CA VAL F 142 31.07 1.45 2.63
C VAL F 142 32.36 0.83 3.18
N LEU F 143 33.44 1.62 3.22
CA LEU F 143 34.72 1.18 3.79
C LEU F 143 34.55 0.80 5.25
N ALA F 144 33.96 1.69 6.05
CA ALA F 144 33.72 1.50 7.49
C ALA F 144 32.86 0.29 7.80
N LEU F 145 31.95 -0.11 6.90
CA LEU F 145 31.06 -1.26 7.12
C LEU F 145 31.85 -2.57 7.27
N GLY F 146 33.06 -2.63 6.71
CA GLY F 146 33.99 -3.73 6.92
C GLY F 146 33.59 -5.06 6.35
N LEU F 147 33.17 -5.10 5.10
CA LEU F 147 32.79 -6.33 4.41
C LEU F 147 33.93 -7.36 4.45
N GLN F 148 33.59 -8.61 4.76
CA GLN F 148 34.52 -9.74 4.81
C GLN F 148 34.11 -10.70 3.71
N PRO F 149 35.02 -11.57 3.23
CA PRO F 149 34.64 -12.50 2.15
C PRO F 149 33.47 -13.40 2.52
N GLY F 150 32.50 -13.48 1.61
CA GLY F 150 31.31 -14.31 1.77
C GLY F 150 30.13 -13.70 2.49
N ASP F 151 30.13 -12.39 2.71
CA ASP F 151 29.03 -11.74 3.44
C ASP F 151 27.74 -11.60 2.60
N ILE F 152 26.58 -11.71 3.30
CA ILE F 152 25.24 -11.47 2.77
C ILE F 152 25.04 -9.99 3.08
N VAL F 153 24.94 -9.14 2.05
CA VAL F 153 24.88 -7.68 2.23
C VAL F 153 23.56 -7.09 1.76
N LEU F 154 23.09 -6.05 2.46
CA LEU F 154 21.87 -5.32 2.13
C LEU F 154 22.15 -3.82 2.07
N ASP F 155 21.72 -3.21 0.98
CA ASP F 155 21.75 -1.78 0.79
C ASP F 155 20.29 -1.40 0.81
N LEU F 156 19.79 -0.94 1.96
CA LEU F 156 18.36 -0.66 2.14
C LEU F 156 17.84 0.56 1.34
N CYS F 157 18.67 1.62 1.20
CA CYS F 157 18.34 2.86 0.47
C CYS F 157 19.48 3.08 -0.52
N ALA F 158 19.42 2.31 -1.60
CA ALA F 158 20.49 2.05 -2.56
C ALA F 158 20.60 2.98 -3.75
N ALA F 159 19.48 3.52 -4.25
CA ALA F 159 19.49 4.32 -5.48
C ALA F 159 20.09 5.73 -5.28
N PRO F 160 20.81 6.29 -6.28
CA PRO F 160 21.06 5.77 -7.65
C PRO F 160 22.11 4.67 -7.79
N GLY F 161 22.78 4.23 -6.71
CA GLY F 161 23.73 3.11 -6.79
C GLY F 161 25.21 3.37 -6.62
N GLY F 162 25.59 4.55 -6.16
CA GLY F 162 27.00 4.83 -5.94
C GLY F 162 27.62 3.91 -4.91
N LYS F 163 27.00 3.79 -3.74
CA LYS F 163 27.50 2.93 -2.66
C LYS F 163 27.26 1.45 -3.00
N THR F 164 26.16 1.13 -3.72
CA THR F 164 25.89 -0.25 -4.19
C THR F 164 27.03 -0.71 -5.04
N LEU F 165 27.47 0.16 -5.95
CA LEU F 165 28.56 -0.12 -6.86
C LEU F 165 29.81 -0.43 -6.05
N ALA F 166 30.13 0.41 -5.06
CA ALA F 166 31.30 0.18 -4.21
C ALA F 166 31.18 -1.11 -3.44
N LEU F 167 29.98 -1.42 -2.88
CA LEU F 167 29.81 -2.68 -2.17
C LEU F 167 30.17 -3.86 -3.09
N LEU F 168 29.74 -3.83 -4.36
CA LEU F 168 30.10 -4.88 -5.32
C LEU F 168 31.59 -4.96 -5.61
N GLN F 169 32.24 -3.80 -5.79
CA GLN F 169 33.67 -3.72 -6.10
C GLN F 169 34.55 -4.51 -5.11
N THR F 170 34.11 -4.71 -3.85
CA THR F 170 34.92 -5.39 -2.85
C THR F 170 35.21 -6.83 -3.19
N GLY F 171 34.30 -7.48 -3.93
CA GLY F 171 34.41 -8.90 -4.25
C GLY F 171 34.13 -9.80 -3.07
N CYS F 172 33.47 -9.26 -2.03
CA CYS F 172 33.15 -9.95 -0.79
C CYS F 172 31.69 -10.41 -0.73
N CYS F 173 30.79 -9.74 -1.47
CA CYS F 173 29.36 -10.04 -1.40
C CYS F 173 29.04 -11.42 -1.98
N ARG F 174 28.62 -12.34 -1.12
CA ARG F 174 28.07 -13.61 -1.56
C ARG F 174 26.80 -13.28 -2.28
N ASN F 175 26.00 -12.42 -1.62
CA ASN F 175 24.74 -11.87 -2.09
C ASN F 175 24.68 -10.39 -1.76
N LEU F 176 24.10 -9.57 -2.64
CA LEU F 176 23.91 -8.15 -2.42
C LEU F 176 22.46 -7.76 -2.75
N ALA F 177 21.70 -7.32 -1.73
CA ALA F 177 20.34 -6.85 -1.91
C ALA F 177 20.39 -5.35 -2.04
N ALA F 178 19.89 -4.80 -3.13
CA ALA F 178 19.85 -3.36 -3.35
C ALA F 178 18.41 -2.95 -3.39
N ASN F 179 17.97 -2.08 -2.48
CA ASN F 179 16.57 -1.71 -2.40
C ASN F 179 16.41 -0.22 -2.36
N ASP F 180 15.30 0.25 -2.96
CA ASP F 180 14.93 1.66 -2.94
C ASP F 180 13.47 1.78 -3.26
N LEU F 181 12.74 2.57 -2.48
CA LEU F 181 11.30 2.77 -2.64
C LEU F 181 10.91 3.34 -4.01
N SER F 182 11.72 4.26 -4.55
CA SER F 182 11.46 4.90 -5.84
C SER F 182 11.78 3.98 -7.03
N PRO F 183 10.82 3.63 -7.89
CA PRO F 183 11.14 2.80 -9.07
C PRO F 183 11.88 3.61 -10.16
N SER F 184 11.76 4.95 -10.14
CA SER F 184 12.44 5.82 -11.09
C SER F 184 13.94 5.89 -10.78
N ARG F 185 14.33 5.96 -9.48
CA ARG F 185 15.74 5.99 -9.10
C ARG F 185 16.35 4.58 -9.27
N ILE F 186 15.54 3.52 -9.16
CA ILE F 186 16.00 2.13 -9.39
C ILE F 186 16.41 2.00 -10.87
N ALA F 187 15.74 2.69 -11.80
CA ALA F 187 16.13 2.67 -13.22
C ALA F 187 17.57 3.18 -13.38
N ARG F 188 17.94 4.24 -12.60
CA ARG F 188 19.30 4.80 -12.61
C ARG F 188 20.28 3.80 -12.03
N LEU F 189 19.87 3.06 -10.98
CA LEU F 189 20.68 2.01 -10.37
C LEU F 189 20.90 0.90 -11.37
N GLN F 190 19.85 0.51 -12.10
CA GLN F 190 19.99 -0.52 -13.13
C GLN F 190 20.90 -0.03 -14.24
N LYS F 191 20.83 1.28 -14.59
CA LYS F 191 21.69 1.85 -15.62
C LYS F 191 23.16 1.73 -15.21
N ILE F 192 23.48 2.08 -13.94
CA ILE F 192 24.84 1.97 -13.40
C ILE F 192 25.29 0.51 -13.41
N LEU F 193 24.45 -0.42 -12.93
CA LEU F 193 24.82 -1.84 -12.92
C LEU F 193 25.09 -2.34 -14.34
N HIS F 194 24.27 -1.94 -15.32
CA HIS F 194 24.50 -2.36 -16.70
C HIS F 194 25.79 -1.71 -17.25
N SER F 195 26.07 -0.45 -16.87
CA SER F 195 27.24 0.29 -17.33
C SER F 195 28.55 -0.25 -16.77
N TYR F 196 28.59 -0.53 -15.47
CA TYR F 196 29.82 -0.93 -14.78
C TYR F 196 29.97 -2.44 -14.52
N VAL F 197 28.87 -3.20 -14.32
CA VAL F 197 28.96 -4.60 -13.93
C VAL F 197 28.70 -5.55 -15.11
N PRO F 198 29.55 -6.59 -15.29
CA PRO F 198 29.31 -7.58 -16.35
C PRO F 198 28.04 -8.41 -16.13
N GLU F 199 27.30 -8.75 -17.23
CA GLU F 199 26.05 -9.51 -17.20
C GLU F 199 26.14 -10.79 -16.36
N GLU F 200 27.32 -11.42 -16.30
CA GLU F 200 27.58 -12.64 -15.51
C GLU F 200 27.17 -12.48 -14.04
N ILE F 201 27.45 -11.30 -13.46
CA ILE F 201 27.20 -11.03 -12.05
C ILE F 201 25.83 -10.38 -11.79
N ARG F 202 25.58 -9.21 -12.39
CA ARG F 202 24.37 -8.40 -12.16
C ARG F 202 23.00 -9.18 -12.35
N ASP F 203 22.92 -10.26 -13.19
CA ASP F 203 21.68 -11.06 -13.40
C ASP F 203 21.62 -12.40 -12.60
N GLY F 204 22.75 -12.88 -12.05
CA GLY F 204 22.75 -14.10 -11.25
C GLY F 204 22.08 -13.92 -9.90
N ASN F 205 22.31 -14.88 -8.97
CA ASN F 205 21.79 -14.83 -7.60
C ASN F 205 22.68 -13.99 -6.68
N GLN F 206 23.69 -13.28 -7.23
CA GLN F 206 24.63 -12.48 -6.46
C GLN F 206 24.06 -11.10 -6.18
N VAL F 207 23.27 -10.55 -7.10
CA VAL F 207 22.66 -9.23 -6.93
C VAL F 207 21.15 -9.34 -7.06
N ARG F 208 20.41 -8.61 -6.19
CA ARG F 208 18.96 -8.57 -6.26
C ARG F 208 18.49 -7.16 -6.06
N VAL F 209 17.86 -6.58 -7.09
CA VAL F 209 17.34 -5.22 -7.04
C VAL F 209 15.84 -5.29 -6.77
N THR F 210 15.39 -4.64 -5.69
CA THR F 210 13.99 -4.57 -5.31
C THR F 210 13.60 -3.11 -5.19
N SER F 211 12.30 -2.85 -5.25
CA SER F 211 11.74 -1.50 -5.11
C SER F 211 10.57 -1.61 -4.14
N TRP F 212 10.84 -1.35 -2.88
CA TRP F 212 9.85 -1.55 -1.83
C TRP F 212 10.21 -0.72 -0.64
N ASP F 213 9.26 -0.54 0.28
CA ASP F 213 9.51 0.26 1.46
C ASP F 213 10.54 -0.45 2.33
N GLY F 214 11.65 0.23 2.60
CA GLY F 214 12.73 -0.29 3.40
C GLY F 214 12.37 -0.47 4.87
N ARG F 215 11.38 0.26 5.36
CA ARG F 215 10.94 0.17 6.75
C ARG F 215 10.30 -1.18 7.07
N LYS F 216 9.78 -1.89 6.05
CA LYS F 216 9.15 -3.19 6.24
C LYS F 216 10.15 -4.36 6.29
N TRP F 217 11.49 -4.10 6.20
CA TRP F 217 12.49 -5.19 6.20
C TRP F 217 12.57 -5.95 7.52
N GLY F 218 12.06 -5.41 8.61
CA GLY F 218 12.05 -6.15 9.87
C GLY F 218 11.20 -7.41 9.77
N GLU F 219 10.04 -7.30 9.10
CA GLU F 219 9.09 -8.39 8.93
C GLU F 219 9.58 -9.34 7.86
N LEU F 220 9.75 -8.85 6.64
CA LEU F 220 10.29 -9.65 5.53
C LEU F 220 11.82 -9.59 5.57
N GLU F 221 12.51 -10.74 5.65
CA GLU F 221 13.98 -10.85 5.72
C GLU F 221 14.64 -10.38 7.05
N GLY F 222 14.02 -10.71 8.17
CA GLY F 222 14.62 -10.41 9.47
C GLY F 222 15.79 -11.33 9.77
N ASP F 223 16.78 -10.86 10.55
CA ASP F 223 17.94 -11.64 10.98
C ASP F 223 18.62 -12.38 9.83
N THR F 224 18.74 -11.74 8.67
CA THR F 224 19.27 -12.37 7.45
C THR F 224 20.68 -11.90 7.03
N TYR F 225 20.98 -10.60 7.15
CA TYR F 225 22.20 -10.02 6.61
C TYR F 225 23.37 -9.85 7.61
N ASP F 226 24.59 -10.04 7.08
CA ASP F 226 25.85 -9.92 7.84
C ASP F 226 26.25 -8.46 7.95
N ARG F 227 26.05 -7.72 6.86
CA ARG F 227 26.36 -6.30 6.73
C ARG F 227 25.15 -5.57 6.15
N VAL F 228 24.78 -4.42 6.70
CA VAL F 228 23.64 -3.65 6.18
C VAL F 228 24.01 -2.18 6.09
N LEU F 229 23.81 -1.57 4.91
CA LEU F 229 24.04 -0.14 4.72
C LEU F 229 22.69 0.54 4.70
N VAL F 230 22.51 1.55 5.57
CA VAL F 230 21.27 2.35 5.66
C VAL F 230 21.64 3.80 5.36
N ASP F 231 21.84 4.10 4.08
CA ASP F 231 22.19 5.45 3.63
C ASP F 231 20.89 6.18 3.36
N VAL F 232 20.28 6.68 4.44
CA VAL F 232 18.92 7.24 4.44
C VAL F 232 18.70 8.51 3.63
N PRO F 233 17.41 8.74 3.23
CA PRO F 233 17.04 10.02 2.64
C PRO F 233 17.08 11.11 3.72
N CYS F 234 17.70 12.22 3.41
CA CYS F 234 17.91 13.31 4.33
C CYS F 234 17.68 14.64 3.61
N THR F 235 18.08 15.77 4.23
CA THR F 235 17.94 17.09 3.62
C THR F 235 19.02 17.37 2.54
N THR F 236 19.86 16.36 2.14
CA THR F 236 20.90 16.47 1.10
C THR F 236 21.40 17.89 1.00
N ASP F 237 21.98 18.37 2.10
CA ASP F 237 22.44 19.75 2.32
C ASP F 237 23.07 20.42 1.10
N ARG F 238 24.05 19.80 0.47
CA ARG F 238 24.72 20.41 -0.67
C ARG F 238 23.81 20.48 -1.90
N HIS F 239 23.14 19.38 -2.21
CA HIS F 239 22.23 19.31 -3.35
C HIS F 239 21.07 20.28 -3.20
N SER F 240 20.54 20.44 -1.97
CA SER F 240 19.42 21.35 -1.72
C SER F 240 19.80 22.84 -1.93
N LEU F 241 21.11 23.18 -1.99
CA LEU F 241 21.57 24.54 -2.27
C LEU F 241 21.84 24.79 -3.77
N HIS F 242 21.81 23.73 -4.62
CA HIS F 242 22.07 23.82 -6.05
C HIS F 242 20.79 23.66 -6.88
N GLU F 243 20.07 22.54 -6.68
CA GLU F 243 18.88 22.22 -7.44
C GLU F 243 17.61 22.81 -6.81
N GLU F 244 16.79 23.50 -7.62
CA GLU F 244 15.52 24.08 -7.17
C GLU F 244 14.38 23.05 -7.35
N GLU F 245 14.46 22.18 -8.38
CA GLU F 245 13.44 21.14 -8.60
C GLU F 245 13.58 20.03 -7.55
N ASN F 246 12.44 19.54 -7.04
CA ASN F 246 12.37 18.48 -6.03
C ASN F 246 13.19 18.86 -4.78
N ASN F 247 13.09 20.13 -4.35
CA ASN F 247 13.83 20.61 -3.19
C ASN F 247 13.00 20.36 -1.93
N ILE F 248 13.60 19.66 -0.96
CA ILE F 248 12.99 19.31 0.33
C ILE F 248 12.60 20.58 1.13
N PHE F 249 13.26 21.73 0.89
CA PHE F 249 12.93 22.98 1.58
C PHE F 249 11.77 23.73 0.89
N LYS F 250 11.03 23.10 -0.05
CA LYS F 250 9.86 23.75 -0.64
C LYS F 250 8.78 23.91 0.43
N ARG F 251 8.04 25.04 0.38
CA ARG F 251 6.95 25.36 1.30
C ARG F 251 5.93 24.20 1.41
N SER F 252 5.67 23.50 0.30
CA SER F 252 4.74 22.37 0.26
C SER F 252 5.30 21.15 1.00
N ARG F 253 6.64 20.96 0.98
CA ARG F 253 7.31 19.84 1.63
C ARG F 253 7.75 20.17 3.08
N LYS F 254 6.97 20.99 3.83
CA LYS F 254 7.30 21.37 5.21
C LYS F 254 7.08 20.21 6.17
N LYS F 255 5.97 19.47 6.03
CA LYS F 255 5.66 18.33 6.89
C LYS F 255 6.64 17.20 6.61
N GLU F 256 6.85 16.86 5.33
CA GLU F 256 7.79 15.81 4.88
C GLU F 256 9.19 16.01 5.48
N ARG F 257 9.66 17.28 5.49
CA ARG F 257 10.98 17.62 6.02
C ARG F 257 11.03 17.51 7.56
N GLN F 258 9.94 17.91 8.25
CA GLN F 258 9.91 17.87 9.72
C GLN F 258 9.83 16.44 10.25
N ILE F 259 9.08 15.54 9.56
CA ILE F 259 8.96 14.12 9.95
C ILE F 259 10.12 13.26 9.40
N LEU F 260 11.14 13.87 8.79
CA LEU F 260 12.27 13.16 8.21
C LEU F 260 13.05 12.36 9.28
N PRO F 261 13.27 12.84 10.52
CA PRO F 261 13.96 12.00 11.50
C PRO F 261 13.15 10.77 11.96
N VAL F 262 11.82 10.76 11.75
CA VAL F 262 10.99 9.61 12.11
C VAL F 262 11.30 8.50 11.10
N LEU F 263 11.18 8.83 9.81
CA LEU F 263 11.49 7.94 8.70
C LEU F 263 12.89 7.35 8.82
N GLN F 264 13.87 8.21 9.10
CA GLN F 264 15.27 7.83 9.22
C GLN F 264 15.48 6.80 10.35
N VAL F 265 14.78 6.94 11.48
CA VAL F 265 14.85 5.96 12.58
C VAL F 265 14.14 4.67 12.13
N GLN F 266 12.99 4.81 11.46
CA GLN F 266 12.24 3.65 11.01
C GLN F 266 13.09 2.81 10.04
N LEU F 267 13.82 3.47 9.12
CA LEU F 267 14.69 2.77 8.18
C LEU F 267 15.90 2.16 8.87
N LEU F 268 16.52 2.87 9.81
CA LEU F 268 17.66 2.31 10.52
C LEU F 268 17.24 1.11 11.37
N ALA F 269 16.11 1.23 12.09
CA ALA F 269 15.60 0.11 12.91
C ALA F 269 15.31 -1.11 12.02
N ALA F 270 14.74 -0.88 10.83
CA ALA F 270 14.45 -1.96 9.89
C ALA F 270 15.75 -2.64 9.42
N GLY F 271 16.79 -1.83 9.21
CA GLY F 271 18.09 -2.35 8.80
C GLY F 271 18.66 -3.23 9.89
N LEU F 272 18.57 -2.76 11.14
CA LEU F 272 19.05 -3.52 12.29
C LEU F 272 18.25 -4.81 12.48
N LEU F 273 16.92 -4.78 12.29
CA LEU F 273 16.10 -5.98 12.42
C LEU F 273 16.43 -6.99 11.31
N ALA F 274 16.85 -6.50 10.14
CA ALA F 274 17.27 -7.37 9.01
C ALA F 274 18.66 -7.94 9.20
N THR F 275 19.43 -7.41 10.16
CA THR F 275 20.81 -7.84 10.45
C THR F 275 20.79 -9.07 11.35
N LYS F 276 21.65 -10.07 11.05
CA LYS F 276 21.78 -11.26 11.91
C LYS F 276 22.28 -10.87 13.27
N PRO F 277 21.95 -11.55 14.38
CA PRO F 277 22.61 -11.19 15.64
C PRO F 277 24.12 -11.42 15.49
N GLY F 278 24.89 -10.40 15.86
CA GLY F 278 26.34 -10.38 15.68
C GLY F 278 26.78 -9.59 14.45
N GLY F 279 25.84 -9.32 13.55
CA GLY F 279 26.10 -8.59 12.33
C GLY F 279 26.29 -7.13 12.57
N HIS F 280 26.74 -6.40 11.52
CA HIS F 280 27.06 -4.99 11.61
C HIS F 280 26.28 -4.14 10.62
N VAL F 281 26.02 -2.90 11.03
CA VAL F 281 25.26 -1.93 10.24
C VAL F 281 25.98 -0.60 10.21
N VAL F 282 25.96 0.06 9.05
CA VAL F 282 26.46 1.41 8.94
C VAL F 282 25.27 2.27 8.53
N TYR F 283 25.01 3.30 9.32
CA TYR F 283 23.97 4.29 9.03
C TYR F 283 24.66 5.51 8.48
N SER F 284 24.11 6.15 7.45
CA SER F 284 24.77 7.35 6.94
C SER F 284 23.80 8.32 6.28
N THR F 285 24.23 9.60 6.27
CA THR F 285 23.50 10.70 5.67
C THR F 285 24.48 11.64 5.00
N CYS F 286 23.95 12.56 4.20
CA CYS F 286 24.73 13.61 3.57
C CYS F 286 24.16 14.92 4.07
N SER F 287 24.11 15.02 5.40
CA SER F 287 23.62 16.16 6.14
C SER F 287 24.49 16.40 7.37
N LEU F 288 24.50 17.65 7.84
CA LEU F 288 25.28 18.10 9.00
C LEU F 288 24.45 18.15 10.28
N SER F 289 23.11 18.09 10.17
CA SER F 289 22.19 18.20 11.32
C SER F 289 22.34 17.05 12.32
N HIS F 290 22.42 17.40 13.63
CA HIS F 290 22.47 16.42 14.73
C HIS F 290 21.16 15.64 14.81
N LEU F 291 20.08 16.28 14.38
CA LEU F 291 18.73 15.72 14.42
C LEU F 291 18.56 14.52 13.50
N GLN F 292 19.30 14.49 12.37
CA GLN F 292 19.27 13.43 11.35
C GLN F 292 20.44 12.46 11.47
N ASN F 293 21.40 12.73 12.36
CA ASN F 293 22.61 11.95 12.55
C ASN F 293 22.57 11.20 13.89
N GLU F 294 23.22 11.74 14.95
CA GLU F 294 23.33 11.08 16.25
C GLU F 294 22.00 10.79 16.92
N TYR F 295 20.98 11.62 16.73
CA TYR F 295 19.68 11.37 17.38
C TYR F 295 18.92 10.28 16.65
N VAL F 296 19.25 10.00 15.37
CA VAL F 296 18.65 8.89 14.63
C VAL F 296 19.30 7.59 15.10
N VAL F 297 20.62 7.61 15.32
CA VAL F 297 21.33 6.44 15.82
C VAL F 297 20.83 6.10 17.23
N GLN F 298 20.80 7.10 18.13
CA GLN F 298 20.34 6.91 19.52
C GLN F 298 18.88 6.51 19.55
N GLY F 299 18.07 7.10 18.70
CA GLY F 299 16.65 6.80 18.61
C GLY F 299 16.37 5.37 18.20
N ALA F 300 17.05 4.90 17.15
CA ALA F 300 16.87 3.55 16.65
C ALA F 300 17.39 2.52 17.65
N ILE F 301 18.48 2.82 18.36
CA ILE F 301 19.01 1.91 19.38
C ILE F 301 18.00 1.78 20.54
N GLU F 302 17.37 2.89 20.96
CA GLU F 302 16.36 2.87 22.02
C GLU F 302 15.13 2.09 21.59
N LEU F 303 14.64 2.34 20.37
CA LEU F 303 13.45 1.67 19.81
C LEU F 303 13.62 0.16 19.77
N LEU F 304 14.81 -0.34 19.46
CA LEU F 304 15.06 -1.77 19.42
C LEU F 304 15.22 -2.36 20.79
N ALA F 305 15.80 -1.61 21.71
CA ALA F 305 15.97 -2.07 23.08
C ALA F 305 14.63 -2.17 23.81
N ASN F 306 13.72 -1.21 23.60
CA ASN F 306 12.44 -1.16 24.29
C ASN F 306 11.40 -2.06 23.63
N GLN F 307 11.13 -1.84 22.34
CA GLN F 307 10.09 -2.54 21.60
C GLN F 307 10.43 -4.00 21.27
N TYR F 308 11.69 -4.30 20.88
CA TYR F 308 12.08 -5.66 20.48
C TYR F 308 13.08 -6.36 21.44
N SER F 309 13.57 -5.65 22.48
CA SER F 309 14.54 -6.21 23.44
C SER F 309 15.82 -6.72 22.75
N ILE F 310 16.31 -5.93 21.76
CA ILE F 310 17.54 -6.20 21.00
C ILE F 310 18.56 -5.15 21.41
N GLN F 311 19.77 -5.59 21.76
CA GLN F 311 20.86 -4.71 22.20
C GLN F 311 21.73 -4.35 21.00
N VAL F 312 21.99 -3.05 20.79
CA VAL F 312 22.81 -2.57 19.67
C VAL F 312 23.94 -1.69 20.21
N GLN F 313 25.19 -2.05 19.88
CA GLN F 313 26.38 -1.34 20.33
C GLN F 313 26.98 -0.50 19.22
N VAL F 314 27.21 0.80 19.49
CA VAL F 314 27.87 1.68 18.55
C VAL F 314 29.35 1.35 18.61
N GLU F 315 29.96 1.10 17.44
CA GLU F 315 31.38 0.78 17.36
C GLU F 315 32.18 2.04 17.13
N ASP F 316 33.35 2.13 17.77
CA ASP F 316 34.23 3.29 17.70
C ASP F 316 34.99 3.30 16.38
N LEU F 317 34.89 4.40 15.61
CA LEU F 317 35.59 4.57 14.33
C LEU F 317 36.71 5.62 14.46
N THR F 318 37.32 5.73 15.64
CA THR F 318 38.37 6.71 15.89
C THR F 318 39.62 6.32 15.11
N HIS F 319 40.01 5.05 15.10
CA HIS F 319 41.19 4.63 14.33
C HIS F 319 40.92 4.84 12.84
N PHE F 320 39.69 4.49 12.38
CA PHE F 320 39.27 4.68 10.99
C PHE F 320 39.35 6.16 10.63
N ARG F 321 38.81 7.04 11.48
CA ARG F 321 38.87 8.49 11.25
C ARG F 321 40.30 8.94 11.13
N ARG F 322 41.11 8.72 12.18
CA ARG F 322 42.51 9.13 12.28
C ARG F 322 43.33 8.75 11.05
N VAL F 323 43.07 7.57 10.49
CA VAL F 323 43.76 7.07 9.30
C VAL F 323 43.31 7.87 8.04
N PHE F 324 42.01 8.18 7.94
CA PHE F 324 41.46 8.92 6.80
C PHE F 324 41.50 10.45 6.96
N MET F 325 41.94 11.00 8.13
CA MET F 325 42.06 12.45 8.35
C MET F 325 42.99 13.14 7.34
N ASP F 326 43.96 12.40 6.78
CA ASP F 326 44.91 12.95 5.80
C ASP F 326 44.22 13.45 4.51
N THR F 327 43.04 12.87 4.17
CA THR F 327 42.29 13.23 2.97
C THR F 327 41.05 14.08 3.26
N PHE F 328 40.37 13.85 4.40
CA PHE F 328 39.11 14.54 4.73
C PHE F 328 39.17 15.39 5.99
N CYS F 329 38.27 16.38 6.07
CA CYS F 329 38.10 17.21 7.25
C CYS F 329 36.99 16.60 8.03
N PHE F 330 37.29 16.18 9.26
CA PHE F 330 36.29 15.63 10.14
C PHE F 330 35.97 16.58 11.27
N PHE F 331 34.70 16.59 11.68
CA PHE F 331 34.26 17.33 12.86
C PHE F 331 34.47 16.37 14.02
N SER F 332 35.68 16.39 14.64
CA SER F 332 36.07 15.45 15.72
C SER F 332 35.23 15.52 16.99
N SER F 333 34.42 16.59 17.19
CA SER F 333 33.55 16.71 18.35
C SER F 333 32.28 15.82 18.25
N CYS F 334 32.27 14.78 17.39
CA CYS F 334 31.12 13.90 17.19
C CYS F 334 31.09 12.86 18.30
N GLN F 335 29.96 12.75 19.02
CA GLN F 335 29.84 11.82 20.14
C GLN F 335 29.67 10.40 19.64
N VAL F 336 28.71 10.20 18.75
CA VAL F 336 28.32 8.95 18.13
C VAL F 336 28.59 9.04 16.63
N GLY F 337 29.33 8.10 16.05
CA GLY F 337 29.65 8.13 14.62
C GLY F 337 30.72 9.14 14.28
N GLU F 338 30.90 9.39 12.98
CA GLU F 338 31.88 10.34 12.47
C GLU F 338 31.23 11.24 11.44
N LEU F 339 31.80 12.44 11.21
CA LEU F 339 31.25 13.39 10.25
C LEU F 339 32.34 14.05 9.43
N VAL F 340 32.26 13.95 8.10
CA VAL F 340 33.16 14.62 7.18
C VAL F 340 32.52 15.94 6.85
N ILE F 341 33.20 17.05 7.13
CA ILE F 341 32.67 18.39 6.85
C ILE F 341 33.39 18.94 5.62
N PRO F 342 32.68 19.65 4.73
CA PRO F 342 33.35 20.19 3.54
C PRO F 342 34.24 21.39 3.87
N ASN F 343 35.40 21.44 3.22
CA ASN F 343 36.43 22.48 3.37
C ASN F 343 36.97 22.77 1.99
N LEU F 344 37.38 24.00 1.68
CA LEU F 344 37.89 24.28 0.34
C LEU F 344 39.12 23.45 -0.02
N MET F 345 39.97 23.10 0.96
CA MET F 345 41.16 22.29 0.70
C MET F 345 40.79 20.87 0.26
N ALA F 346 39.69 20.33 0.82
CA ALA F 346 39.14 19.01 0.48
C ALA F 346 37.62 19.11 0.51
N ASN F 347 37.02 19.60 -0.59
CA ASN F 347 35.58 19.87 -0.64
C ASN F 347 34.75 18.61 -0.85
N PHE F 348 34.74 17.75 0.19
CA PHE F 348 34.00 16.50 0.21
C PHE F 348 32.79 16.74 1.10
N GLY F 349 31.62 16.69 0.48
CA GLY F 349 30.35 17.08 1.08
C GLY F 349 30.02 16.46 2.38
N PRO F 350 29.01 17.02 3.07
CA PRO F 350 28.62 16.45 4.37
C PRO F 350 28.43 14.95 4.24
N MET F 351 29.06 14.20 5.13
CA MET F 351 28.93 12.75 5.12
C MET F 351 29.01 12.26 6.55
N TYR F 352 27.85 11.95 7.12
CA TYR F 352 27.76 11.39 8.47
C TYR F 352 27.74 9.89 8.35
N PHE F 353 28.41 9.18 9.26
CA PHE F 353 28.34 7.71 9.25
C PHE F 353 28.66 7.13 10.63
N CYS F 354 27.92 6.06 10.98
CA CYS F 354 28.05 5.39 12.25
C CYS F 354 27.95 3.89 12.09
N LYS F 355 28.97 3.15 12.55
CA LYS F 355 28.98 1.69 12.52
C LYS F 355 28.37 1.15 13.84
N MET F 356 27.57 0.09 13.74
CA MET F 356 26.90 -0.53 14.88
C MET F 356 27.01 -2.02 14.81
N ARG F 357 26.93 -2.71 15.94
CA ARG F 357 26.89 -4.15 15.98
C ARG F 357 25.63 -4.58 16.69
N ARG F 358 24.83 -5.44 16.06
CA ARG F 358 23.65 -6.01 16.71
C ARG F 358 24.17 -7.16 17.57
N LEU F 359 23.91 -7.15 18.88
CA LEU F 359 24.42 -8.18 19.78
C LEU F 359 23.39 -9.28 20.01
N THR F 360 22.15 -8.91 20.38
CA THR F 360 21.07 -9.83 20.70
C THR F 360 19.90 -9.64 19.73
N THR G 37 -16.01 -86.29 61.01
CA THR G 37 -16.25 -85.28 62.04
C THR G 37 -16.61 -83.92 61.42
N PRO G 38 -17.18 -82.94 62.20
CA PRO G 38 -17.54 -81.63 61.61
C PRO G 38 -16.34 -80.78 61.17
N VAL G 39 -15.22 -80.84 61.93
CA VAL G 39 -14.00 -80.08 61.62
C VAL G 39 -13.39 -80.51 60.25
N VAL G 40 -13.41 -81.83 59.95
CA VAL G 40 -12.87 -82.37 58.69
C VAL G 40 -13.80 -82.01 57.50
N GLN G 41 -15.14 -82.03 57.69
CA GLN G 41 -16.08 -81.71 56.60
C GLN G 41 -15.99 -80.22 56.17
N GLY G 42 -15.76 -79.32 57.13
CA GLY G 42 -15.55 -77.90 56.85
C GLY G 42 -14.28 -77.62 56.07
N SER G 43 -13.21 -78.42 56.31
CA SER G 43 -11.93 -78.30 55.60
C SER G 43 -12.06 -78.84 54.16
N LEU G 44 -12.86 -79.89 53.98
CA LEU G 44 -13.12 -80.48 52.65
C LEU G 44 -14.03 -79.58 51.83
N GLU G 45 -15.04 -78.96 52.49
CA GLU G 45 -15.98 -77.99 51.89
C GLU G 45 -15.23 -76.72 51.45
N LEU G 46 -14.27 -76.25 52.27
CA LEU G 46 -13.42 -75.09 51.97
C LEU G 46 -12.52 -75.39 50.77
N GLU G 47 -11.97 -76.62 50.71
CA GLU G 47 -11.12 -77.06 49.61
C GLU G 47 -11.92 -77.11 48.29
N ARG G 48 -13.23 -77.50 48.32
CA ARG G 48 -14.07 -77.53 47.10
C ARG G 48 -14.35 -76.13 46.52
N VAL G 49 -14.69 -75.15 47.37
CA VAL G 49 -14.98 -73.78 46.92
C VAL G 49 -13.69 -73.09 46.46
N MET G 50 -12.55 -73.34 47.18
CA MET G 50 -11.23 -72.81 46.80
C MET G 50 -10.82 -73.40 45.44
N SER G 51 -11.07 -74.72 45.23
CA SER G 51 -10.77 -75.39 43.96
C SER G 51 -11.65 -74.87 42.83
N SER G 52 -12.95 -74.61 43.11
CA SER G 52 -13.89 -74.09 42.11
C SER G 52 -13.48 -72.68 41.67
N LEU G 53 -13.08 -71.81 42.63
CA LEU G 53 -12.62 -70.44 42.34
C LEU G 53 -11.30 -70.47 41.55
N LEU G 54 -10.38 -71.43 41.84
CA LEU G 54 -9.12 -71.56 41.12
C LEU G 54 -9.39 -72.00 39.66
N ASP G 55 -10.41 -72.87 39.44
CA ASP G 55 -10.81 -73.32 38.10
C ASP G 55 -11.51 -72.19 37.31
N MET G 56 -12.24 -71.28 38.01
CA MET G 56 -12.93 -70.15 37.37
C MET G 56 -11.92 -69.18 36.73
N GLY G 57 -10.85 -68.86 37.44
CA GLY G 57 -9.83 -67.92 36.97
C GLY G 57 -9.00 -67.25 38.06
N PHE G 58 -9.56 -67.10 39.29
CA PHE G 58 -8.86 -66.50 40.44
C PHE G 58 -7.53 -67.25 40.71
N SER G 59 -6.46 -66.53 41.13
CA SER G 59 -5.15 -67.17 41.35
C SER G 59 -4.35 -66.55 42.50
N ASN G 60 -3.47 -67.38 43.12
CA ASN G 60 -2.57 -67.03 44.21
C ASN G 60 -3.32 -66.46 45.45
N ALA G 61 -3.10 -65.18 45.87
CA ALA G 61 -3.74 -64.60 47.04
C ALA G 61 -5.11 -63.95 46.75
N HIS G 62 -5.55 -63.90 45.47
CA HIS G 62 -6.85 -63.29 45.12
C HIS G 62 -8.05 -64.17 45.57
N ILE G 63 -7.84 -65.47 45.84
CA ILE G 63 -8.89 -66.40 46.33
C ILE G 63 -9.12 -66.16 47.85
N ASN G 64 -8.01 -65.90 48.59
CA ASN G 64 -7.95 -65.63 50.05
C ASN G 64 -8.54 -64.25 50.39
N GLU G 65 -8.55 -63.31 49.41
CA GLU G 65 -9.16 -61.98 49.54
C GLU G 65 -10.68 -62.08 49.67
N LEU G 66 -11.29 -63.07 49.00
CA LEU G 66 -12.74 -63.27 49.02
C LEU G 66 -13.23 -63.77 50.38
N LEU G 67 -12.46 -64.69 50.99
CA LEU G 67 -12.80 -65.26 52.29
C LEU G 67 -12.49 -64.31 53.45
N SER G 68 -11.40 -63.52 53.37
CA SER G 68 -11.06 -62.60 54.48
C SER G 68 -12.02 -61.42 54.63
N VAL G 69 -12.47 -60.84 53.50
CA VAL G 69 -13.35 -59.66 53.50
C VAL G 69 -14.79 -60.01 54.04
N ARG G 70 -15.19 -61.30 54.00
CA ARG G 70 -16.53 -61.77 54.44
C ARG G 70 -16.86 -61.35 55.89
N ARG G 71 -18.00 -60.63 56.08
CA ARG G 71 -18.47 -60.12 57.39
C ARG G 71 -19.67 -60.94 57.91
N GLY G 72 -19.41 -62.20 58.24
CA GLY G 72 -20.39 -63.14 58.80
C GLY G 72 -21.37 -63.79 57.84
N ALA G 73 -21.19 -63.64 56.51
CA ALA G 73 -22.08 -64.27 55.53
C ALA G 73 -21.74 -65.77 55.39
N SER G 74 -22.65 -66.54 54.77
CA SER G 74 -22.44 -67.98 54.57
C SER G 74 -21.38 -68.25 53.51
N LEU G 75 -20.80 -69.45 53.52
CA LEU G 75 -19.78 -69.85 52.54
C LEU G 75 -20.39 -70.02 51.14
N GLN G 76 -21.61 -70.60 51.05
CA GLN G 76 -22.30 -70.78 49.77
C GLN G 76 -22.80 -69.42 49.24
N GLN G 77 -23.14 -68.47 50.15
CA GLN G 77 -23.60 -67.13 49.76
C GLN G 77 -22.48 -66.36 49.03
N LEU G 78 -21.20 -66.56 49.44
CA LEU G 78 -20.05 -65.93 48.79
C LEU G 78 -19.90 -66.46 47.35
N LEU G 79 -20.04 -67.79 47.17
CA LEU G 79 -19.96 -68.43 45.85
C LEU G 79 -21.23 -68.16 45.02
N ASP G 80 -22.43 -68.04 45.65
CA ASP G 80 -23.69 -67.74 44.94
C ASP G 80 -23.71 -66.32 44.37
N ILE G 81 -23.12 -65.36 45.10
CA ILE G 81 -23.05 -63.96 44.66
C ILE G 81 -21.98 -63.80 43.57
N ILE G 82 -20.78 -64.38 43.79
CA ILE G 82 -19.68 -64.32 42.82
C ILE G 82 -20.07 -65.06 41.54
N SER G 83 -20.77 -66.22 41.65
CA SER G 83 -21.21 -67.00 40.48
C SER G 83 -22.13 -66.17 39.56
N GLU G 84 -23.00 -65.31 40.13
CA GLU G 84 -23.87 -64.46 39.32
C GLU G 84 -23.07 -63.33 38.65
N PHE G 85 -22.00 -62.82 39.31
CA PHE G 85 -21.14 -61.78 38.73
C PHE G 85 -20.28 -62.31 37.58
N ILE G 86 -19.83 -63.59 37.63
CA ILE G 86 -19.10 -64.20 36.52
C ILE G 86 -20.09 -64.44 35.36
N LEU G 87 -21.35 -64.87 35.68
CA LEU G 87 -22.40 -65.07 34.66
C LEU G 87 -22.81 -63.75 33.99
N LEU G 88 -22.64 -62.61 34.68
CA LEU G 88 -22.94 -61.28 34.13
C LEU G 88 -21.80 -60.74 33.21
N GLY G 89 -20.73 -61.51 33.01
CA GLY G 89 -19.62 -61.14 32.13
C GLY G 89 -18.43 -60.47 32.79
N LEU G 90 -18.41 -60.37 34.13
CA LEU G 90 -17.27 -59.79 34.84
C LEU G 90 -16.15 -60.81 34.92
N ASN G 91 -14.90 -60.34 34.90
CA ASN G 91 -13.72 -61.19 34.99
C ASN G 91 -13.37 -61.38 36.48
N PRO G 92 -12.45 -62.30 36.85
CA PRO G 92 -12.15 -62.49 38.28
C PRO G 92 -11.49 -61.29 38.98
N GLU G 93 -10.73 -60.44 38.26
CA GLU G 93 -10.04 -59.30 38.89
C GLU G 93 -11.04 -58.21 39.33
N PRO G 94 -11.94 -57.69 38.46
CA PRO G 94 -12.89 -56.67 38.95
C PRO G 94 -13.91 -57.20 39.96
N VAL G 95 -14.13 -58.53 40.06
CA VAL G 95 -15.04 -59.11 41.05
C VAL G 95 -14.43 -58.91 42.47
N CYS G 96 -13.07 -58.98 42.61
CA CYS G 96 -12.41 -58.73 43.89
C CYS G 96 -12.47 -57.24 44.24
N VAL G 97 -12.50 -56.36 43.22
CA VAL G 97 -12.56 -54.90 43.39
C VAL G 97 -13.96 -54.48 43.87
N VAL G 98 -15.02 -54.87 43.14
CA VAL G 98 -16.40 -54.48 43.48
C VAL G 98 -16.82 -55.01 44.87
N LEU G 99 -16.40 -56.24 45.25
CA LEU G 99 -16.76 -56.81 46.55
C LEU G 99 -15.91 -56.25 47.70
N LYS G 100 -14.66 -55.82 47.44
CA LYS G 100 -13.82 -55.22 48.50
C LYS G 100 -14.35 -53.81 48.83
N LYS G 101 -14.69 -53.04 47.77
CA LYS G 101 -15.22 -51.68 47.90
C LYS G 101 -16.64 -51.70 48.47
N SER G 102 -17.48 -52.61 47.97
CA SER G 102 -18.87 -52.77 48.41
C SER G 102 -19.10 -54.19 48.96
N PRO G 103 -18.70 -54.48 50.22
CA PRO G 103 -18.92 -55.82 50.78
C PRO G 103 -20.39 -56.12 51.10
N GLN G 104 -21.26 -55.07 51.18
CA GLN G 104 -22.70 -55.24 51.43
C GLN G 104 -23.39 -56.08 50.33
N LEU G 105 -22.77 -56.26 49.14
CA LEU G 105 -23.29 -57.08 48.04
C LEU G 105 -23.44 -58.56 48.47
N LEU G 106 -22.60 -59.04 49.42
CA LEU G 106 -22.69 -60.42 49.93
C LEU G 106 -23.91 -60.62 50.84
N LYS G 107 -24.43 -59.55 51.45
CA LYS G 107 -25.60 -59.60 52.33
C LYS G 107 -26.92 -59.71 51.53
N LEU G 108 -26.90 -59.48 50.20
CA LEU G 108 -28.11 -59.56 49.35
C LEU G 108 -28.69 -60.97 49.27
N PRO G 109 -30.01 -61.21 49.27
CA PRO G 109 -30.51 -62.60 49.07
C PRO G 109 -30.27 -63.06 47.62
N ILE G 110 -29.83 -64.32 47.43
CA ILE G 110 -29.54 -64.87 46.09
C ILE G 110 -30.77 -64.84 45.16
N MET G 111 -31.97 -65.13 45.66
CA MET G 111 -33.19 -65.15 44.85
C MET G 111 -33.55 -63.74 44.37
N GLN G 112 -33.41 -62.71 45.22
CA GLN G 112 -33.68 -61.32 44.84
C GLN G 112 -32.54 -60.78 43.95
N MET G 113 -31.31 -61.28 44.12
CA MET G 113 -30.17 -60.87 43.29
C MET G 113 -30.36 -61.40 41.85
N ARG G 114 -30.80 -62.67 41.72
CA ARG G 114 -31.07 -63.29 40.41
C ARG G 114 -32.17 -62.56 39.66
N LYS G 115 -33.19 -62.06 40.38
CA LYS G 115 -34.31 -61.30 39.79
C LYS G 115 -33.76 -60.03 39.14
N ARG G 116 -32.93 -59.26 39.87
CA ARG G 116 -32.33 -58.02 39.37
C ARG G 116 -31.24 -58.32 38.32
N SER G 117 -30.52 -59.46 38.45
CA SER G 117 -29.51 -59.88 37.46
C SER G 117 -30.19 -60.12 36.10
N SER G 118 -31.39 -60.74 36.11
CA SER G 118 -32.17 -60.98 34.90
C SER G 118 -32.73 -59.68 34.33
N TYR G 119 -33.23 -58.77 35.21
CA TYR G 119 -33.79 -57.47 34.79
C TYR G 119 -32.70 -56.64 34.07
N LEU G 120 -31.48 -56.62 34.62
CA LEU G 120 -30.35 -55.89 34.02
C LEU G 120 -29.85 -56.54 32.72
N GLN G 121 -29.94 -57.89 32.58
CA GLN G 121 -29.52 -58.58 31.35
C GLN G 121 -30.40 -58.16 30.16
N LYS G 122 -31.73 -58.10 30.36
CA LYS G 122 -32.67 -57.67 29.31
C LYS G 122 -32.59 -56.15 29.06
N LEU G 123 -32.14 -55.39 30.07
CA LEU G 123 -31.94 -53.94 29.96
C LEU G 123 -30.68 -53.61 29.11
N GLY G 124 -29.85 -54.62 28.83
CA GLY G 124 -28.64 -54.48 28.03
C GLY G 124 -27.36 -54.27 28.83
N LEU G 125 -27.49 -54.12 30.16
CA LEU G 125 -26.38 -53.82 31.07
C LEU G 125 -25.44 -55.01 31.28
N GLY G 126 -25.97 -56.22 31.24
CA GLY G 126 -25.16 -57.42 31.45
C GLY G 126 -24.28 -57.77 30.26
N GLU G 127 -23.83 -59.03 30.24
CA GLU G 127 -22.96 -59.59 29.19
C GLU G 127 -21.57 -58.90 29.10
N GLY G 128 -21.07 -58.34 30.20
CA GLY G 128 -19.74 -57.75 30.25
C GLY G 128 -19.61 -56.30 30.68
N LYS G 129 -20.48 -55.41 30.18
CA LYS G 129 -20.37 -53.97 30.46
C LYS G 129 -21.13 -53.57 31.74
N LEU G 130 -20.56 -53.94 32.89
CA LEU G 130 -21.10 -53.63 34.22
C LEU G 130 -19.97 -53.37 35.26
N LYS G 131 -18.76 -52.99 34.79
CA LYS G 131 -17.62 -52.76 35.68
C LYS G 131 -17.74 -51.41 36.38
N ARG G 132 -17.89 -50.33 35.58
CA ARG G 132 -17.99 -48.95 36.08
C ARG G 132 -19.39 -48.60 36.61
N VAL G 133 -20.38 -49.51 36.48
CA VAL G 133 -21.73 -49.29 36.98
C VAL G 133 -21.75 -49.51 38.49
N LEU G 134 -21.32 -50.71 38.93
CA LEU G 134 -21.30 -51.06 40.37
C LEU G 134 -20.19 -50.33 41.14
N TYR G 135 -19.07 -50.01 40.49
CA TYR G 135 -17.97 -49.30 41.16
C TYR G 135 -18.43 -47.91 41.61
N CYS G 136 -19.10 -47.15 40.71
CA CYS G 136 -19.62 -45.80 40.96
C CYS G 136 -21.00 -45.82 41.64
N CYS G 137 -21.89 -46.78 41.27
CA CYS G 137 -23.25 -46.87 41.84
C CYS G 137 -23.48 -48.27 42.47
N PRO G 138 -23.02 -48.50 43.72
CA PRO G 138 -23.22 -49.83 44.36
C PRO G 138 -24.62 -50.03 44.94
N GLU G 139 -25.45 -48.97 45.05
CA GLU G 139 -26.83 -49.06 45.57
C GLU G 139 -27.85 -49.50 44.49
N ILE G 140 -27.41 -49.94 43.29
CA ILE G 140 -28.29 -50.35 42.20
C ILE G 140 -29.14 -51.59 42.55
N PHE G 141 -28.59 -52.58 43.30
CA PHE G 141 -29.31 -53.80 43.68
C PHE G 141 -30.39 -53.56 44.74
N THR G 142 -30.09 -52.70 45.71
CA THR G 142 -31.00 -52.43 46.83
C THR G 142 -32.15 -51.50 46.40
N MET G 143 -31.93 -50.72 45.32
CA MET G 143 -32.89 -49.76 44.73
C MET G 143 -34.22 -50.42 44.37
N ARG G 144 -35.29 -49.61 44.31
CA ARG G 144 -36.63 -50.08 43.95
C ARG G 144 -36.69 -50.37 42.46
N GLN G 145 -37.33 -51.49 42.10
CA GLN G 145 -37.51 -51.96 40.72
C GLN G 145 -38.20 -50.91 39.85
N GLN G 146 -39.24 -50.26 40.38
CA GLN G 146 -40.03 -49.26 39.66
C GLN G 146 -39.27 -47.93 39.48
N ASP G 147 -38.44 -47.54 40.47
CA ASP G 147 -37.65 -46.31 40.37
C ASP G 147 -36.60 -46.43 39.26
N ILE G 148 -36.07 -47.66 39.00
CA ILE G 148 -35.14 -47.88 37.89
C ILE G 148 -35.94 -47.80 36.58
N ASN G 149 -37.13 -48.42 36.52
CA ASN G 149 -37.99 -48.43 35.33
C ASN G 149 -38.46 -47.01 34.96
N ASP G 150 -38.86 -46.19 35.96
CA ASP G 150 -39.29 -44.79 35.74
C ASP G 150 -38.19 -43.96 35.05
N THR G 151 -36.90 -44.17 35.45
CA THR G 151 -35.73 -43.49 34.87
C THR G 151 -35.50 -43.98 33.42
N VAL G 152 -35.68 -45.30 33.17
CA VAL G 152 -35.52 -45.91 31.82
C VAL G 152 -36.65 -45.42 30.88
N ARG G 153 -37.89 -45.44 31.40
CA ARG G 153 -39.11 -45.02 30.71
C ARG G 153 -39.01 -43.55 30.31
N LEU G 154 -38.50 -42.70 31.23
CA LEU G 154 -38.29 -41.27 30.97
C LEU G 154 -37.37 -41.06 29.77
N LEU G 155 -36.27 -41.82 29.68
CA LEU G 155 -35.31 -41.66 28.59
C LEU G 155 -35.87 -42.14 27.25
N LYS G 156 -36.56 -43.28 27.25
CA LYS G 156 -37.05 -43.87 26.01
C LYS G 156 -38.27 -43.14 25.43
N GLU G 157 -39.30 -42.83 26.24
CA GLU G 157 -40.53 -42.23 25.72
C GLU G 157 -40.57 -40.70 25.82
N LYS G 158 -40.00 -40.11 26.88
CA LYS G 158 -40.04 -38.65 27.05
C LYS G 158 -38.82 -37.95 26.40
N CYS G 159 -37.61 -38.55 26.46
CA CYS G 159 -36.42 -37.95 25.84
C CYS G 159 -36.15 -38.52 24.41
N LEU G 160 -36.93 -39.54 23.98
CA LEU G 160 -36.87 -40.17 22.65
C LEU G 160 -35.49 -40.82 22.34
N PHE G 161 -34.88 -41.47 23.35
CA PHE G 161 -33.64 -42.22 23.14
C PHE G 161 -33.99 -43.64 22.71
N THR G 162 -33.24 -44.21 21.77
CA THR G 162 -33.48 -45.59 21.34
C THR G 162 -32.97 -46.54 22.45
N VAL G 163 -33.40 -47.80 22.42
CA VAL G 163 -33.04 -48.79 23.43
C VAL G 163 -31.52 -48.94 23.52
N GLN G 164 -30.83 -48.97 22.37
CA GLN G 164 -29.38 -49.09 22.33
C GLN G 164 -28.69 -47.86 23.00
N GLN G 165 -29.26 -46.65 22.83
CA GLN G 165 -28.74 -45.42 23.42
C GLN G 165 -28.95 -45.39 24.92
N VAL G 166 -30.14 -45.82 25.38
CA VAL G 166 -30.48 -45.88 26.82
C VAL G 166 -29.52 -46.83 27.53
N THR G 167 -29.18 -47.96 26.90
CA THR G 167 -28.24 -48.92 27.49
C THR G 167 -26.87 -48.25 27.64
N LYS G 168 -26.41 -47.52 26.62
CA LYS G 168 -25.13 -46.82 26.66
C LYS G 168 -25.15 -45.70 27.71
N ILE G 169 -26.30 -45.02 27.91
CA ILE G 169 -26.45 -43.96 28.91
C ILE G 169 -26.19 -44.52 30.32
N LEU G 170 -26.82 -45.65 30.64
CA LEU G 170 -26.73 -46.26 31.96
C LEU G 170 -25.34 -46.85 32.25
N HIS G 171 -24.64 -47.38 31.22
CA HIS G 171 -23.29 -47.94 31.40
C HIS G 171 -22.27 -46.84 31.76
N SER G 172 -22.26 -45.72 31.01
CA SER G 172 -21.31 -44.62 31.20
C SER G 172 -21.74 -43.61 32.28
N CYS G 173 -23.06 -43.35 32.41
CA CYS G 173 -23.62 -42.41 33.39
C CYS G 173 -24.54 -43.15 34.39
N PRO G 174 -23.98 -43.95 35.32
CA PRO G 174 -24.84 -44.63 36.31
C PRO G 174 -25.45 -43.69 37.36
N SER G 175 -24.95 -42.44 37.51
CA SER G 175 -25.48 -41.45 38.45
C SER G 175 -26.91 -40.98 38.11
N VAL G 176 -27.40 -41.24 36.88
CA VAL G 176 -28.75 -40.85 36.44
C VAL G 176 -29.86 -41.58 37.23
N LEU G 177 -29.57 -42.77 37.79
CA LEU G 177 -30.54 -43.51 38.60
C LEU G 177 -30.79 -42.79 39.93
N ARG G 178 -29.73 -42.20 40.53
CA ARG G 178 -29.81 -41.43 41.77
C ARG G 178 -30.53 -40.08 41.55
N GLU G 179 -30.44 -39.51 40.33
CA GLU G 179 -31.08 -38.24 40.00
C GLU G 179 -32.62 -38.31 40.00
N ASP G 180 -33.23 -37.14 40.11
CA ASP G 180 -34.67 -36.95 40.07
C ASP G 180 -35.15 -37.01 38.62
N LEU G 181 -36.37 -37.48 38.39
CA LEU G 181 -36.92 -37.61 37.05
C LEU G 181 -37.10 -36.25 36.36
N GLY G 182 -37.42 -35.21 37.13
CA GLY G 182 -37.56 -33.85 36.61
C GLY G 182 -36.22 -33.26 36.22
N GLN G 183 -35.24 -33.30 37.16
CA GLN G 183 -33.88 -32.79 36.94
C GLN G 183 -33.25 -33.44 35.71
N LEU G 184 -33.39 -34.76 35.58
CA LEU G 184 -32.84 -35.54 34.46
C LEU G 184 -33.52 -35.17 33.13
N GLU G 185 -34.84 -34.88 33.15
CA GLU G 185 -35.56 -34.45 31.95
C GLU G 185 -35.09 -33.07 31.53
N TYR G 186 -34.99 -32.11 32.47
CA TYR G 186 -34.53 -30.74 32.19
C TYR G 186 -33.09 -30.76 31.66
N LYS G 187 -32.22 -31.62 32.24
CA LYS G 187 -30.82 -31.75 31.78
C LYS G 187 -30.77 -32.20 30.33
N PHE G 188 -31.62 -33.17 29.96
CA PHE G 188 -31.70 -33.62 28.58
C PHE G 188 -32.20 -32.45 27.69
N GLN G 189 -33.31 -31.80 28.08
CA GLN G 189 -33.90 -30.69 27.32
C GLN G 189 -32.87 -29.60 27.05
N TYR G 190 -31.99 -29.30 28.04
CA TYR G 190 -30.94 -28.28 27.90
C TYR G 190 -30.02 -28.62 26.72
N ALA G 191 -29.64 -29.90 26.58
CA ALA G 191 -28.80 -30.30 25.46
C ALA G 191 -29.56 -30.27 24.12
N TYR G 192 -30.77 -30.84 24.07
CA TYR G 192 -31.53 -30.91 22.83
C TYR G 192 -32.06 -29.57 22.31
N PHE G 193 -32.64 -28.73 23.20
CA PHE G 193 -33.26 -27.48 22.79
C PHE G 193 -32.36 -26.26 22.98
N ARG G 194 -31.81 -26.07 24.17
CA ARG G 194 -30.98 -24.90 24.48
C ARG G 194 -29.63 -24.98 23.76
N MET G 195 -28.93 -26.12 23.83
CA MET G 195 -27.62 -26.28 23.18
C MET G 195 -27.71 -26.77 21.73
N GLY G 196 -28.77 -27.50 21.37
CA GLY G 196 -28.95 -28.02 20.02
C GLY G 196 -28.06 -29.20 19.70
N ILE G 197 -28.11 -30.21 20.55
CA ILE G 197 -27.31 -31.43 20.42
C ILE G 197 -28.27 -32.56 20.06
N LYS G 198 -28.00 -33.31 18.96
CA LYS G 198 -28.85 -34.44 18.55
C LYS G 198 -28.55 -35.64 19.46
N HIS G 199 -29.56 -36.52 19.68
CA HIS G 199 -29.51 -37.69 20.56
C HIS G 199 -28.19 -38.51 20.51
N PRO G 200 -27.58 -38.80 19.33
CA PRO G 200 -26.33 -39.58 19.34
C PRO G 200 -25.15 -38.88 19.99
N ASP G 201 -24.97 -37.57 19.72
CA ASP G 201 -23.84 -36.83 20.29
C ASP G 201 -24.00 -36.65 21.80
N ILE G 202 -25.25 -36.62 22.34
CA ILE G 202 -25.50 -36.53 23.79
C ILE G 202 -24.99 -37.81 24.45
N VAL G 203 -25.27 -38.96 23.83
CA VAL G 203 -24.92 -40.28 24.35
C VAL G 203 -23.41 -40.51 24.23
N LYS G 204 -22.83 -40.26 23.03
CA LYS G 204 -21.40 -40.45 22.75
C LYS G 204 -20.48 -39.62 23.66
N SER G 205 -20.89 -38.38 23.97
CA SER G 205 -20.09 -37.46 24.80
C SER G 205 -20.22 -37.73 26.31
N GLU G 206 -21.16 -38.59 26.74
CA GLU G 206 -21.41 -38.92 28.15
C GLU G 206 -21.83 -37.67 28.90
N TYR G 207 -22.68 -36.87 28.25
CA TYR G 207 -23.17 -35.58 28.73
C TYR G 207 -23.98 -35.69 30.04
N LEU G 208 -24.84 -36.72 30.19
CA LEU G 208 -25.72 -36.83 31.36
C LEU G 208 -24.98 -37.16 32.68
N GLN G 209 -23.65 -37.43 32.68
CA GLN G 209 -22.94 -37.68 33.93
C GLN G 209 -22.61 -36.38 34.68
N TYR G 210 -22.53 -35.24 33.95
CA TYR G 210 -22.14 -33.95 34.54
C TYR G 210 -23.32 -33.23 35.16
N SER G 211 -23.02 -32.32 36.10
CA SER G 211 -24.05 -31.54 36.79
C SER G 211 -24.59 -30.44 35.88
N LEU G 212 -25.87 -30.11 36.03
CA LEU G 212 -26.49 -29.04 35.25
C LEU G 212 -25.76 -27.71 35.49
N THR G 213 -25.25 -27.50 36.72
CA THR G 213 -24.49 -26.31 37.08
C THR G 213 -23.22 -26.23 36.23
N LYS G 214 -22.41 -27.31 36.19
CA LYS G 214 -21.18 -27.35 35.38
C LYS G 214 -21.50 -27.13 33.90
N ILE G 215 -22.59 -27.75 33.42
CA ILE G 215 -23.04 -27.65 32.04
C ILE G 215 -23.42 -26.20 31.72
N LYS G 216 -24.27 -25.60 32.56
CA LYS G 216 -24.72 -24.20 32.37
C LYS G 216 -23.54 -23.24 32.44
N GLN G 217 -22.64 -23.42 33.43
CA GLN G 217 -21.45 -22.59 33.62
C GLN G 217 -20.60 -22.51 32.37
N ARG G 218 -20.23 -23.67 31.82
CA ARG G 218 -19.35 -23.75 30.66
C ARG G 218 -20.07 -23.39 29.34
N HIS G 219 -21.32 -23.85 29.13
CA HIS G 219 -22.06 -23.52 27.91
C HIS G 219 -22.36 -22.02 27.80
N ILE G 220 -22.91 -21.41 28.87
CA ILE G 220 -23.32 -20.00 28.83
C ILE G 220 -22.09 -19.10 28.73
N TYR G 221 -20.97 -19.47 29.36
CA TYR G 221 -19.74 -18.67 29.27
C TYR G 221 -19.30 -18.60 27.82
N LEU G 222 -19.18 -19.77 27.16
CA LEU G 222 -18.80 -19.86 25.74
C LEU G 222 -19.80 -19.15 24.84
N GLU G 223 -21.11 -19.32 25.13
CA GLU G 223 -22.17 -18.67 24.35
C GLU G 223 -22.02 -17.14 24.37
N ARG G 224 -21.81 -16.56 25.58
CA ARG G 224 -21.66 -15.11 25.75
C ARG G 224 -20.32 -14.62 25.24
N LEU G 225 -19.27 -15.48 25.27
CA LEU G 225 -17.97 -15.14 24.69
C LEU G 225 -18.02 -15.13 23.15
N GLY G 226 -18.98 -15.85 22.57
CA GLY G 226 -19.17 -15.99 21.13
C GLY G 226 -18.49 -17.22 20.59
N ARG G 227 -17.99 -18.10 21.48
CA ARG G 227 -17.27 -19.31 21.08
C ARG G 227 -18.21 -20.53 20.97
N TYR G 228 -19.52 -20.36 21.30
CA TYR G 228 -20.54 -21.40 21.12
C TYR G 228 -21.78 -20.81 20.48
N GLN G 229 -22.10 -21.21 19.25
CA GLN G 229 -23.30 -20.77 18.55
C GLN G 229 -24.36 -21.86 18.66
N THR G 230 -25.62 -21.48 18.86
CA THR G 230 -26.70 -22.47 18.93
C THR G 230 -27.09 -22.88 17.49
N PRO G 231 -27.03 -24.17 17.12
CA PRO G 231 -27.37 -24.56 15.75
C PRO G 231 -28.87 -24.49 15.44
N ASP G 232 -29.25 -23.96 14.26
CA ASP G 232 -30.65 -23.89 13.80
C ASP G 232 -30.74 -23.28 12.38
N LYS G 233 -31.73 -23.65 11.54
CA LYS G 233 -32.75 -24.69 11.77
C LYS G 233 -32.26 -26.05 11.28
N LYS G 234 -31.24 -26.07 10.38
CA LYS G 234 -30.71 -27.29 9.78
C LYS G 234 -29.59 -27.93 10.64
N GLY G 235 -29.39 -27.45 11.87
CA GLY G 235 -28.36 -27.96 12.75
C GLY G 235 -26.97 -27.55 12.29
N GLN G 236 -26.85 -26.31 11.79
CA GLN G 236 -25.60 -25.77 11.28
C GLN G 236 -25.30 -24.42 11.93
N THR G 237 -23.99 -24.14 12.09
CA THR G 237 -23.47 -22.91 12.66
C THR G 237 -22.51 -22.26 11.67
N GLN G 238 -22.17 -20.99 11.90
CA GLN G 238 -21.23 -20.25 11.05
C GLN G 238 -19.86 -20.89 11.18
N ILE G 239 -19.39 -21.04 12.44
CA ILE G 239 -18.15 -21.72 12.78
C ILE G 239 -18.51 -22.96 13.60
N PRO G 240 -17.90 -24.14 13.38
CA PRO G 240 -18.26 -25.31 14.21
C PRO G 240 -17.89 -25.11 15.69
N ASN G 241 -18.81 -25.45 16.58
CA ASN G 241 -18.63 -25.30 18.03
C ASN G 241 -17.59 -26.28 18.54
N PRO G 242 -16.96 -26.02 19.71
CA PRO G 242 -16.03 -27.02 20.26
C PRO G 242 -16.74 -28.33 20.60
N LEU G 243 -15.96 -29.41 20.70
CA LEU G 243 -16.52 -30.73 20.97
C LEU G 243 -16.97 -30.83 22.42
N LEU G 244 -18.13 -31.48 22.67
CA LEU G 244 -18.70 -31.63 24.01
C LEU G 244 -17.68 -32.10 25.04
N LYS G 245 -16.77 -33.01 24.68
CA LYS G 245 -15.74 -33.50 25.60
C LYS G 245 -14.75 -32.37 25.96
N ASP G 246 -14.36 -31.54 24.98
CA ASP G 246 -13.46 -30.40 25.23
C ASP G 246 -14.12 -29.29 26.08
N ILE G 247 -15.45 -29.30 26.19
CA ILE G 247 -16.21 -28.37 27.02
C ILE G 247 -16.36 -28.94 28.44
N LEU G 248 -16.92 -30.16 28.57
CA LEU G 248 -17.28 -30.77 29.86
C LEU G 248 -16.26 -31.76 30.46
N ARG G 249 -15.83 -32.79 29.70
CA ARG G 249 -14.90 -33.82 30.20
C ARG G 249 -13.60 -33.23 30.72
N VAL G 250 -13.07 -32.22 30.02
CA VAL G 250 -11.78 -31.62 30.32
C VAL G 250 -11.81 -30.81 31.64
N SER G 251 -10.62 -30.55 32.20
CA SER G 251 -10.43 -29.78 33.43
C SER G 251 -10.83 -28.33 33.23
N GLU G 252 -11.06 -27.61 34.34
CA GLU G 252 -11.39 -26.18 34.26
C GLU G 252 -10.22 -25.40 33.66
N ALA G 253 -8.98 -25.75 34.04
CA ALA G 253 -7.77 -25.11 33.52
C ALA G 253 -7.62 -25.32 32.02
N GLU G 254 -7.83 -26.56 31.53
CA GLU G 254 -7.71 -26.84 30.09
C GLU G 254 -8.88 -26.22 29.31
N PHE G 255 -10.08 -26.22 29.91
CA PHE G 255 -11.26 -25.60 29.29
C PHE G 255 -10.97 -24.13 29.04
N LEU G 256 -10.43 -23.45 30.04
CA LEU G 256 -10.11 -22.04 29.92
C LEU G 256 -8.90 -21.75 29.04
N ALA G 257 -7.95 -22.65 28.96
CA ALA G 257 -6.74 -22.41 28.18
C ALA G 257 -6.95 -22.69 26.71
N ARG G 258 -7.61 -23.82 26.37
CA ARG G 258 -7.79 -24.21 24.96
C ARG G 258 -9.15 -23.80 24.38
N THR G 259 -10.27 -24.03 25.09
CA THR G 259 -11.61 -23.79 24.55
C THR G 259 -12.10 -22.34 24.77
N ALA G 260 -12.25 -21.89 26.03
CA ALA G 260 -12.78 -20.54 26.34
C ALA G 260 -11.75 -19.45 26.06
N CYS G 261 -10.46 -19.72 26.32
CA CYS G 261 -9.36 -18.79 26.09
C CYS G 261 -9.56 -17.50 26.91
N THR G 262 -9.71 -17.66 28.23
CA THR G 262 -9.84 -16.54 29.17
C THR G 262 -9.03 -16.83 30.41
N SER G 263 -8.84 -15.83 31.28
CA SER G 263 -8.12 -16.02 32.52
C SER G 263 -8.94 -16.83 33.50
N VAL G 264 -8.29 -17.29 34.57
CA VAL G 264 -8.97 -18.09 35.59
C VAL G 264 -9.84 -17.16 36.41
N GLU G 265 -9.26 -16.04 36.91
CA GLU G 265 -9.96 -15.04 37.70
C GLU G 265 -11.26 -14.56 37.06
N GLU G 266 -11.28 -14.37 35.71
CA GLU G 266 -12.47 -13.91 34.98
C GLU G 266 -13.60 -14.93 35.06
N PHE G 267 -13.29 -16.22 34.92
CA PHE G 267 -14.32 -17.26 35.00
C PHE G 267 -14.85 -17.41 36.43
N GLN G 268 -14.01 -17.18 37.46
CA GLN G 268 -14.47 -17.25 38.86
C GLN G 268 -15.58 -16.24 39.10
N VAL G 269 -15.41 -15.03 38.55
CA VAL G 269 -16.41 -13.98 38.65
C VAL G 269 -17.66 -14.37 37.87
N PHE G 270 -17.47 -14.94 36.65
CA PHE G 270 -18.59 -15.41 35.83
C PHE G 270 -19.44 -16.42 36.60
N LYS G 271 -18.81 -17.37 37.29
CA LYS G 271 -19.53 -18.37 38.07
C LYS G 271 -20.41 -17.71 39.14
N LYS G 272 -19.89 -16.67 39.81
CA LYS G 272 -20.62 -15.93 40.84
C LYS G 272 -21.78 -15.15 40.22
N LEU G 273 -21.53 -14.48 39.06
CA LEU G 273 -22.58 -13.72 38.38
C LEU G 273 -23.69 -14.66 37.94
N LEU G 274 -23.34 -15.78 37.31
CA LEU G 274 -24.35 -16.74 36.83
C LEU G 274 -25.14 -17.36 37.98
N ALA G 275 -24.46 -17.69 39.10
CA ALA G 275 -25.13 -18.23 40.29
C ALA G 275 -26.25 -17.31 40.75
N ARG G 276 -25.96 -15.99 40.80
CA ARG G 276 -26.93 -14.97 41.20
C ARG G 276 -28.04 -14.83 40.17
N GLU G 277 -27.73 -14.93 38.87
CA GLU G 277 -28.74 -14.85 37.80
C GLU G 277 -29.75 -15.99 37.96
N GLU G 278 -29.26 -17.19 38.31
CA GLU G 278 -30.12 -18.36 38.49
C GLU G 278 -30.99 -18.18 39.75
N GLU G 279 -30.38 -17.77 40.89
CA GLU G 279 -31.08 -17.53 42.16
C GLU G 279 -32.32 -16.63 42.01
N GLU G 280 -32.26 -15.61 41.14
CA GLU G 280 -33.41 -14.74 40.91
C GLU G 280 -34.26 -15.32 39.78
N SER G 281 -35.48 -15.77 40.11
CA SER G 281 -36.44 -16.42 39.20
C SER G 281 -35.86 -17.72 38.65
N THR H 37 74.49 86.40 -32.09
CA THR H 37 74.90 85.02 -32.35
C THR H 37 73.91 84.01 -31.70
N PRO H 38 73.93 82.70 -32.09
CA PRO H 38 72.99 81.73 -31.49
C PRO H 38 73.24 81.43 -30.01
N VAL H 39 74.53 81.40 -29.59
CA VAL H 39 74.91 81.14 -28.19
C VAL H 39 74.37 82.24 -27.24
N VAL H 40 74.41 83.52 -27.66
CA VAL H 40 73.92 84.66 -26.87
C VAL H 40 72.37 84.64 -26.81
N GLN H 41 71.68 84.25 -27.91
CA GLN H 41 70.20 84.14 -27.97
C GLN H 41 69.67 83.15 -26.94
N GLY H 42 70.31 81.99 -26.86
CA GLY H 42 69.95 80.93 -25.93
C GLY H 42 70.11 81.32 -24.48
N SER H 43 71.12 82.16 -24.17
CA SER H 43 71.38 82.65 -22.80
C SER H 43 70.35 83.72 -22.41
N LEU H 44 69.90 84.53 -23.38
CA LEU H 44 68.87 85.55 -23.15
C LEU H 44 67.48 84.92 -23.02
N GLU H 45 67.18 83.83 -23.79
CA GLU H 45 65.89 83.14 -23.68
C GLU H 45 65.85 82.33 -22.38
N LEU H 46 67.01 81.80 -21.94
CA LEU H 46 67.08 81.10 -20.66
C LEU H 46 66.80 82.07 -19.50
N GLU H 47 67.30 83.30 -19.54
CA GLU H 47 67.05 84.23 -18.43
C GLU H 47 65.56 84.74 -18.41
N ARG H 48 64.86 84.77 -19.57
CA ARG H 48 63.45 85.22 -19.64
C ARG H 48 62.50 84.35 -18.80
N VAL H 49 62.74 83.01 -18.75
CA VAL H 49 61.92 82.07 -17.99
C VAL H 49 62.50 81.88 -16.58
N MET H 50 63.85 81.80 -16.43
CA MET H 50 64.50 81.61 -15.14
C MET H 50 64.20 82.75 -14.15
N SER H 51 64.09 84.00 -14.64
CA SER H 51 63.74 85.15 -13.79
C SER H 51 62.30 85.01 -13.25
N SER H 52 61.35 84.61 -14.13
CA SER H 52 59.94 84.38 -13.74
C SER H 52 59.81 83.04 -13.01
N LEU H 53 58.61 82.72 -12.49
CA LEU H 53 58.30 81.47 -11.75
C LEU H 53 58.81 81.52 -10.28
N LEU H 54 59.98 82.12 -10.01
CA LEU H 54 60.58 82.18 -8.67
C LEU H 54 59.69 82.89 -7.63
N ASP H 55 58.95 83.92 -8.05
CA ASP H 55 58.05 84.67 -7.15
C ASP H 55 56.80 83.85 -6.76
N MET H 56 56.29 83.01 -7.69
CA MET H 56 55.11 82.17 -7.44
C MET H 56 55.38 81.03 -6.43
N GLY H 57 56.65 80.68 -6.20
CA GLY H 57 57.02 79.60 -5.28
C GLY H 57 57.85 78.48 -5.88
N PHE H 58 58.33 78.59 -7.16
CA PHE H 58 59.20 77.57 -7.77
C PHE H 58 60.63 77.76 -7.28
N SER H 59 61.31 76.66 -6.92
CA SER H 59 62.67 76.73 -6.39
C SER H 59 63.70 76.65 -7.50
N ASN H 60 64.95 77.02 -7.19
CA ASN H 60 66.05 76.95 -8.16
C ASN H 60 66.38 75.48 -8.48
N ALA H 61 66.18 74.57 -7.51
CA ALA H 61 66.39 73.13 -7.71
C ALA H 61 65.35 72.56 -8.67
N HIS H 62 64.10 73.05 -8.57
CA HIS H 62 63.00 72.64 -9.46
C HIS H 62 63.20 73.20 -10.86
N ILE H 63 63.69 74.44 -10.99
CA ILE H 63 63.89 75.06 -12.31
C ILE H 63 64.96 74.25 -13.07
N ASN H 64 66.06 73.81 -12.41
CA ASN H 64 67.05 72.98 -13.10
C ASN H 64 66.44 71.62 -13.48
N GLU H 65 65.59 71.05 -12.58
CA GLU H 65 64.90 69.77 -12.84
C GLU H 65 64.05 69.85 -14.09
N LEU H 66 63.26 70.93 -14.19
CA LEU H 66 62.37 71.18 -15.33
C LEU H 66 63.16 71.43 -16.62
N LEU H 67 64.30 72.15 -16.52
CA LEU H 67 65.15 72.44 -17.69
C LEU H 67 65.85 71.19 -18.23
N SER H 68 66.22 70.24 -17.35
CA SER H 68 66.86 68.99 -17.74
C SER H 68 65.84 68.03 -18.37
N VAL H 69 64.58 68.06 -17.88
CA VAL H 69 63.48 67.20 -18.32
C VAL H 69 63.06 67.47 -19.78
N ARG H 70 62.87 68.74 -20.16
CA ARG H 70 62.42 69.09 -21.51
C ARG H 70 63.29 68.41 -22.59
N ARG H 71 62.70 67.43 -23.28
CA ARG H 71 63.37 66.64 -24.31
C ARG H 71 63.36 67.42 -25.62
N GLY H 72 64.19 68.45 -25.71
CA GLY H 72 64.26 69.28 -26.90
C GLY H 72 63.12 70.25 -27.11
N ALA H 73 62.23 70.44 -26.11
CA ALA H 73 61.12 71.40 -26.24
C ALA H 73 61.65 72.82 -26.08
N SER H 74 60.96 73.81 -26.69
CA SER H 74 61.40 75.22 -26.63
C SER H 74 61.23 75.79 -25.22
N LEU H 75 62.03 76.81 -24.89
CA LEU H 75 61.93 77.49 -23.59
C LEU H 75 60.62 78.30 -23.51
N GLN H 76 60.08 78.74 -24.68
CA GLN H 76 58.79 79.44 -24.75
C GLN H 76 57.66 78.43 -24.49
N GLN H 77 57.77 77.20 -25.06
CA GLN H 77 56.80 76.13 -24.86
C GLN H 77 56.83 75.59 -23.42
N LEU H 78 58.02 75.64 -22.76
CA LEU H 78 58.21 75.20 -21.38
C LEU H 78 57.37 76.02 -20.41
N LEU H 79 57.52 77.36 -20.43
CA LEU H 79 56.79 78.29 -19.57
C LEU H 79 55.28 78.31 -19.93
N ASP H 80 54.93 78.11 -21.21
CA ASP H 80 53.53 78.09 -21.67
C ASP H 80 52.73 76.95 -21.03
N ILE H 81 53.30 75.74 -20.98
CA ILE H 81 52.64 74.57 -20.39
C ILE H 81 52.60 74.70 -18.85
N ILE H 82 53.71 75.17 -18.23
CA ILE H 82 53.77 75.36 -16.76
C ILE H 82 52.75 76.42 -16.31
N SER H 83 52.59 77.52 -17.08
CA SER H 83 51.64 78.60 -16.75
C SER H 83 50.16 78.13 -16.75
N GLU H 84 49.81 77.10 -17.56
CA GLU H 84 48.44 76.60 -17.64
C GLU H 84 48.04 75.79 -16.41
N PHE H 85 48.94 74.94 -15.88
CA PHE H 85 48.65 74.10 -14.72
C PHE H 85 48.61 74.85 -13.39
N ILE H 86 49.29 76.01 -13.27
CA ILE H 86 49.27 76.81 -12.03
C ILE H 86 47.88 77.43 -11.86
N LEU H 87 47.21 77.77 -12.98
CA LEU H 87 45.88 78.38 -13.01
C LEU H 87 44.78 77.42 -12.55
N LEU H 88 44.98 76.10 -12.71
CA LEU H 88 44.00 75.10 -12.30
C LEU H 88 44.13 74.72 -10.79
N GLY H 89 44.99 75.44 -10.03
CA GLY H 89 45.14 75.27 -8.59
C GLY H 89 46.27 74.38 -8.09
N LEU H 90 47.17 73.96 -8.99
CA LEU H 90 48.26 73.08 -8.59
C LEU H 90 49.44 73.89 -8.01
N ASN H 91 50.01 73.38 -6.90
CA ASN H 91 51.12 74.01 -6.16
C ASN H 91 52.47 73.82 -6.89
N PRO H 92 53.58 74.47 -6.48
CA PRO H 92 54.84 74.30 -7.21
C PRO H 92 55.52 72.93 -7.02
N GLU H 93 55.39 72.28 -5.84
CA GLU H 93 56.07 70.99 -5.59
C GLU H 93 55.45 69.83 -6.38
N PRO H 94 54.11 69.61 -6.39
CA PRO H 94 53.55 68.49 -7.18
C PRO H 94 53.61 68.72 -8.70
N VAL H 95 53.67 69.99 -9.18
CA VAL H 95 53.75 70.31 -10.61
C VAL H 95 55.10 69.80 -11.19
N CYS H 96 56.20 69.95 -10.43
CA CYS H 96 57.53 69.50 -10.86
C CYS H 96 57.66 67.97 -10.76
N VAL H 97 56.87 67.30 -9.89
CA VAL H 97 56.89 65.85 -9.72
C VAL H 97 56.15 65.18 -10.90
N VAL H 98 54.96 65.68 -11.30
CA VAL H 98 54.19 65.09 -12.42
C VAL H 98 54.87 65.34 -13.78
N LEU H 99 55.52 66.52 -13.96
CA LEU H 99 56.21 66.85 -15.22
C LEU H 99 57.41 65.93 -15.47
N LYS H 100 58.13 65.50 -14.41
CA LYS H 100 59.24 64.55 -14.59
C LYS H 100 58.67 63.13 -14.82
N LYS H 101 57.49 62.79 -14.24
CA LYS H 101 56.84 61.50 -14.46
C LYS H 101 56.32 61.39 -15.89
N SER H 102 55.65 62.46 -16.35
CA SER H 102 55.08 62.53 -17.69
C SER H 102 55.68 63.73 -18.46
N PRO H 103 56.92 63.58 -19.02
CA PRO H 103 57.53 64.69 -19.77
C PRO H 103 56.87 64.95 -21.13
N GLN H 104 56.08 63.99 -21.65
CA GLN H 104 55.35 64.14 -22.92
C GLN H 104 54.36 65.33 -22.91
N LEU H 105 53.96 65.84 -21.72
CA LEU H 105 53.05 66.99 -21.61
C LEU H 105 53.65 68.28 -22.21
N LEU H 106 54.99 68.37 -22.28
CA LEU H 106 55.69 69.52 -22.91
C LEU H 106 55.51 69.49 -24.43
N LYS H 107 55.41 68.29 -25.02
CA LYS H 107 55.29 68.11 -26.46
C LYS H 107 53.90 68.47 -26.99
N LEU H 108 52.87 68.47 -26.12
CA LEU H 108 51.52 68.77 -26.58
C LEU H 108 51.39 70.24 -27.00
N PRO H 109 50.75 70.52 -28.15
CA PRO H 109 50.59 71.92 -28.59
C PRO H 109 49.78 72.74 -27.60
N ILE H 110 50.29 73.92 -27.20
CA ILE H 110 49.65 74.81 -26.21
C ILE H 110 48.21 75.20 -26.63
N MET H 111 47.94 75.40 -27.94
CA MET H 111 46.59 75.76 -28.39
C MET H 111 45.61 74.61 -28.14
N GLN H 112 46.02 73.36 -28.37
CA GLN H 112 45.17 72.19 -28.10
C GLN H 112 45.11 71.91 -26.58
N MET H 113 46.19 72.26 -25.83
CA MET H 113 46.23 72.12 -24.37
C MET H 113 45.21 73.08 -23.73
N ARG H 114 45.18 74.35 -24.19
CA ARG H 114 44.24 75.37 -23.71
C ARG H 114 42.78 74.98 -23.96
N LYS H 115 42.51 74.32 -25.10
CA LYS H 115 41.17 73.85 -25.46
C LYS H 115 40.68 72.84 -24.42
N ARG H 116 41.51 71.83 -24.09
CA ARG H 116 41.15 70.81 -23.09
C ARG H 116 41.21 71.36 -21.66
N SER H 117 42.16 72.27 -21.36
CA SER H 117 42.31 72.89 -20.03
C SER H 117 41.01 73.58 -19.60
N SER H 118 40.30 74.23 -20.56
CA SER H 118 39.03 74.90 -20.30
C SER H 118 37.89 73.87 -20.12
N TYR H 119 37.88 72.79 -20.94
CA TYR H 119 36.86 71.74 -20.86
C TYR H 119 36.90 70.99 -19.51
N LEU H 120 38.10 70.84 -18.93
CA LEU H 120 38.30 70.19 -17.62
C LEU H 120 37.88 71.12 -16.46
N GLN H 121 38.23 72.42 -16.52
CA GLN H 121 37.95 73.43 -15.48
C GLN H 121 36.46 73.53 -15.12
N LYS H 122 35.57 73.63 -16.12
CA LYS H 122 34.12 73.74 -15.90
C LYS H 122 33.51 72.43 -15.37
N LEU H 123 34.23 71.30 -15.54
CA LEU H 123 33.82 69.98 -15.07
C LEU H 123 34.13 69.77 -13.56
N GLY H 124 34.82 70.72 -12.91
CA GLY H 124 35.16 70.63 -11.50
C GLY H 124 36.55 70.08 -11.19
N LEU H 125 37.46 70.07 -12.19
CA LEU H 125 38.84 69.57 -12.01
C LEU H 125 39.80 70.64 -11.46
N GLY H 126 39.33 71.86 -11.24
CA GLY H 126 40.16 72.94 -10.70
C GLY H 126 40.52 72.77 -9.23
N GLU H 127 40.97 73.87 -8.62
CA GLU H 127 41.41 73.94 -7.22
C GLU H 127 42.41 72.82 -6.81
N GLY H 128 43.30 72.43 -7.73
CA GLY H 128 44.31 71.41 -7.47
C GLY H 128 43.80 69.97 -7.36
N LYS H 129 42.55 69.71 -7.76
CA LYS H 129 41.95 68.37 -7.74
C LYS H 129 42.59 67.46 -8.82
N LEU H 130 43.24 68.09 -9.82
CA LEU H 130 43.93 67.44 -10.94
C LEU H 130 45.30 66.82 -10.52
N LYS H 131 45.69 66.86 -9.23
CA LYS H 131 46.97 66.31 -8.76
C LYS H 131 46.97 64.79 -8.86
N ARG H 132 45.97 64.14 -8.25
CA ARG H 132 45.82 62.68 -8.30
C ARG H 132 45.53 62.18 -9.72
N VAL H 133 44.80 63.01 -10.51
CA VAL H 133 44.39 62.67 -11.87
C VAL H 133 45.58 62.55 -12.84
N LEU H 134 46.51 63.52 -12.83
CA LEU H 134 47.66 63.48 -13.74
C LEU H 134 48.72 62.47 -13.29
N TYR H 135 48.78 62.08 -12.01
CA TYR H 135 49.76 61.08 -11.58
C TYR H 135 49.39 59.70 -12.17
N CYS H 136 48.11 59.29 -12.05
CA CYS H 136 47.63 58.00 -12.54
C CYS H 136 47.25 58.05 -14.03
N CYS H 137 46.60 59.14 -14.48
CA CYS H 137 46.13 59.29 -15.87
C CYS H 137 46.68 60.60 -16.51
N PRO H 138 48.00 60.64 -16.85
CA PRO H 138 48.56 61.83 -17.50
C PRO H 138 48.12 61.99 -18.97
N GLU H 139 47.69 60.89 -19.63
CA GLU H 139 47.25 60.91 -21.03
C GLU H 139 45.86 61.58 -21.23
N ILE H 140 45.24 62.18 -20.17
CA ILE H 140 43.95 62.87 -20.27
C ILE H 140 43.97 64.02 -21.33
N PHE H 141 45.12 64.71 -21.53
CA PHE H 141 45.24 65.81 -22.50
C PHE H 141 45.38 65.32 -23.98
N THR H 142 45.68 64.03 -24.21
CA THR H 142 45.78 63.42 -25.55
C THR H 142 44.47 62.74 -25.99
N MET H 143 43.68 62.24 -25.03
CA MET H 143 42.38 61.58 -25.27
C MET H 143 41.43 62.38 -26.14
N ARG H 144 40.47 61.69 -26.77
CA ARG H 144 39.44 62.39 -27.54
C ARG H 144 38.45 63.02 -26.56
N GLN H 145 38.05 64.27 -26.83
CA GLN H 145 37.12 65.01 -25.97
C GLN H 145 35.74 64.34 -25.91
N GLN H 146 35.35 63.64 -26.98
CA GLN H 146 34.08 62.90 -27.05
C GLN H 146 34.09 61.63 -26.13
N ASP H 147 35.26 60.98 -25.96
CA ASP H 147 35.42 59.80 -25.11
C ASP H 147 35.33 60.17 -23.64
N ILE H 148 35.82 61.38 -23.27
CA ILE H 148 35.75 61.88 -21.89
C ILE H 148 34.30 62.30 -21.61
N ASN H 149 33.58 62.84 -22.62
CA ASN H 149 32.18 63.24 -22.46
C ASN H 149 31.27 62.02 -22.29
N ASP H 150 31.46 60.96 -23.10
CA ASP H 150 30.65 59.74 -23.00
C ASP H 150 30.88 59.01 -21.65
N THR H 151 32.06 59.17 -21.02
CA THR H 151 32.37 58.56 -19.72
C THR H 151 31.56 59.24 -18.61
N VAL H 152 31.60 60.58 -18.56
CA VAL H 152 30.87 61.36 -17.56
C VAL H 152 29.37 61.33 -17.84
N ARG H 153 28.95 61.27 -19.13
CA ARG H 153 27.53 61.17 -19.49
C ARG H 153 26.98 59.85 -18.93
N LEU H 154 27.74 58.74 -19.07
CA LEU H 154 27.35 57.43 -18.53
C LEU H 154 27.15 57.49 -17.02
N LEU H 155 28.09 58.13 -16.30
CA LEU H 155 27.97 58.25 -14.86
C LEU H 155 26.79 59.16 -14.45
N LYS H 156 26.55 60.24 -15.22
CA LYS H 156 25.48 61.20 -14.93
C LYS H 156 24.07 60.64 -15.16
N GLU H 157 23.70 60.30 -16.42
CA GLU H 157 22.34 59.84 -16.75
C GLU H 157 22.13 58.31 -16.63
N LYS H 158 23.19 57.47 -16.82
CA LYS H 158 22.99 56.01 -16.74
C LYS H 158 23.25 55.47 -15.33
N CYS H 159 24.26 55.97 -14.58
CA CYS H 159 24.52 55.50 -13.21
C CYS H 159 23.87 56.40 -12.14
N LEU H 160 23.25 57.53 -12.55
CA LEU H 160 22.53 58.48 -11.69
C LEU H 160 23.42 59.12 -10.59
N PHE H 161 24.68 59.45 -10.93
CA PHE H 161 25.56 60.16 -10.01
C PHE H 161 25.32 61.66 -10.19
N THR H 162 25.25 62.44 -9.10
CA THR H 162 25.08 63.89 -9.23
C THR H 162 26.42 64.50 -9.67
N VAL H 163 26.38 65.70 -10.24
CA VAL H 163 27.56 66.43 -10.75
C VAL H 163 28.74 66.45 -9.74
N GLN H 164 28.46 66.70 -8.44
CA GLN H 164 29.47 66.76 -7.37
C GLN H 164 30.13 65.38 -7.17
N GLN H 165 29.34 64.28 -7.26
CA GLN H 165 29.84 62.92 -7.12
C GLN H 165 30.73 62.52 -8.30
N VAL H 166 30.32 62.87 -9.55
CA VAL H 166 31.08 62.57 -10.77
C VAL H 166 32.45 63.27 -10.71
N THR H 167 32.50 64.50 -10.20
CA THR H 167 33.75 65.23 -10.04
C THR H 167 34.67 64.47 -9.08
N LYS H 168 34.12 64.00 -7.94
CA LYS H 168 34.89 63.25 -6.96
C LYS H 168 35.34 61.88 -7.55
N ILE H 169 34.51 61.25 -8.41
CA ILE H 169 34.86 59.98 -9.08
C ILE H 169 36.08 60.18 -9.99
N LEU H 170 36.15 61.30 -10.72
CA LEU H 170 37.28 61.59 -11.62
C LEU H 170 38.52 61.95 -10.81
N HIS H 171 38.35 62.69 -9.72
CA HIS H 171 39.46 63.05 -8.82
C HIS H 171 40.07 61.81 -8.16
N SER H 172 39.21 61.04 -7.46
CA SER H 172 39.64 59.87 -6.69
C SER H 172 39.89 58.61 -7.54
N CYS H 173 39.16 58.43 -8.67
CA CYS H 173 39.30 57.27 -9.54
C CYS H 173 39.56 57.72 -11.00
N PRO H 174 40.81 58.05 -11.36
CA PRO H 174 41.11 58.47 -12.74
C PRO H 174 41.04 57.32 -13.76
N SER H 175 41.24 56.07 -13.30
CA SER H 175 41.18 54.84 -14.09
C SER H 175 39.87 54.68 -14.90
N VAL H 176 38.73 55.23 -14.40
CA VAL H 176 37.41 55.16 -15.06
C VAL H 176 37.42 55.71 -16.51
N LEU H 177 38.31 56.69 -16.80
CA LEU H 177 38.44 57.26 -18.14
C LEU H 177 39.03 56.22 -19.11
N ARG H 178 39.99 55.39 -18.65
CA ARG H 178 40.58 54.33 -19.46
C ARG H 178 39.67 53.11 -19.58
N GLU H 179 38.63 52.99 -18.73
CA GLU H 179 37.70 51.86 -18.80
C GLU H 179 36.74 51.98 -19.97
N ASP H 180 36.23 50.82 -20.41
CA ASP H 180 35.21 50.71 -21.44
C ASP H 180 33.87 51.14 -20.84
N LEU H 181 32.97 51.71 -21.67
CA LEU H 181 31.64 52.19 -21.24
C LEU H 181 30.78 51.07 -20.65
N GLY H 182 30.89 49.87 -21.21
CA GLY H 182 30.16 48.71 -20.74
C GLY H 182 30.69 48.18 -19.44
N GLN H 183 32.01 47.93 -19.37
CA GLN H 183 32.69 47.42 -18.17
C GLN H 183 32.45 48.34 -16.97
N LEU H 184 32.58 49.65 -17.19
CA LEU H 184 32.35 50.65 -16.15
C LEU H 184 30.91 50.62 -15.66
N GLU H 185 29.92 50.50 -16.59
CA GLU H 185 28.50 50.44 -16.23
C GLU H 185 28.23 49.19 -15.39
N TYR H 186 28.73 48.01 -15.83
CA TYR H 186 28.55 46.75 -15.10
C TYR H 186 29.19 46.82 -13.71
N LYS H 187 30.38 47.45 -13.60
CA LYS H 187 31.07 47.62 -12.32
C LYS H 187 30.21 48.45 -11.36
N PHE H 188 29.59 49.53 -11.86
CA PHE H 188 28.69 50.33 -11.05
C PHE H 188 27.48 49.48 -10.62
N GLN H 189 26.82 48.81 -11.59
CA GLN H 189 25.65 47.97 -11.33
C GLN H 189 25.92 46.93 -10.24
N TYR H 190 27.14 46.33 -10.24
CA TYR H 190 27.55 45.34 -9.24
C TYR H 190 27.45 45.93 -7.82
N ALA H 191 27.91 47.18 -7.65
CA ALA H 191 27.82 47.82 -6.35
C ALA H 191 26.38 48.18 -5.98
N TYR H 192 25.63 48.81 -6.90
CA TYR H 192 24.27 49.25 -6.61
C TYR H 192 23.25 48.12 -6.45
N PHE H 193 23.26 47.13 -7.33
CA PHE H 193 22.26 46.05 -7.32
C PHE H 193 22.74 44.78 -6.61
N ARG H 194 23.90 44.25 -7.00
CA ARG H 194 24.42 43.00 -6.44
C ARG H 194 24.88 43.19 -4.99
N MET H 195 25.67 44.24 -4.70
CA MET H 195 26.17 44.49 -3.35
C MET H 195 25.23 45.36 -2.49
N GLY H 196 24.42 46.21 -3.13
CA GLY H 196 23.48 47.08 -2.42
C GLY H 196 24.14 48.26 -1.73
N ILE H 197 24.93 49.00 -2.50
CA ILE H 197 25.67 50.17 -2.02
C ILE H 197 25.02 51.40 -2.64
N LYS H 198 24.63 52.38 -1.81
CA LYS H 198 24.02 53.62 -2.31
C LYS H 198 25.12 54.51 -2.92
N HIS H 199 24.75 55.37 -3.88
CA HIS H 199 25.66 56.27 -4.62
C HIS H 199 26.72 57.00 -3.75
N PRO H 200 26.40 57.55 -2.56
CA PRO H 200 27.44 58.24 -1.77
C PRO H 200 28.55 57.32 -1.27
N ASP H 201 28.16 56.13 -0.77
CA ASP H 201 29.08 55.12 -0.25
C ASP H 201 30.07 54.63 -1.34
N ILE H 202 29.58 54.53 -2.60
CA ILE H 202 30.39 54.09 -3.75
C ILE H 202 31.49 55.11 -4.02
N VAL H 203 31.12 56.40 -3.97
CA VAL H 203 32.02 57.51 -4.26
C VAL H 203 33.05 57.70 -3.14
N LYS H 204 32.62 57.77 -1.87
CA LYS H 204 33.56 58.00 -0.76
C LYS H 204 34.55 56.83 -0.57
N SER H 205 34.14 55.57 -0.85
CA SER H 205 35.05 54.42 -0.70
C SER H 205 36.05 54.28 -1.85
N GLU H 206 35.87 55.05 -2.95
CA GLU H 206 36.74 55.01 -4.13
C GLU H 206 36.68 53.62 -4.77
N TYR H 207 35.46 53.07 -4.81
CA TYR H 207 35.16 51.73 -5.30
C TYR H 207 35.51 51.52 -6.78
N LEU H 208 35.23 52.50 -7.63
CA LEU H 208 35.44 52.37 -9.07
C LEU H 208 36.93 52.28 -9.52
N GLN H 209 37.92 52.48 -8.61
CA GLN H 209 39.33 52.35 -8.99
C GLN H 209 39.78 50.89 -9.07
N TYR H 210 39.09 49.97 -8.35
CA TYR H 210 39.48 48.55 -8.28
C TYR H 210 38.91 47.75 -9.43
N SER H 211 39.56 46.61 -9.73
CA SER H 211 39.15 45.73 -10.81
C SER H 211 37.91 44.95 -10.42
N LEU H 212 37.05 44.65 -11.40
CA LEU H 212 35.83 43.86 -11.14
C LEU H 212 36.21 42.48 -10.58
N THR H 213 37.35 41.92 -11.03
CA THR H 213 37.86 40.64 -10.55
C THR H 213 38.14 40.73 -9.04
N LYS H 214 38.92 41.72 -8.59
CA LYS H 214 39.22 41.92 -7.17
C LYS H 214 37.94 42.12 -6.36
N ILE H 215 37.00 42.91 -6.92
CA ILE H 215 35.72 43.20 -6.27
C ILE H 215 34.91 41.91 -6.12
N LYS H 216 34.76 41.15 -7.21
CA LYS H 216 34.00 39.90 -7.20
C LYS H 216 34.64 38.88 -6.25
N GLN H 217 35.98 38.75 -6.30
CA GLN H 217 36.74 37.83 -5.45
C GLN H 217 36.46 38.04 -3.97
N ARG H 218 36.60 39.29 -3.52
CA ARG H 218 36.44 39.62 -2.11
C ARG H 218 34.97 39.66 -1.68
N HIS H 219 34.06 40.24 -2.49
CA HIS H 219 32.63 40.29 -2.15
C HIS H 219 32.00 38.88 -2.07
N ILE H 220 32.21 38.04 -3.10
CA ILE H 220 31.58 36.72 -3.16
C ILE H 220 32.15 35.81 -2.07
N TYR H 221 33.46 35.95 -1.74
CA TYR H 221 34.06 35.13 -0.68
C TYR H 221 33.35 35.43 0.64
N LEU H 222 33.25 36.73 0.99
CA LEU H 222 32.57 37.17 2.21
C LEU H 222 31.09 36.79 2.21
N GLU H 223 30.42 36.94 1.05
CA GLU H 223 29.01 36.58 0.91
C GLU H 223 28.77 35.10 1.23
N ARG H 224 29.60 34.20 0.65
CA ARG H 224 29.49 32.76 0.86
C ARG H 224 29.97 32.36 2.25
N LEU H 225 30.91 33.12 2.86
CA LEU H 225 31.33 32.87 4.24
C LEU H 225 30.24 33.29 5.25
N GLY H 226 29.34 34.17 4.82
CA GLY H 226 28.26 34.71 5.65
C GLY H 226 28.64 36.01 6.33
N ARG H 227 29.80 36.59 5.96
CA ARG H 227 30.31 37.82 6.56
C ARG H 227 29.86 39.07 5.77
N TYR H 228 29.14 38.89 4.64
CA TYR H 228 28.56 39.99 3.86
C TYR H 228 27.12 39.65 3.49
N GLN H 229 26.14 40.35 4.08
CA GLN H 229 24.71 40.17 3.78
C GLN H 229 24.26 41.29 2.83
N THR H 230 23.52 40.96 1.76
CA THR H 230 23.04 41.96 0.79
C THR H 230 21.89 42.77 1.45
N PRO H 231 22.04 44.08 1.72
CA PRO H 231 20.94 44.83 2.37
C PRO H 231 19.73 44.99 1.45
N ASP H 232 18.53 44.73 1.96
CA ASP H 232 17.28 44.82 1.17
C ASP H 232 16.06 44.80 2.11
N LYS H 233 14.95 45.55 1.84
CA LYS H 233 14.76 46.54 0.77
C LYS H 233 15.06 47.96 1.25
N LYS H 234 15.06 48.17 2.59
CA LYS H 234 15.28 49.48 3.20
C LYS H 234 16.78 49.79 3.43
N GLY H 235 17.68 48.99 2.88
CA GLY H 235 19.12 49.18 3.06
C GLY H 235 19.56 48.83 4.46
N GLN H 236 18.95 47.77 5.03
CA GLN H 236 19.25 47.30 6.38
C GLN H 236 19.57 45.82 6.38
N THR H 237 20.47 45.41 7.31
CA THR H 237 20.91 44.03 7.50
C THR H 237 20.78 43.63 8.94
N GLN H 238 20.90 42.32 9.19
CA GLN H 238 20.85 41.76 10.53
C GLN H 238 22.09 42.22 11.28
N ILE H 239 23.27 41.95 10.70
CA ILE H 239 24.56 42.36 11.23
C ILE H 239 25.17 43.36 10.23
N PRO H 240 25.80 44.48 10.67
CA PRO H 240 26.39 45.40 9.70
C PRO H 240 27.57 44.77 8.95
N ASN H 241 27.60 44.96 7.62
CA ASN H 241 28.68 44.43 6.78
C ASN H 241 29.98 45.18 7.02
N PRO H 242 31.15 44.59 6.71
CA PRO H 242 32.41 45.36 6.87
C PRO H 242 32.44 46.57 5.93
N LEU H 243 33.29 47.53 6.25
CA LEU H 243 33.38 48.76 5.47
C LEU H 243 34.08 48.50 4.15
N LEU H 244 33.60 49.11 3.05
CA LEU H 244 34.16 48.93 1.70
C LEU H 244 35.68 49.06 1.66
N LYS H 245 36.27 49.99 2.43
CA LYS H 245 37.72 50.17 2.46
C LYS H 245 38.39 48.92 3.10
N ASP H 246 37.81 48.36 4.17
CA ASP H 246 38.35 47.14 4.82
C ASP H 246 38.22 45.88 3.93
N ILE H 247 37.37 45.94 2.89
CA ILE H 247 37.20 44.87 1.93
C ILE H 247 38.19 45.04 0.77
N LEU H 248 38.16 46.22 0.09
CA LEU H 248 38.94 46.48 -1.13
C LEU H 248 40.28 47.21 -0.95
N ARG H 249 40.29 48.39 -0.28
CA ARG H 249 41.52 49.20 -0.11
C ARG H 249 42.65 48.42 0.57
N VAL H 250 42.30 47.59 1.56
CA VAL H 250 43.27 46.87 2.38
C VAL H 250 43.95 45.73 1.59
N SER H 251 45.11 45.27 2.10
CA SER H 251 45.90 44.19 1.51
C SER H 251 45.16 42.86 1.58
N GLU H 252 45.59 41.88 0.77
CA GLU H 252 44.98 40.54 0.79
C GLU H 252 45.20 39.89 2.16
N ALA H 253 46.40 40.06 2.75
CA ALA H 253 46.74 39.52 4.06
C ALA H 253 45.87 40.12 5.15
N GLU H 254 45.70 41.45 5.14
CA GLU H 254 44.86 42.15 6.12
C GLU H 254 43.39 41.79 5.95
N PHE H 255 42.93 41.68 4.69
CA PHE H 255 41.55 41.32 4.35
C PHE H 255 41.23 39.96 4.96
N LEU H 256 42.13 38.99 4.76
CA LEU H 256 41.93 37.64 5.26
C LEU H 256 42.14 37.51 6.76
N ALA H 257 42.93 38.39 7.39
CA ALA H 257 43.18 38.30 8.83
C ALA H 257 42.10 38.98 9.64
N ARG H 258 41.62 40.14 9.20
CA ARG H 258 40.66 40.92 9.97
C ARG H 258 39.23 40.78 9.46
N THR H 259 39.01 40.89 8.15
CA THR H 259 37.66 40.88 7.59
C THR H 259 37.12 39.46 7.31
N ALA H 260 37.77 38.69 6.42
CA ALA H 260 37.30 37.35 6.05
C ALA H 260 37.57 36.31 7.14
N CYS H 261 38.70 36.43 7.84
CA CYS H 261 39.10 35.54 8.94
C CYS H 261 39.21 34.09 8.44
N THR H 262 40.05 33.90 7.40
CA THR H 262 40.33 32.57 6.84
C THR H 262 41.81 32.47 6.55
N SER H 263 42.29 31.26 6.25
CA SER H 263 43.69 31.06 5.90
C SER H 263 43.98 31.61 4.52
N VAL H 264 45.26 31.73 4.19
CA VAL H 264 45.68 32.25 2.90
C VAL H 264 45.42 31.18 1.86
N GLU H 265 45.89 29.95 2.11
CA GLU H 265 45.72 28.80 1.22
C GLU H 265 44.25 28.59 0.79
N GLU H 266 43.29 28.78 1.71
CA GLU H 266 41.86 28.61 1.42
C GLU H 266 41.37 29.63 0.40
N PHE H 267 41.79 30.89 0.51
CA PHE H 267 41.39 31.92 -0.44
C PHE H 267 42.03 31.70 -1.80
N GLN H 268 43.26 31.14 -1.86
CA GLN H 268 43.90 30.87 -3.15
C GLN H 268 43.07 29.90 -3.95
N VAL H 269 42.52 28.88 -3.28
CA VAL H 269 41.66 27.87 -3.91
C VAL H 269 40.35 28.54 -4.34
N PHE H 270 39.79 29.41 -3.49
CA PHE H 270 38.57 30.15 -3.81
C PHE H 270 38.74 30.96 -5.09
N LYS H 271 39.88 31.65 -5.24
CA LYS H 271 40.14 32.45 -6.43
C LYS H 271 40.12 31.57 -7.68
N LYS H 272 40.70 30.35 -7.61
CA LYS H 272 40.73 29.41 -8.73
C LYS H 272 39.34 28.89 -9.04
N LEU H 273 38.57 28.55 -7.98
CA LEU H 273 37.19 28.07 -8.17
C LEU H 273 36.32 29.16 -8.81
N LEU H 274 36.40 30.39 -8.29
CA LEU H 274 35.60 31.50 -8.83
C LEU H 274 36.00 31.82 -10.27
N ALA H 275 37.32 31.81 -10.58
CA ALA H 275 37.81 32.07 -11.94
C ALA H 275 37.13 31.12 -12.93
N ARG H 276 37.07 29.83 -12.58
CA ARG H 276 36.43 28.79 -13.40
C ARG H 276 34.92 29.00 -13.50
N GLU H 277 34.27 29.42 -12.39
CA GLU H 277 32.82 29.68 -12.41
C GLU H 277 32.50 30.79 -13.40
N GLU H 278 33.35 31.83 -13.46
CA GLU H 278 33.17 32.96 -14.37
C GLU H 278 33.40 32.51 -15.83
N GLU H 279 34.51 31.78 -16.08
CA GLU H 279 34.85 31.25 -17.42
C GLU H 279 33.70 30.48 -18.07
N GLU H 280 32.95 29.73 -17.26
CA GLU H 280 31.80 28.95 -17.71
C GLU H 280 30.52 29.79 -17.57
N SER H 281 30.28 30.68 -18.56
CA SER H 281 29.13 31.61 -18.67
C SER H 281 28.71 32.23 -17.33
N SAM I . -5.74 -21.62 -6.81
CA SAM I . -6.96 -22.18 -6.21
C SAM I . -6.79 -22.44 -4.71
O SAM I . -7.76 -22.27 -3.97
OXT SAM I . -5.65 -22.79 -4.33
CB SAM I . -7.45 -23.47 -6.91
CG SAM I . -7.67 -23.27 -8.46
SD SAM I . -8.75 -24.58 -9.09
CE SAM I . -7.63 -25.92 -9.00
C5' SAM I . -8.76 -24.33 -10.88
C4' SAM I . -9.64 -23.17 -11.26
O4' SAM I . -9.60 -22.86 -12.66
C3' SAM I . -11.13 -23.39 -10.93
O3' SAM I . -11.45 -22.56 -9.83
C2' SAM I . -11.86 -23.01 -12.23
O2' SAM I . -13.06 -22.25 -12.06
C1' SAM I . -10.81 -22.18 -12.93
N9 SAM I . -10.95 -22.00 -14.37
C8 SAM I . -11.42 -22.89 -15.30
N7 SAM I . -11.31 -22.46 -16.53
C5 SAM I . -10.74 -21.21 -16.41
C6 SAM I . -10.33 -20.25 -17.35
N6 SAM I . -10.47 -20.41 -18.68
N1 SAM I . -9.75 -19.11 -16.89
C2 SAM I . -9.60 -18.96 -15.57
N3 SAM I . -9.94 -19.79 -14.59
C4 SAM I . -10.51 -20.91 -15.08
S SO4 J . 17.58 -37.14 -5.38
O1 SO4 J . 16.63 -38.21 -5.74
O2 SO4 J . 18.88 -37.71 -4.98
O3 SO4 J . 17.78 -36.26 -6.55
O4 SO4 J . 17.03 -36.41 -4.22
S SO4 K . -29.57 -77.46 30.00
O1 SO4 K . -29.49 -78.79 29.35
O2 SO4 K . -30.59 -77.49 31.05
O3 SO4 K . -28.26 -77.13 30.60
O4 SO4 K . -29.95 -76.42 29.03
N SAM L . -21.36 9.41 -24.93
CA SAM L . -21.66 10.02 -26.23
C SAM L . -20.47 9.94 -27.18
O SAM L . -20.71 9.78 -28.39
OXT SAM L . -19.33 10.02 -26.68
CB SAM L . -22.12 11.51 -26.11
CG SAM L . -23.34 11.67 -25.14
SD SAM L . -24.15 13.23 -25.47
CE SAM L . -22.95 14.34 -24.83
C5' SAM L . -25.42 13.38 -24.20
C4' SAM L . -26.60 12.51 -24.50
O4' SAM L . -27.60 12.51 -23.47
C3' SAM L . -27.36 12.90 -25.78
O3' SAM L . -27.08 11.92 -26.78
C2' SAM L . -28.84 12.95 -25.35
O2' SAM L . -29.77 12.38 -26.28
C1' SAM L . -28.79 12.11 -24.08
N9 SAM L . -29.90 12.27 -23.15
C8 SAM L . -30.61 13.40 -22.85
N7 SAM L . -31.47 13.24 -21.87
C5 SAM L . -31.33 11.91 -21.53
C6 SAM L . -31.94 11.11 -20.52
N6 SAM L . -32.87 11.56 -19.68
N1 SAM L . -31.54 9.82 -20.42
C2 SAM L . -30.61 9.36 -21.25
N3 SAM L . -29.96 10.01 -22.23
C4 SAM L . -30.38 11.29 -22.31
S SO4 M . 0.12 20.02 -10.14
O1 SO4 M . 0.38 19.13 -11.30
O2 SO4 M . -0.86 19.45 -9.19
O3 SO4 M . 1.38 20.25 -9.43
O4 SO4 M . -0.41 21.31 -10.64
N SAM N . -24.93 13.41 30.67
CA SAM N . -26.04 12.48 30.89
C SAM N . -25.87 11.71 32.20
O SAM N . -26.90 11.45 32.86
OXT SAM N . -24.70 11.42 32.55
CB SAM N . -26.24 11.48 29.74
CG SAM N . -26.43 12.20 28.36
SD SAM N . -27.20 11.10 27.18
CE SAM N . -25.86 9.98 26.92
C5' SAM N . -27.21 11.96 25.62
C4' SAM N . -28.27 13.01 25.58
O4' SAM N . -28.25 13.80 24.37
C3' SAM N . -29.70 12.45 25.65
O3' SAM N . -30.24 12.76 26.93
C2' SAM N . -30.44 13.15 24.50
O2' SAM N . -31.76 13.60 24.80
C1' SAM N . -29.54 14.34 24.25
N9 SAM N . -29.67 15.02 22.96
C8 SAM N . -29.91 14.47 21.73
N7 SAM N . -29.85 15.32 20.74
C5 SAM N . -29.53 16.52 21.37
C6 SAM N . -29.27 17.82 20.87
N6 SAM N . -29.31 18.13 19.57
N1 SAM N . -28.94 18.78 21.76
C2 SAM N . -28.88 18.47 23.06
N3 SAM N . -29.10 17.28 23.64
C4 SAM N . -29.43 16.35 22.74
S SO4 O . -25.37 -8.94 46.45
O1 SO4 O . -25.77 -9.95 47.47
O2 SO4 O . -24.54 -9.61 45.39
O3 SO4 O . -24.54 -7.92 47.11
O4 SO4 O . -26.63 -8.29 45.90
S SO4 P . 0.73 2.48 28.30
O1 SO4 P . 1.90 1.66 27.98
O2 SO4 P . -0.12 1.71 29.24
O3 SO4 P . -0.02 2.76 27.06
O4 SO4 P . 1.14 3.74 28.93
S SO4 Q . -29.50 -0.15 31.46
O1 SO4 Q . -30.52 -0.97 30.78
O2 SO4 Q . -29.66 -0.31 32.92
O3 SO4 Q . -28.14 -0.57 31.06
O4 SO4 Q . -29.68 1.26 31.12
S SO4 R . -15.78 58.91 -42.01
O1 SO4 R . -14.70 57.90 -42.36
O2 SO4 R . -17.15 58.13 -41.94
O3 SO4 R . -15.81 60.03 -43.10
O4 SO4 R . -15.43 59.54 -40.60
N SAM S . 22.98 4.82 -1.45
CA SAM S . 22.70 5.76 -2.54
C SAM S . 23.96 6.09 -3.33
O SAM S . 23.85 6.26 -4.56
OXT SAM S . 25.04 6.14 -2.69
CB SAM S . 22.04 7.08 -2.07
CG SAM S . 20.73 6.81 -1.24
SD SAM S . 19.73 8.30 -1.20
CE SAM S . 20.73 9.29 -0.13
C5' SAM S . 18.37 7.94 -0.10
C4' SAM S . 17.33 7.09 -0.77
O4' SAM S . 16.27 6.68 0.10
C3' SAM S . 16.65 7.75 -1.97
O3' SAM S . 17.13 7.13 -3.16
C2' SAM S . 15.14 7.50 -1.72
O2' SAM S . 14.38 7.12 -2.87
C1' SAM S . 15.21 6.35 -0.74
N9 SAM S . 14.01 6.10 0.06
C8 SAM S . 13.14 7.00 0.61
N7 SAM S . 12.23 6.47 1.39
C5 SAM S . 12.52 5.11 1.36
C6 SAM S . 11.96 4.00 2.01
N6 SAM S . 10.91 4.09 2.85
N1 SAM S . 12.53 2.79 1.80
C2 SAM S . 13.58 2.70 0.98
N3 SAM S . 14.19 3.67 0.30
C4 SAM S . 13.61 4.86 0.54
S SO4 T . 41.42 12.95 18.17
O1 SO4 T . 40.11 13.63 17.98
O2 SO4 T . 41.19 11.54 18.49
O3 SO4 T . 42.22 13.06 16.94
O4 SO4 T . 42.13 13.57 19.29
#